data_1YFY
# 
_entry.id   1YFY 
# 
_audit_conform.dict_name       mmcif_pdbx.dic 
_audit_conform.dict_version    5.387 
_audit_conform.dict_location   http://mmcif.pdb.org/dictionaries/ascii/mmcif_pdbx.dic 
# 
loop_
_database_2.database_id 
_database_2.database_code 
_database_2.pdbx_database_accession 
_database_2.pdbx_DOI 
PDB   1YFY         pdb_00001yfy 10.2210/pdb1yfy/pdb 
RCSB  RCSB031468   ?            ?                   
WWPDB D_1000031468 ?            ?                   
# 
loop_
_pdbx_audit_revision_history.ordinal 
_pdbx_audit_revision_history.data_content_type 
_pdbx_audit_revision_history.major_revision 
_pdbx_audit_revision_history.minor_revision 
_pdbx_audit_revision_history.revision_date 
1 'Structure model' 1 0 2005-05-31 
2 'Structure model' 1 1 2008-04-30 
3 'Structure model' 1 2 2011-07-13 
4 'Structure model' 1 3 2024-02-14 
# 
_pdbx_audit_revision_details.ordinal             1 
_pdbx_audit_revision_details.revision_ordinal    1 
_pdbx_audit_revision_details.data_content_type   'Structure model' 
_pdbx_audit_revision_details.provider            repository 
_pdbx_audit_revision_details.type                'Initial release' 
_pdbx_audit_revision_details.description         ? 
_pdbx_audit_revision_details.details             ? 
# 
loop_
_pdbx_audit_revision_group.ordinal 
_pdbx_audit_revision_group.revision_ordinal 
_pdbx_audit_revision_group.data_content_type 
_pdbx_audit_revision_group.group 
1 2 'Structure model' 'Version format compliance' 
2 3 'Structure model' 'Derived calculations'      
3 3 'Structure model' 'Version format compliance' 
4 4 'Structure model' 'Data collection'           
5 4 'Structure model' 'Database references'       
6 4 'Structure model' 'Derived calculations'      
# 
loop_
_pdbx_audit_revision_category.ordinal 
_pdbx_audit_revision_category.revision_ordinal 
_pdbx_audit_revision_category.data_content_type 
_pdbx_audit_revision_category.category 
1 4 'Structure model' chem_comp_atom         
2 4 'Structure model' chem_comp_bond         
3 4 'Structure model' database_2             
4 4 'Structure model' pdbx_struct_conn_angle 
5 4 'Structure model' struct_conn            
6 4 'Structure model' struct_site            
# 
loop_
_pdbx_audit_revision_item.ordinal 
_pdbx_audit_revision_item.revision_ordinal 
_pdbx_audit_revision_item.data_content_type 
_pdbx_audit_revision_item.item 
1  4 'Structure model' '_database_2.pdbx_DOI'                        
2  4 'Structure model' '_database_2.pdbx_database_accession'         
3  4 'Structure model' '_pdbx_struct_conn_angle.ptnr1_auth_comp_id'  
4  4 'Structure model' '_pdbx_struct_conn_angle.ptnr1_auth_seq_id'   
5  4 'Structure model' '_pdbx_struct_conn_angle.ptnr1_label_asym_id' 
6  4 'Structure model' '_pdbx_struct_conn_angle.ptnr1_label_atom_id' 
7  4 'Structure model' '_pdbx_struct_conn_angle.ptnr1_label_comp_id' 
8  4 'Structure model' '_pdbx_struct_conn_angle.ptnr1_label_seq_id'  
9  4 'Structure model' '_pdbx_struct_conn_angle.ptnr3_auth_comp_id'  
10 4 'Structure model' '_pdbx_struct_conn_angle.ptnr3_auth_seq_id'   
11 4 'Structure model' '_pdbx_struct_conn_angle.ptnr3_label_asym_id' 
12 4 'Structure model' '_pdbx_struct_conn_angle.ptnr3_label_atom_id' 
13 4 'Structure model' '_pdbx_struct_conn_angle.ptnr3_label_comp_id' 
14 4 'Structure model' '_pdbx_struct_conn_angle.ptnr3_label_seq_id'  
15 4 'Structure model' '_pdbx_struct_conn_angle.value'               
16 4 'Structure model' '_struct_conn.pdbx_dist_value'                
17 4 'Structure model' '_struct_conn.ptnr1_auth_comp_id'             
18 4 'Structure model' '_struct_conn.ptnr1_auth_seq_id'              
19 4 'Structure model' '_struct_conn.ptnr1_label_asym_id'            
20 4 'Structure model' '_struct_conn.ptnr1_label_atom_id'            
21 4 'Structure model' '_struct_conn.ptnr1_label_comp_id'            
22 4 'Structure model' '_struct_conn.ptnr1_label_seq_id'             
23 4 'Structure model' '_struct_conn.ptnr2_auth_comp_id'             
24 4 'Structure model' '_struct_conn.ptnr2_auth_seq_id'              
25 4 'Structure model' '_struct_conn.ptnr2_label_asym_id'            
26 4 'Structure model' '_struct_conn.ptnr2_label_atom_id'            
27 4 'Structure model' '_struct_conn.ptnr2_label_comp_id'            
28 4 'Structure model' '_struct_conn.ptnr2_label_seq_id'             
29 4 'Structure model' '_struct_site.pdbx_auth_asym_id'              
30 4 'Structure model' '_struct_site.pdbx_auth_comp_id'              
31 4 'Structure model' '_struct_site.pdbx_auth_seq_id'               
# 
_pdbx_database_status.status_code                     REL 
_pdbx_database_status.entry_id                        1YFY 
_pdbx_database_status.recvd_initial_deposition_date   2005-01-04 
_pdbx_database_status.deposit_site                    RCSB 
_pdbx_database_status.process_site                    RCSB 
_pdbx_database_status.status_code_sf                  REL 
_pdbx_database_status.status_code_mr                  ? 
_pdbx_database_status.SG_entry                        ? 
_pdbx_database_status.pdb_format_compatible           Y 
_pdbx_database_status.status_code_cs                  ? 
_pdbx_database_status.status_code_nmr_data            ? 
_pdbx_database_status.methods_development_category    ? 
# 
loop_
_pdbx_database_related.db_name 
_pdbx_database_related.db_id 
_pdbx_database_related.details 
_pdbx_database_related.content_type 
PDB 1YFU 'The unliganed structure' unspecified 
PDB 1YFW .                         unspecified 
PDB 1YFX .                         unspecified 
# 
loop_
_audit_author.name 
_audit_author.pdbx_ordinal 
'Zhang, Y.'      1 
'Colabroy, K.L.' 2 
'Begley, T.P.'   3 
'Ealick, S.E.'   4 
# 
_citation.id                        primary 
_citation.title                     
;Structural Studies on 3-Hydroxyanthranilate-3,4-dioxygenase: The Catalytic Mechanism of a Complex Oxidation Involved in NAD Biosynthesis.
;
_citation.journal_abbrev            Biochemistry 
_citation.journal_volume            44 
_citation.page_first                7632 
_citation.page_last                 7643 
_citation.year                      2005 
_citation.journal_id_ASTM           BICHAW 
_citation.country                   US 
_citation.journal_id_ISSN           0006-2960 
_citation.journal_id_CSD            0033 
_citation.book_publisher            ? 
_citation.pdbx_database_id_PubMed   15909978 
_citation.pdbx_database_id_DOI      10.1021/bi047353l 
# 
loop_
_citation_author.citation_id 
_citation_author.name 
_citation_author.ordinal 
_citation_author.identifier_ORCID 
primary 'Zhang, Y.'      1 ? 
primary 'Colabroy, K.L.' 2 ? 
primary 'Begley, T.P.'   3 ? 
primary 'Ealick, S.E.'   4 ? 
# 
loop_
_entity.id 
_entity.type 
_entity.src_method 
_entity.pdbx_description 
_entity.formula_weight 
_entity.pdbx_number_of_molecules 
_entity.pdbx_ec 
_entity.pdbx_mutation 
_entity.pdbx_fragment 
_entity.details 
1 polymer     man 3-hydroxyanthranilate-3,4-dioxygenase    20056.635 1 1.13.11.6 ? ? ? 
2 non-polymer syn 'FE (III) ION'                           55.845    2 ?         ? ? ? 
3 non-polymer syn 2-AMINO-2-HYDROXYMETHYL-PROPANE-1,3-DIOL 122.143   1 ?         ? ? ? 
4 non-polymer syn '3-HYDROXYANTHRANILIC ACID'              153.135   1 ?         ? ? ? 
# 
_entity_poly.entity_id                      1 
_entity_poly.type                           'polypeptide(L)' 
_entity_poly.nstd_linkage                   no 
_entity_poly.nstd_monomer                   no 
_entity_poly.pdbx_seq_one_letter_code       
;MLTYGAPFNFPRWIDEHAHLLKPPVGNRQVWQDSDFIVTVVGGPNHRTDYHDDPLEEFFYQLRGNAYLNLWVDGRRERAD
LKEGDIFLLPPHVRHSPQRPEAGSACLVIERQRPAGMLDGFEWYCDACGHLVHRVEVQLKSIVTDLPPLFESFYASEDKR
RCPHCGQVHPGRAA
;
_entity_poly.pdbx_seq_one_letter_code_can   
;MLTYGAPFNFPRWIDEHAHLLKPPVGNRQVWQDSDFIVTVVGGPNHRTDYHDDPLEEFFYQLRGNAYLNLWVDGRRERAD
LKEGDIFLLPPHVRHSPQRPEAGSACLVIERQRPAGMLDGFEWYCDACGHLVHRVEVQLKSIVTDLPPLFESFYASEDKR
RCPHCGQVHPGRAA
;
_entity_poly.pdbx_strand_id                 A 
_entity_poly.pdbx_target_identifier         ? 
# 
loop_
_pdbx_entity_nonpoly.entity_id 
_pdbx_entity_nonpoly.name 
_pdbx_entity_nonpoly.comp_id 
2 'FE (III) ION'                           FE  
3 2-AMINO-2-HYDROXYMETHYL-PROPANE-1,3-DIOL TRS 
4 '3-HYDROXYANTHRANILIC ACID'              3HA 
# 
loop_
_entity_poly_seq.entity_id 
_entity_poly_seq.num 
_entity_poly_seq.mon_id 
_entity_poly_seq.hetero 
1 1   MET n 
1 2   LEU n 
1 3   THR n 
1 4   TYR n 
1 5   GLY n 
1 6   ALA n 
1 7   PRO n 
1 8   PHE n 
1 9   ASN n 
1 10  PHE n 
1 11  PRO n 
1 12  ARG n 
1 13  TRP n 
1 14  ILE n 
1 15  ASP n 
1 16  GLU n 
1 17  HIS n 
1 18  ALA n 
1 19  HIS n 
1 20  LEU n 
1 21  LEU n 
1 22  LYS n 
1 23  PRO n 
1 24  PRO n 
1 25  VAL n 
1 26  GLY n 
1 27  ASN n 
1 28  ARG n 
1 29  GLN n 
1 30  VAL n 
1 31  TRP n 
1 32  GLN n 
1 33  ASP n 
1 34  SER n 
1 35  ASP n 
1 36  PHE n 
1 37  ILE n 
1 38  VAL n 
1 39  THR n 
1 40  VAL n 
1 41  VAL n 
1 42  GLY n 
1 43  GLY n 
1 44  PRO n 
1 45  ASN n 
1 46  HIS n 
1 47  ARG n 
1 48  THR n 
1 49  ASP n 
1 50  TYR n 
1 51  HIS n 
1 52  ASP n 
1 53  ASP n 
1 54  PRO n 
1 55  LEU n 
1 56  GLU n 
1 57  GLU n 
1 58  PHE n 
1 59  PHE n 
1 60  TYR n 
1 61  GLN n 
1 62  LEU n 
1 63  ARG n 
1 64  GLY n 
1 65  ASN n 
1 66  ALA n 
1 67  TYR n 
1 68  LEU n 
1 69  ASN n 
1 70  LEU n 
1 71  TRP n 
1 72  VAL n 
1 73  ASP n 
1 74  GLY n 
1 75  ARG n 
1 76  ARG n 
1 77  GLU n 
1 78  ARG n 
1 79  ALA n 
1 80  ASP n 
1 81  LEU n 
1 82  LYS n 
1 83  GLU n 
1 84  GLY n 
1 85  ASP n 
1 86  ILE n 
1 87  PHE n 
1 88  LEU n 
1 89  LEU n 
1 90  PRO n 
1 91  PRO n 
1 92  HIS n 
1 93  VAL n 
1 94  ARG n 
1 95  HIS n 
1 96  SER n 
1 97  PRO n 
1 98  GLN n 
1 99  ARG n 
1 100 PRO n 
1 101 GLU n 
1 102 ALA n 
1 103 GLY n 
1 104 SER n 
1 105 ALA n 
1 106 CYS n 
1 107 LEU n 
1 108 VAL n 
1 109 ILE n 
1 110 GLU n 
1 111 ARG n 
1 112 GLN n 
1 113 ARG n 
1 114 PRO n 
1 115 ALA n 
1 116 GLY n 
1 117 MET n 
1 118 LEU n 
1 119 ASP n 
1 120 GLY n 
1 121 PHE n 
1 122 GLU n 
1 123 TRP n 
1 124 TYR n 
1 125 CYS n 
1 126 ASP n 
1 127 ALA n 
1 128 CYS n 
1 129 GLY n 
1 130 HIS n 
1 131 LEU n 
1 132 VAL n 
1 133 HIS n 
1 134 ARG n 
1 135 VAL n 
1 136 GLU n 
1 137 VAL n 
1 138 GLN n 
1 139 LEU n 
1 140 LYS n 
1 141 SER n 
1 142 ILE n 
1 143 VAL n 
1 144 THR n 
1 145 ASP n 
1 146 LEU n 
1 147 PRO n 
1 148 PRO n 
1 149 LEU n 
1 150 PHE n 
1 151 GLU n 
1 152 SER n 
1 153 PHE n 
1 154 TYR n 
1 155 ALA n 
1 156 SER n 
1 157 GLU n 
1 158 ASP n 
1 159 LYS n 
1 160 ARG n 
1 161 ARG n 
1 162 CYS n 
1 163 PRO n 
1 164 HIS n 
1 165 CYS n 
1 166 GLY n 
1 167 GLN n 
1 168 VAL n 
1 169 HIS n 
1 170 PRO n 
1 171 GLY n 
1 172 ARG n 
1 173 ALA n 
1 174 ALA n 
# 
_entity_src_gen.entity_id                          1 
_entity_src_gen.pdbx_src_id                        1 
_entity_src_gen.pdbx_alt_source_flag               sample 
_entity_src_gen.pdbx_seq_type                      ? 
_entity_src_gen.pdbx_beg_seq_num                   ? 
_entity_src_gen.pdbx_end_seq_num                   ? 
_entity_src_gen.gene_src_common_name               ? 
_entity_src_gen.gene_src_genus                     Cupriavidus 
_entity_src_gen.pdbx_gene_src_gene                 ? 
_entity_src_gen.gene_src_species                   ? 
_entity_src_gen.gene_src_strain                    ? 
_entity_src_gen.gene_src_tissue                    ? 
_entity_src_gen.gene_src_tissue_fraction           ? 
_entity_src_gen.gene_src_details                   ? 
_entity_src_gen.pdbx_gene_src_fragment             ? 
_entity_src_gen.pdbx_gene_src_scientific_name      'Cupriavidus metallidurans' 
_entity_src_gen.pdbx_gene_src_ncbi_taxonomy_id     119219 
_entity_src_gen.pdbx_gene_src_variant              ? 
_entity_src_gen.pdbx_gene_src_cell_line            ? 
_entity_src_gen.pdbx_gene_src_atcc                 ? 
_entity_src_gen.pdbx_gene_src_organ                ? 
_entity_src_gen.pdbx_gene_src_organelle            ? 
_entity_src_gen.pdbx_gene_src_cell                 ? 
_entity_src_gen.pdbx_gene_src_cellular_location    ? 
_entity_src_gen.host_org_common_name               ? 
_entity_src_gen.pdbx_host_org_scientific_name      'Escherichia coli' 
_entity_src_gen.pdbx_host_org_ncbi_taxonomy_id     562 
_entity_src_gen.host_org_genus                     Escherichia 
_entity_src_gen.pdbx_host_org_gene                 ? 
_entity_src_gen.pdbx_host_org_organ                ? 
_entity_src_gen.host_org_species                   ? 
_entity_src_gen.pdbx_host_org_tissue               ? 
_entity_src_gen.pdbx_host_org_tissue_fraction      ? 
_entity_src_gen.pdbx_host_org_strain               ? 
_entity_src_gen.pdbx_host_org_variant              ? 
_entity_src_gen.pdbx_host_org_cell_line            ? 
_entity_src_gen.pdbx_host_org_atcc                 ? 
_entity_src_gen.pdbx_host_org_culture_collection   ? 
_entity_src_gen.pdbx_host_org_cell                 ? 
_entity_src_gen.pdbx_host_org_organelle            ? 
_entity_src_gen.pdbx_host_org_cellular_location    ? 
_entity_src_gen.pdbx_host_org_vector_type          ? 
_entity_src_gen.pdbx_host_org_vector               ? 
_entity_src_gen.host_org_details                   ? 
_entity_src_gen.expression_system_id               ? 
_entity_src_gen.plasmid_name                       ? 
_entity_src_gen.plasmid_details                    ? 
_entity_src_gen.pdbx_description                   ? 
# 
loop_
_chem_comp.id 
_chem_comp.type 
_chem_comp.mon_nstd_flag 
_chem_comp.name 
_chem_comp.pdbx_synonyms 
_chem_comp.formula 
_chem_comp.formula_weight 
3HA non-polymer         . '3-HYDROXYANTHRANILIC ACID'              '2-AMINO-3-HYDROXYBENZOIC ACID' 'C7 H7 N O3'     153.135 
ALA 'L-peptide linking' y ALANINE                                  ?                               'C3 H7 N O2'     89.093  
ARG 'L-peptide linking' y ARGININE                                 ?                               'C6 H15 N4 O2 1' 175.209 
ASN 'L-peptide linking' y ASPARAGINE                               ?                               'C4 H8 N2 O3'    132.118 
ASP 'L-peptide linking' y 'ASPARTIC ACID'                          ?                               'C4 H7 N O4'     133.103 
CYS 'L-peptide linking' y CYSTEINE                                 ?                               'C3 H7 N O2 S'   121.158 
FE  non-polymer         . 'FE (III) ION'                           ?                               'Fe 3'           55.845  
GLN 'L-peptide linking' y GLUTAMINE                                ?                               'C5 H10 N2 O3'   146.144 
GLU 'L-peptide linking' y 'GLUTAMIC ACID'                          ?                               'C5 H9 N O4'     147.129 
GLY 'peptide linking'   y GLYCINE                                  ?                               'C2 H5 N O2'     75.067  
HIS 'L-peptide linking' y HISTIDINE                                ?                               'C6 H10 N3 O2 1' 156.162 
ILE 'L-peptide linking' y ISOLEUCINE                               ?                               'C6 H13 N O2'    131.173 
LEU 'L-peptide linking' y LEUCINE                                  ?                               'C6 H13 N O2'    131.173 
LYS 'L-peptide linking' y LYSINE                                   ?                               'C6 H15 N2 O2 1' 147.195 
MET 'L-peptide linking' y METHIONINE                               ?                               'C5 H11 N O2 S'  149.211 
PHE 'L-peptide linking' y PHENYLALANINE                            ?                               'C9 H11 N O2'    165.189 
PRO 'L-peptide linking' y PROLINE                                  ?                               'C5 H9 N O2'     115.130 
SER 'L-peptide linking' y SERINE                                   ?                               'C3 H7 N O3'     105.093 
THR 'L-peptide linking' y THREONINE                                ?                               'C4 H9 N O3'     119.119 
TRP 'L-peptide linking' y TRYPTOPHAN                               ?                               'C11 H12 N2 O2'  204.225 
TRS non-polymer         . 2-AMINO-2-HYDROXYMETHYL-PROPANE-1,3-DIOL 'TRIS BUFFER'                   'C4 H12 N O3 1'  122.143 
TYR 'L-peptide linking' y TYROSINE                                 ?                               'C9 H11 N O3'    181.189 
VAL 'L-peptide linking' y VALINE                                   ?                               'C5 H11 N O2'    117.146 
# 
loop_
_pdbx_poly_seq_scheme.asym_id 
_pdbx_poly_seq_scheme.entity_id 
_pdbx_poly_seq_scheme.seq_id 
_pdbx_poly_seq_scheme.mon_id 
_pdbx_poly_seq_scheme.ndb_seq_num 
_pdbx_poly_seq_scheme.pdb_seq_num 
_pdbx_poly_seq_scheme.auth_seq_num 
_pdbx_poly_seq_scheme.pdb_mon_id 
_pdbx_poly_seq_scheme.auth_mon_id 
_pdbx_poly_seq_scheme.pdb_strand_id 
_pdbx_poly_seq_scheme.pdb_ins_code 
_pdbx_poly_seq_scheme.hetero 
A 1 1   MET 1   1   1   MET MET A . n 
A 1 2   LEU 2   2   2   LEU LEU A . n 
A 1 3   THR 3   3   3   THR THR A . n 
A 1 4   TYR 4   4   4   TYR TYR A . n 
A 1 5   GLY 5   5   5   GLY GLY A . n 
A 1 6   ALA 6   6   6   ALA ALA A . n 
A 1 7   PRO 7   7   7   PRO PRO A . n 
A 1 8   PHE 8   8   8   PHE PHE A . n 
A 1 9   ASN 9   9   9   ASN ASN A . n 
A 1 10  PHE 10  10  10  PHE PHE A . n 
A 1 11  PRO 11  11  11  PRO PRO A . n 
A 1 12  ARG 12  12  12  ARG ARG A . n 
A 1 13  TRP 13  13  13  TRP TRP A . n 
A 1 14  ILE 14  14  14  ILE ILE A . n 
A 1 15  ASP 15  15  15  ASP ASP A . n 
A 1 16  GLU 16  16  16  GLU GLU A . n 
A 1 17  HIS 17  17  17  HIS HIS A . n 
A 1 18  ALA 18  18  18  ALA ALA A . n 
A 1 19  HIS 19  19  19  HIS HIS A . n 
A 1 20  LEU 20  20  20  LEU LEU A . n 
A 1 21  LEU 21  21  21  LEU LEU A . n 
A 1 22  LYS 22  22  22  LYS LYS A . n 
A 1 23  PRO 23  23  23  PRO PRO A . n 
A 1 24  PRO 24  24  24  PRO PRO A . n 
A 1 25  VAL 25  25  25  VAL VAL A . n 
A 1 26  GLY 26  26  26  GLY GLY A . n 
A 1 27  ASN 27  27  27  ASN ASN A . n 
A 1 28  ARG 28  28  28  ARG ARG A . n 
A 1 29  GLN 29  29  29  GLN GLN A . n 
A 1 30  VAL 30  30  30  VAL VAL A . n 
A 1 31  TRP 31  31  31  TRP TRP A . n 
A 1 32  GLN 32  32  32  GLN GLN A . n 
A 1 33  ASP 33  33  33  ASP ASP A . n 
A 1 34  SER 34  34  34  SER SER A . n 
A 1 35  ASP 35  35  35  ASP ASP A . n 
A 1 36  PHE 36  36  36  PHE PHE A . n 
A 1 37  ILE 37  37  37  ILE ILE A . n 
A 1 38  VAL 38  38  38  VAL VAL A . n 
A 1 39  THR 39  39  39  THR THR A . n 
A 1 40  VAL 40  40  40  VAL VAL A . n 
A 1 41  VAL 41  41  41  VAL VAL A . n 
A 1 42  GLY 42  42  42  GLY GLY A . n 
A 1 43  GLY 43  43  43  GLY GLY A . n 
A 1 44  PRO 44  44  44  PRO PRO A . n 
A 1 45  ASN 45  45  45  ASN ASN A . n 
A 1 46  HIS 46  46  46  HIS HIS A . n 
A 1 47  ARG 47  47  47  ARG ARG A . n 
A 1 48  THR 48  48  48  THR THR A . n 
A 1 49  ASP 49  49  49  ASP ASP A . n 
A 1 50  TYR 50  50  50  TYR TYR A . n 
A 1 51  HIS 51  51  51  HIS HIS A . n 
A 1 52  ASP 52  52  52  ASP ASP A . n 
A 1 53  ASP 53  53  53  ASP ASP A . n 
A 1 54  PRO 54  54  54  PRO PRO A . n 
A 1 55  LEU 55  55  55  LEU LEU A . n 
A 1 56  GLU 56  56  56  GLU GLU A . n 
A 1 57  GLU 57  57  57  GLU GLU A . n 
A 1 58  PHE 58  58  58  PHE PHE A . n 
A 1 59  PHE 59  59  59  PHE PHE A . n 
A 1 60  TYR 60  60  60  TYR TYR A . n 
A 1 61  GLN 61  61  61  GLN GLN A . n 
A 1 62  LEU 62  62  62  LEU LEU A . n 
A 1 63  ARG 63  63  63  ARG ARG A . n 
A 1 64  GLY 64  64  64  GLY GLY A . n 
A 1 65  ASN 65  65  65  ASN ASN A . n 
A 1 66  ALA 66  66  66  ALA ALA A . n 
A 1 67  TYR 67  67  67  TYR TYR A . n 
A 1 68  LEU 68  68  68  LEU LEU A . n 
A 1 69  ASN 69  69  69  ASN ASN A . n 
A 1 70  LEU 70  70  70  LEU LEU A . n 
A 1 71  TRP 71  71  71  TRP TRP A . n 
A 1 72  VAL 72  72  72  VAL VAL A . n 
A 1 73  ASP 73  73  73  ASP ASP A . n 
A 1 74  GLY 74  74  74  GLY GLY A . n 
A 1 75  ARG 75  75  75  ARG ALA A . n 
A 1 76  ARG 76  76  76  ARG ARG A . n 
A 1 77  GLU 77  77  77  GLU GLU A . n 
A 1 78  ARG 78  78  78  ARG ARG A . n 
A 1 79  ALA 79  79  79  ALA ALA A . n 
A 1 80  ASP 80  80  80  ASP ASP A . n 
A 1 81  LEU 81  81  81  LEU LEU A . n 
A 1 82  LYS 82  82  82  LYS LYS A . n 
A 1 83  GLU 83  83  83  GLU GLU A . n 
A 1 84  GLY 84  84  84  GLY GLY A . n 
A 1 85  ASP 85  85  85  ASP ASP A . n 
A 1 86  ILE 86  86  86  ILE ILE A . n 
A 1 87  PHE 87  87  87  PHE PHE A . n 
A 1 88  LEU 88  88  88  LEU LEU A . n 
A 1 89  LEU 89  89  89  LEU LEU A . n 
A 1 90  PRO 90  90  90  PRO PRO A . n 
A 1 91  PRO 91  91  91  PRO PRO A . n 
A 1 92  HIS 92  92  92  HIS HIS A . n 
A 1 93  VAL 93  93  93  VAL VAL A . n 
A 1 94  ARG 94  94  94  ARG ARG A . n 
A 1 95  HIS 95  95  95  HIS HIS A . n 
A 1 96  SER 96  96  96  SER SER A . n 
A 1 97  PRO 97  97  97  PRO PRO A . n 
A 1 98  GLN 98  98  98  GLN GLN A . n 
A 1 99  ARG 99  99  99  ARG ARG A . n 
A 1 100 PRO 100 100 100 PRO PRO A . n 
A 1 101 GLU 101 101 101 GLU GLU A . n 
A 1 102 ALA 102 102 102 ALA ALA A . n 
A 1 103 GLY 103 103 103 GLY GLY A . n 
A 1 104 SER 104 104 104 SER SER A . n 
A 1 105 ALA 105 105 105 ALA ALA A . n 
A 1 106 CYS 106 106 106 CYS CYS A . n 
A 1 107 LEU 107 107 107 LEU LEU A . n 
A 1 108 VAL 108 108 108 VAL VAL A . n 
A 1 109 ILE 109 109 109 ILE ILE A . n 
A 1 110 GLU 110 110 110 GLU GLU A . n 
A 1 111 ARG 111 111 111 ARG ARG A . n 
A 1 112 GLN 112 112 112 GLN GLN A . n 
A 1 113 ARG 113 113 113 ARG ARG A . n 
A 1 114 PRO 114 114 114 PRO PRO A . n 
A 1 115 ALA 115 115 115 ALA ALA A . n 
A 1 116 GLY 116 116 116 GLY GLY A . n 
A 1 117 MET 117 117 117 MET MET A . n 
A 1 118 LEU 118 118 118 LEU LEU A . n 
A 1 119 ASP 119 119 119 ASP ASP A . n 
A 1 120 GLY 120 120 120 GLY GLY A . n 
A 1 121 PHE 121 121 121 PHE PHE A . n 
A 1 122 GLU 122 122 122 GLU GLU A . n 
A 1 123 TRP 123 123 123 TRP TRP A . n 
A 1 124 TYR 124 124 124 TYR TYR A . n 
A 1 125 CYS 125 125 125 CYS CYS A . n 
A 1 126 ASP 126 126 126 ASP ASP A . n 
A 1 127 ALA 127 127 127 ALA ALA A . n 
A 1 128 CYS 128 128 128 CYS CYS A . n 
A 1 129 GLY 129 129 129 GLY GLY A . n 
A 1 130 HIS 130 130 130 HIS HIS A . n 
A 1 131 LEU 131 131 131 LEU LEU A . n 
A 1 132 VAL 132 132 132 VAL VAL A . n 
A 1 133 HIS 133 133 133 HIS HIS A . n 
A 1 134 ARG 134 134 134 ARG ARG A . n 
A 1 135 VAL 135 135 135 VAL VAL A . n 
A 1 136 GLU 136 136 136 GLU GLU A . n 
A 1 137 VAL 137 137 137 VAL VAL A . n 
A 1 138 GLN 138 138 138 GLN GLN A . n 
A 1 139 LEU 139 139 139 LEU LEU A . n 
A 1 140 LYS 140 140 140 LYS LYS A . n 
A 1 141 SER 141 141 141 SER SER A . n 
A 1 142 ILE 142 142 142 ILE ILE A . n 
A 1 143 VAL 143 143 143 VAL VAL A . n 
A 1 144 THR 144 144 144 THR THR A . n 
A 1 145 ASP 145 145 145 ASP ASP A . n 
A 1 146 LEU 146 146 146 LEU LEU A . n 
A 1 147 PRO 147 147 147 PRO PRO A . n 
A 1 148 PRO 148 148 148 PRO PRO A . n 
A 1 149 LEU 149 149 149 LEU LEU A . n 
A 1 150 PHE 150 150 150 PHE PHE A . n 
A 1 151 GLU 151 151 151 GLU GLU A . n 
A 1 152 SER 152 152 152 SER SER A . n 
A 1 153 PHE 153 153 153 PHE PHE A . n 
A 1 154 TYR 154 154 154 TYR TYR A . n 
A 1 155 ALA 155 155 155 ALA ALA A . n 
A 1 156 SER 156 156 156 SER SER A . n 
A 1 157 GLU 157 157 157 GLU GLU A . n 
A 1 158 ASP 158 158 158 ASP ASP A . n 
A 1 159 LYS 159 159 159 LYS LYS A . n 
A 1 160 ARG 160 160 160 ARG ARG A . n 
A 1 161 ARG 161 161 161 ARG ARG A . n 
A 1 162 CYS 162 162 162 CYS CYS A . n 
A 1 163 PRO 163 163 163 PRO PRO A . n 
A 1 164 HIS 164 164 164 HIS HIS A . n 
A 1 165 CYS 165 165 165 CYS CYS A . n 
A 1 166 GLY 166 166 166 GLY GLY A . n 
A 1 167 GLN 167 167 167 GLN GLN A . n 
A 1 168 VAL 168 168 168 VAL VAL A . n 
A 1 169 HIS 169 169 169 HIS HIS A . n 
A 1 170 PRO 170 170 170 PRO PRO A . n 
A 1 171 GLY 171 171 171 GLY GLY A . n 
A 1 172 ARG 172 172 172 ARG ARG A . n 
A 1 173 ALA 173 173 173 ALA ALA A . n 
A 1 174 ALA 174 174 174 ALA ALA A . n 
# 
loop_
_pdbx_nonpoly_scheme.asym_id 
_pdbx_nonpoly_scheme.entity_id 
_pdbx_nonpoly_scheme.mon_id 
_pdbx_nonpoly_scheme.ndb_seq_num 
_pdbx_nonpoly_scheme.pdb_seq_num 
_pdbx_nonpoly_scheme.auth_seq_num 
_pdbx_nonpoly_scheme.pdb_mon_id 
_pdbx_nonpoly_scheme.auth_mon_id 
_pdbx_nonpoly_scheme.pdb_strand_id 
_pdbx_nonpoly_scheme.pdb_ins_code 
B 2 FE  1 300 300 FE  FE  A . 
C 2 FE  1 301 301 FE  FE  A . 
D 3 TRS 1 400 400 TRS TRS A . 
E 4 3HA 1 401 401 3HA 3HA A . 
# 
loop_
_pdbx_unobs_or_zero_occ_atoms.id 
_pdbx_unobs_or_zero_occ_atoms.PDB_model_num 
_pdbx_unobs_or_zero_occ_atoms.polymer_flag 
_pdbx_unobs_or_zero_occ_atoms.occupancy_flag 
_pdbx_unobs_or_zero_occ_atoms.auth_asym_id 
_pdbx_unobs_or_zero_occ_atoms.auth_comp_id 
_pdbx_unobs_or_zero_occ_atoms.auth_seq_id 
_pdbx_unobs_or_zero_occ_atoms.PDB_ins_code 
_pdbx_unobs_or_zero_occ_atoms.auth_atom_id 
_pdbx_unobs_or_zero_occ_atoms.label_alt_id 
_pdbx_unobs_or_zero_occ_atoms.label_asym_id 
_pdbx_unobs_or_zero_occ_atoms.label_comp_id 
_pdbx_unobs_or_zero_occ_atoms.label_seq_id 
_pdbx_unobs_or_zero_occ_atoms.label_atom_id 
1 1 Y 1 A ARG 75 ? CG  ? A ARG 75 CG  
2 1 Y 1 A ARG 75 ? CD  ? A ARG 75 CD  
3 1 Y 1 A ARG 75 ? NE  ? A ARG 75 NE  
4 1 Y 1 A ARG 75 ? CZ  ? A ARG 75 CZ  
5 1 Y 1 A ARG 75 ? NH1 ? A ARG 75 NH1 
6 1 Y 1 A ARG 75 ? NH2 ? A ARG 75 NH2 
# 
loop_
_software.name 
_software.classification 
_software.version 
_software.citation_id 
_software.pdbx_ordinal 
CNS       refinement       1.1 ? 1 
HKL-2000  'data reduction' .   ? 2 
SCALEPACK 'data scaling'   .   ? 3 
CNS       phasing          1.1 ? 4 
# 
_cell.entry_id           1YFY 
_cell.length_a           58.500 
_cell.length_b           58.500 
_cell.length_c           230.700 
_cell.angle_alpha        90.00 
_cell.angle_beta         90.00 
_cell.angle_gamma        120.00 
_cell.Z_PDB              12 
_cell.pdbx_unique_axis   ? 
# 
_symmetry.entry_id                         1YFY 
_symmetry.space_group_name_H-M             'P 65 2 2' 
_symmetry.pdbx_full_space_group_name_H-M   ? 
_symmetry.cell_setting                     ? 
_symmetry.Int_Tables_number                179 
_symmetry.space_group_name_Hall            ? 
# 
_exptl.entry_id          1YFY 
_exptl.method            'X-RAY DIFFRACTION' 
_exptl.crystals_number   1 
# 
_exptl_crystal.id                    1 
_exptl_crystal.density_meas          ? 
_exptl_crystal.density_Matthews      2.8 
_exptl_crystal.density_percent_sol   56 
_exptl_crystal.description           ? 
_exptl_crystal.F_000                 ? 
_exptl_crystal.preparation           ? 
# 
_exptl_crystal_grow.crystal_id      1 
_exptl_crystal_grow.method          'VAPOR DIFFUSION, HANGING DROP' 
_exptl_crystal_grow.temp            291 
_exptl_crystal_grow.temp_details    ? 
_exptl_crystal_grow.pH              8.5 
_exptl_crystal_grow.pdbx_details    'PEG 8000, magnesium chloride, Tris, pH 8.5, VAPOR DIFFUSION, HANGING DROP, temperature 291K' 
_exptl_crystal_grow.pdbx_pH_range   . 
# 
_diffrn.id                     1 
_diffrn.ambient_temp           ? 
_diffrn.ambient_temp_details   ? 
_diffrn.crystal_id             1 
# 
_diffrn_radiation.diffrn_id                        1 
_diffrn_radiation.wavelength_id                    1 
_diffrn_radiation.pdbx_monochromatic_or_laue_m_l   M 
_diffrn_radiation.monochromator                    ? 
_diffrn_radiation.pdbx_diffrn_protocol             'SINGLE WAVELENGTH' 
_diffrn_radiation.pdbx_scattering_type             x-ray 
# 
_diffrn_radiation_wavelength.id           1 
_diffrn_radiation_wavelength.wavelength   0.9791 
_diffrn_radiation_wavelength.wt           1.0 
# 
_diffrn_source.diffrn_id                   1 
_diffrn_source.source                      SYNCHROTRON 
_diffrn_source.type                        'CHESS BEAMLINE F2' 
_diffrn_source.pdbx_synchrotron_site       CHESS 
_diffrn_source.pdbx_synchrotron_beamline   F2 
_diffrn_source.pdbx_wavelength             ? 
_diffrn_source.pdbx_wavelength_list        0.9791 
# 
_reflns.entry_id                     1YFY 
_reflns.observed_criterion_sigma_I   0 
_reflns.observed_criterion_sigma_F   0 
_reflns.d_resolution_low             50 
_reflns.d_resolution_high            3.2 
_reflns.number_obs                   3517 
_reflns.number_all                   4404 
_reflns.percent_possible_obs         80.5 
_reflns.pdbx_Rmerge_I_obs            ? 
_reflns.pdbx_Rsym_value              ? 
_reflns.pdbx_netI_over_sigmaI        ? 
_reflns.B_iso_Wilson_estimate        ? 
_reflns.pdbx_redundancy              ? 
_reflns.R_free_details               ? 
_reflns.limit_h_max                  ? 
_reflns.limit_h_min                  ? 
_reflns.limit_k_max                  ? 
_reflns.limit_k_min                  ? 
_reflns.limit_l_max                  ? 
_reflns.limit_l_min                  ? 
_reflns.observed_criterion_F_max     ? 
_reflns.observed_criterion_F_min     ? 
_reflns.pdbx_chi_squared             ? 
_reflns.pdbx_scaling_rejects         ? 
_reflns.pdbx_ordinal                 1 
_reflns.pdbx_diffrn_id               1 
# 
_reflns_shell.d_res_high             3.2 
_reflns_shell.d_res_low              ? 
_reflns_shell.percent_possible_all   80.5 
_reflns_shell.Rmerge_I_obs           ? 
_reflns_shell.pdbx_Rsym_value        ? 
_reflns_shell.meanI_over_sigI_obs    ? 
_reflns_shell.pdbx_redundancy        ? 
_reflns_shell.percent_possible_obs   ? 
_reflns_shell.number_unique_all      ? 
_reflns_shell.number_measured_all    ? 
_reflns_shell.number_measured_obs    ? 
_reflns_shell.number_unique_obs      ? 
_reflns_shell.pdbx_chi_squared       ? 
_reflns_shell.pdbx_ordinal           1 
_reflns_shell.pdbx_diffrn_id         1 
# 
_refine.entry_id                                 1YFY 
_refine.ls_number_reflns_obs                     3517 
_refine.ls_number_reflns_all                     4404 
_refine.pdbx_ls_sigma_I                          ? 
_refine.pdbx_ls_sigma_F                          0.0 
_refine.pdbx_data_cutoff_high_absF               85929.64 
_refine.pdbx_data_cutoff_low_absF                0.000000 
_refine.pdbx_data_cutoff_high_rms_absF           ? 
_refine.ls_d_res_low                             49.48 
_refine.ls_d_res_high                            3.20 
_refine.ls_percent_reflns_obs                    80.7 
_refine.ls_R_factor_obs                          0.249 
_refine.ls_R_factor_all                          0.249 
_refine.ls_R_factor_R_work                       0.249 
_refine.ls_R_factor_R_free                       0.306 
_refine.ls_R_factor_R_free_error                 0.023 
_refine.ls_R_factor_R_free_error_details         ? 
_refine.ls_percent_reflns_R_free                 5.1 
_refine.ls_number_reflns_R_free                  181 
_refine.ls_number_parameters                     ? 
_refine.ls_number_restraints                     ? 
_refine.occupancy_min                            ? 
_refine.occupancy_max                            ? 
_refine.correlation_coeff_Fo_to_Fc               ? 
_refine.correlation_coeff_Fo_to_Fc_free          ? 
_refine.B_iso_mean                               48.1 
_refine.aniso_B[1][1]                            14.34 
_refine.aniso_B[2][2]                            14.34 
_refine.aniso_B[3][3]                            -28.67 
_refine.aniso_B[1][2]                            -3.04 
_refine.aniso_B[1][3]                            0.00 
_refine.aniso_B[2][3]                            0.00 
_refine.solvent_model_details                    'FLAT MODEL' 
_refine.solvent_model_param_ksol                 0.353963 
_refine.solvent_model_param_bsol                 66.1953 
_refine.pdbx_solvent_vdw_probe_radii             ? 
_refine.pdbx_solvent_ion_probe_radii             ? 
_refine.pdbx_solvent_shrinkage_radii             ? 
_refine.pdbx_ls_cross_valid_method               THROUGHOUT 
_refine.details                                  ? 
_refine.pdbx_starting_model                      ? 
_refine.pdbx_method_to_determine_struct          'MOLECULAR REPLACEMENT' 
_refine.pdbx_isotropic_thermal_model             RESTRAINED 
_refine.pdbx_stereochemistry_target_values       'Engh & Huber' 
_refine.pdbx_stereochem_target_val_spec_case     ? 
_refine.pdbx_R_Free_selection_details            RANDOM 
_refine.pdbx_overall_ESU_R                       ? 
_refine.pdbx_overall_ESU_R_Free                  ? 
_refine.overall_SU_ML                            ? 
_refine.overall_SU_B                             ? 
_refine.ls_redundancy_reflns_obs                 ? 
_refine.B_iso_min                                ? 
_refine.B_iso_max                                ? 
_refine.overall_SU_R_Cruickshank_DPI             ? 
_refine.overall_SU_R_free                        ? 
_refine.ls_wR_factor_R_free                      ? 
_refine.ls_wR_factor_R_work                      ? 
_refine.overall_FOM_free_R_set                   ? 
_refine.overall_FOM_work_R_set                   ? 
_refine.pdbx_refine_id                           'X-RAY DIFFRACTION' 
_refine.pdbx_diffrn_id                           1 
_refine.pdbx_TLS_residual_ADP_flag               ? 
_refine.pdbx_overall_phase_error                 ? 
_refine.pdbx_overall_SU_R_free_Cruickshank_DPI   ? 
_refine.pdbx_overall_SU_R_Blow_DPI               ? 
_refine.pdbx_overall_SU_R_free_Blow_DPI          ? 
# 
_refine_analyze.entry_id                        1YFY 
_refine_analyze.Luzzati_coordinate_error_obs    0.43 
_refine_analyze.Luzzati_sigma_a_obs             0.59 
_refine_analyze.Luzzati_d_res_low_obs           5.00 
_refine_analyze.Luzzati_coordinate_error_free   0.59 
_refine_analyze.Luzzati_sigma_a_free            0.75 
_refine_analyze.Luzzati_d_res_low_free          ? 
_refine_analyze.number_disordered_residues      ? 
_refine_analyze.occupancy_sum_hydrogen          ? 
_refine_analyze.occupancy_sum_non_hydrogen      ? 
_refine_analyze.pdbx_Luzzati_d_res_high_obs     ? 
_refine_analyze.pdbx_refine_id                  'X-RAY DIFFRACTION' 
# 
_refine_hist.pdbx_refine_id                   'X-RAY DIFFRACTION' 
_refine_hist.cycle_id                         LAST 
_refine_hist.pdbx_number_atoms_protein        1409 
_refine_hist.pdbx_number_atoms_nucleic_acid   0 
_refine_hist.pdbx_number_atoms_ligand         21 
_refine_hist.number_atoms_solvent             0 
_refine_hist.number_atoms_total               1430 
_refine_hist.d_res_high                       3.20 
_refine_hist.d_res_low                        49.48 
# 
loop_
_refine_ls_restr.type 
_refine_ls_restr.dev_ideal 
_refine_ls_restr.dev_ideal_target 
_refine_ls_restr.weight 
_refine_ls_restr.number 
_refine_ls_restr.pdbx_refine_id 
_refine_ls_restr.pdbx_restraint_function 
c_bond_d                0.009 ?    ? ? 'X-RAY DIFFRACTION' ? 
c_bond_d_na             ?     ?    ? ? 'X-RAY DIFFRACTION' ? 
c_bond_d_prot           ?     ?    ? ? 'X-RAY DIFFRACTION' ? 
c_angle_d               ?     ?    ? ? 'X-RAY DIFFRACTION' ? 
c_angle_d_na            ?     ?    ? ? 'X-RAY DIFFRACTION' ? 
c_angle_d_prot          ?     ?    ? ? 'X-RAY DIFFRACTION' ? 
c_angle_deg             1.6   ?    ? ? 'X-RAY DIFFRACTION' ? 
c_angle_deg_na          ?     ?    ? ? 'X-RAY DIFFRACTION' ? 
c_angle_deg_prot        ?     ?    ? ? 'X-RAY DIFFRACTION' ? 
c_dihedral_angle_d      25.5  ?    ? ? 'X-RAY DIFFRACTION' ? 
c_dihedral_angle_d_na   ?     ?    ? ? 'X-RAY DIFFRACTION' ? 
c_dihedral_angle_d_prot ?     ?    ? ? 'X-RAY DIFFRACTION' ? 
c_improper_angle_d      1.25  ?    ? ? 'X-RAY DIFFRACTION' ? 
c_improper_angle_d_na   ?     ?    ? ? 'X-RAY DIFFRACTION' ? 
c_improper_angle_d_prot ?     ?    ? ? 'X-RAY DIFFRACTION' ? 
c_mcbond_it             10.10 1.50 ? ? 'X-RAY DIFFRACTION' ? 
c_mcangle_it            16.02 2.00 ? ? 'X-RAY DIFFRACTION' ? 
c_scbond_it             10.43 2.00 ? ? 'X-RAY DIFFRACTION' ? 
c_scangle_it            15.19 2.50 ? ? 'X-RAY DIFFRACTION' ? 
# 
_refine_ls_shell.pdbx_total_number_of_bins_used   6 
_refine_ls_shell.d_res_high                       3.20 
_refine_ls_shell.d_res_low                        3.40 
_refine_ls_shell.number_reflns_R_work             367 
_refine_ls_shell.R_factor_R_work                  0.372 
_refine_ls_shell.percent_reflns_obs               54.2 
_refine_ls_shell.R_factor_R_free                  0.405 
_refine_ls_shell.R_factor_R_free_error            0.122 
_refine_ls_shell.percent_reflns_R_free            2.9 
_refine_ls_shell.number_reflns_R_free             11 
_refine_ls_shell.number_reflns_obs                ? 
_refine_ls_shell.redundancy_reflns_obs            ? 
_refine_ls_shell.number_reflns_all                ? 
_refine_ls_shell.pdbx_refine_id                   'X-RAY DIFFRACTION' 
_refine_ls_shell.R_factor_all                     ? 
# 
loop_
_pdbx_xplor_file.serial_no 
_pdbx_xplor_file.param_file 
_pdbx_xplor_file.topol_file 
_pdbx_xplor_file.pdbx_refine_id 
1 PROTEIN_REP.PARAM PROTEIN.TOP 'X-RAY DIFFRACTION' 
2 LIGANDS.PARAM     LIGANDS.TOP 'X-RAY DIFFRACTION' 
3 WATER.PARAM       ION.TOP     'X-RAY DIFFRACTION' 
4 ION.PARAM         WATER.TOP   'X-RAY DIFFRACTION' 
# 
_struct.entry_id                  1YFY 
_struct.title                     
'Crystal structure of 3-hydroxyanthranilate-3,4-dioxygenase from Ralstonia metallidurans complexed with 3-hydroxyanthranilic acid' 
_struct.pdbx_model_details        ? 
_struct.pdbx_CASP_flag            ? 
_struct.pdbx_model_type_details   ? 
# 
_struct_keywords.entry_id        1YFY 
_struct_keywords.pdbx_keywords   OXIDOREDUCTASE 
_struct_keywords.text            'cupin, OXIDOREDUCTASE' 
# 
loop_
_struct_asym.id 
_struct_asym.pdbx_blank_PDB_chainid_flag 
_struct_asym.pdbx_modified 
_struct_asym.entity_id 
_struct_asym.details 
A N N 1 ? 
B N N 2 ? 
C N N 2 ? 
D N N 3 ? 
E N N 4 ? 
# 
_struct_ref.id                         1 
_struct_ref.db_name                    GB 
_struct_ref.db_code                    ZP_00274330 
_struct_ref.pdbx_db_accession          48769986 
_struct_ref.entity_id                  1 
_struct_ref.pdbx_seq_one_letter_code   
;MLTYGAPFNFPRWIDEHAHLLKPPVGNRQVWQDSDFIVTVVGGPNHRTDYHDDPLEEFFYQLRGNAYLNLWVDGRRERAD
LKEGDIFLLPPHVRHSPQRPEAGSACLVIERQRPAGMLDGFEWYCDACGHLVHRVEVQLKSIVTDLPPLFESFYASEDKR
RCPHCGQVHPGRAA
;
_struct_ref.pdbx_align_begin           1 
_struct_ref.pdbx_db_isoform            ? 
# 
_struct_ref_seq.align_id                      1 
_struct_ref_seq.ref_id                        1 
_struct_ref_seq.pdbx_PDB_id_code              1YFY 
_struct_ref_seq.pdbx_strand_id                A 
_struct_ref_seq.seq_align_beg                 1 
_struct_ref_seq.pdbx_seq_align_beg_ins_code   ? 
_struct_ref_seq.seq_align_end                 174 
_struct_ref_seq.pdbx_seq_align_end_ins_code   ? 
_struct_ref_seq.pdbx_db_accession             48769986 
_struct_ref_seq.db_align_beg                  1 
_struct_ref_seq.pdbx_db_align_beg_ins_code    ? 
_struct_ref_seq.db_align_end                  174 
_struct_ref_seq.pdbx_db_align_end_ins_code    ? 
_struct_ref_seq.pdbx_auth_seq_align_beg       1 
_struct_ref_seq.pdbx_auth_seq_align_end       174 
# 
_pdbx_struct_assembly.id                   1 
_pdbx_struct_assembly.details              author_and_software_defined_assembly 
_pdbx_struct_assembly.method_details       PISA,PQS 
_pdbx_struct_assembly.oligomeric_details   dimeric 
_pdbx_struct_assembly.oligomeric_count     2 
# 
loop_
_pdbx_struct_assembly_prop.biol_id 
_pdbx_struct_assembly_prop.type 
_pdbx_struct_assembly_prop.value 
_pdbx_struct_assembly_prop.details 
1 'ABSA (A^2)' 4350  ? 
1 MORE         -40   ? 
1 'SSA (A^2)'  15980 ? 
# 
_pdbx_struct_assembly_gen.assembly_id       1 
_pdbx_struct_assembly_gen.oper_expression   1,2 
_pdbx_struct_assembly_gen.asym_id_list      A,B,C,D,E 
# 
loop_
_pdbx_struct_oper_list.id 
_pdbx_struct_oper_list.type 
_pdbx_struct_oper_list.name 
_pdbx_struct_oper_list.symmetry_operation 
_pdbx_struct_oper_list.matrix[1][1] 
_pdbx_struct_oper_list.matrix[1][2] 
_pdbx_struct_oper_list.matrix[1][3] 
_pdbx_struct_oper_list.vector[1] 
_pdbx_struct_oper_list.matrix[2][1] 
_pdbx_struct_oper_list.matrix[2][2] 
_pdbx_struct_oper_list.matrix[2][3] 
_pdbx_struct_oper_list.vector[2] 
_pdbx_struct_oper_list.matrix[3][1] 
_pdbx_struct_oper_list.matrix[3][2] 
_pdbx_struct_oper_list.matrix[3][3] 
_pdbx_struct_oper_list.vector[3] 
1 'identity operation'         1_555  x,y,z            1.0000000000  0.0000000000 0.0000000000  0.0000000000   0.0000000000 1.0000000000  0.0000000000  0.0000000000   0.0000000000  0.0000000000  1.0000000000 0.0000000000  
2 'crystal symmetry operation' 10_665 -y+1,-x+1,-z+1/6 -0.8165618997 0.0801875790 -0.5716612774 -10.8725260788 0.0801875790 -0.9649470431 -0.2498942901 -28.4150415856 -0.5716612774 -0.2498942901 0.7815089428 -7.4746516683 
# 
_struct_biol.id                    1 
_struct_biol.details               
;The second part of the biological assembly is generated 
by the two fold axis: 
 -y + 1, -x + 1, -z + 1/6
;
_struct_biol.pdbx_parent_biol_id   ? 
# 
loop_
_struct_conf.conf_type_id 
_struct_conf.id 
_struct_conf.pdbx_PDB_helix_id 
_struct_conf.beg_label_comp_id 
_struct_conf.beg_label_asym_id 
_struct_conf.beg_label_seq_id 
_struct_conf.pdbx_beg_PDB_ins_code 
_struct_conf.end_label_comp_id 
_struct_conf.end_label_asym_id 
_struct_conf.end_label_seq_id 
_struct_conf.pdbx_end_PDB_ins_code 
_struct_conf.beg_auth_comp_id 
_struct_conf.beg_auth_asym_id 
_struct_conf.beg_auth_seq_id 
_struct_conf.end_auth_comp_id 
_struct_conf.end_auth_asym_id 
_struct_conf.end_auth_seq_id 
_struct_conf.pdbx_PDB_helix_class 
_struct_conf.details 
_struct_conf.pdbx_PDB_helix_length 
HELX_P HELX_P1 1 ASN A 9   ? HIS A 17  ? ASN A 9   HIS A 17  1 ? 9 
HELX_P HELX_P2 2 ALA A 18  ? LEU A 20  ? ALA A 18  LEU A 20  5 ? 3 
HELX_P HELX_P3 3 LEU A 146 ? TYR A 154 ? LEU A 146 TYR A 154 1 ? 9 
# 
_struct_conf_type.id          HELX_P 
_struct_conf_type.criteria    ? 
_struct_conf_type.reference   ? 
# 
loop_
_struct_conn.id 
_struct_conn.conn_type_id 
_struct_conn.pdbx_leaving_atom_flag 
_struct_conn.pdbx_PDB_id 
_struct_conn.ptnr1_label_asym_id 
_struct_conn.ptnr1_label_comp_id 
_struct_conn.ptnr1_label_seq_id 
_struct_conn.ptnr1_label_atom_id 
_struct_conn.pdbx_ptnr1_label_alt_id 
_struct_conn.pdbx_ptnr1_PDB_ins_code 
_struct_conn.pdbx_ptnr1_standard_comp_id 
_struct_conn.ptnr1_symmetry 
_struct_conn.ptnr2_label_asym_id 
_struct_conn.ptnr2_label_comp_id 
_struct_conn.ptnr2_label_seq_id 
_struct_conn.ptnr2_label_atom_id 
_struct_conn.pdbx_ptnr2_label_alt_id 
_struct_conn.pdbx_ptnr2_PDB_ins_code 
_struct_conn.ptnr1_auth_asym_id 
_struct_conn.ptnr1_auth_comp_id 
_struct_conn.ptnr1_auth_seq_id 
_struct_conn.ptnr2_auth_asym_id 
_struct_conn.ptnr2_auth_comp_id 
_struct_conn.ptnr2_auth_seq_id 
_struct_conn.ptnr2_symmetry 
_struct_conn.pdbx_ptnr3_label_atom_id 
_struct_conn.pdbx_ptnr3_label_seq_id 
_struct_conn.pdbx_ptnr3_label_comp_id 
_struct_conn.pdbx_ptnr3_label_asym_id 
_struct_conn.pdbx_ptnr3_label_alt_id 
_struct_conn.pdbx_ptnr3_PDB_ins_code 
_struct_conn.details 
_struct_conn.pdbx_dist_value 
_struct_conn.pdbx_value_order 
_struct_conn.pdbx_role 
metalc1  metalc ? ? A HIS 51  ND1 ? ? ? 1_555 B FE  . FE  ? ? A HIS 51  A FE  300 1_555 ? ? ? ? ? ? ? 2.081 ? ? 
metalc2  metalc ? ? A GLU 57  OE2 ? ? ? 1_555 B FE  . FE  ? ? A GLU 57  A FE  300 1_555 ? ? ? ? ? ? ? 2.621 ? ? 
metalc3  metalc ? ? A GLU 57  OE1 ? ? ? 1_555 B FE  . FE  ? ? A GLU 57  A FE  300 1_555 ? ? ? ? ? ? ? 2.284 ? ? 
metalc4  metalc ? ? A HIS 95  NE2 ? ? ? 1_555 B FE  . FE  ? ? A HIS 95  A FE  300 1_555 ? ? ? ? ? ? ? 2.066 ? ? 
metalc5  metalc ? ? A CYS 125 SG  ? ? ? 1_555 C FE  . FE  ? ? A CYS 125 A FE  301 1_555 ? ? ? ? ? ? ? 2.446 ? ? 
metalc6  metalc ? ? A CYS 128 SG  ? ? ? 1_555 C FE  . FE  ? ? A CYS 128 A FE  301 1_555 ? ? ? ? ? ? ? 2.200 ? ? 
metalc7  metalc ? ? A CYS 162 SG  ? ? ? 1_555 C FE  . FE  ? ? A CYS 162 A FE  301 1_555 ? ? ? ? ? ? ? 2.487 ? ? 
metalc8  metalc ? ? A CYS 165 SG  ? ? ? 1_555 C FE  . FE  ? ? A CYS 165 A FE  301 1_555 ? ? ? ? ? ? ? 2.378 ? ? 
metalc9  metalc ? ? B FE  .   FE  ? ? ? 1_555 E 3HA . N10 ? ? A FE  300 A 3HA 401 1_555 ? ? ? ? ? ? ? 2.179 ? ? 
metalc10 metalc ? ? B FE  .   FE  ? ? ? 1_555 E 3HA . O11 ? ? A FE  300 A 3HA 401 1_555 ? ? ? ? ? ? ? 2.004 ? ? 
# 
_struct_conn_type.id          metalc 
_struct_conn_type.criteria    ? 
_struct_conn_type.reference   ? 
# 
loop_
_pdbx_struct_conn_angle.id 
_pdbx_struct_conn_angle.ptnr1_label_atom_id 
_pdbx_struct_conn_angle.ptnr1_label_alt_id 
_pdbx_struct_conn_angle.ptnr1_label_asym_id 
_pdbx_struct_conn_angle.ptnr1_label_comp_id 
_pdbx_struct_conn_angle.ptnr1_label_seq_id 
_pdbx_struct_conn_angle.ptnr1_auth_atom_id 
_pdbx_struct_conn_angle.ptnr1_auth_asym_id 
_pdbx_struct_conn_angle.ptnr1_auth_comp_id 
_pdbx_struct_conn_angle.ptnr1_auth_seq_id 
_pdbx_struct_conn_angle.ptnr1_PDB_ins_code 
_pdbx_struct_conn_angle.ptnr1_symmetry 
_pdbx_struct_conn_angle.ptnr2_label_atom_id 
_pdbx_struct_conn_angle.ptnr2_label_alt_id 
_pdbx_struct_conn_angle.ptnr2_label_asym_id 
_pdbx_struct_conn_angle.ptnr2_label_comp_id 
_pdbx_struct_conn_angle.ptnr2_label_seq_id 
_pdbx_struct_conn_angle.ptnr2_auth_atom_id 
_pdbx_struct_conn_angle.ptnr2_auth_asym_id 
_pdbx_struct_conn_angle.ptnr2_auth_comp_id 
_pdbx_struct_conn_angle.ptnr2_auth_seq_id 
_pdbx_struct_conn_angle.ptnr2_PDB_ins_code 
_pdbx_struct_conn_angle.ptnr2_symmetry 
_pdbx_struct_conn_angle.ptnr3_label_atom_id 
_pdbx_struct_conn_angle.ptnr3_label_alt_id 
_pdbx_struct_conn_angle.ptnr3_label_asym_id 
_pdbx_struct_conn_angle.ptnr3_label_comp_id 
_pdbx_struct_conn_angle.ptnr3_label_seq_id 
_pdbx_struct_conn_angle.ptnr3_auth_atom_id 
_pdbx_struct_conn_angle.ptnr3_auth_asym_id 
_pdbx_struct_conn_angle.ptnr3_auth_comp_id 
_pdbx_struct_conn_angle.ptnr3_auth_seq_id 
_pdbx_struct_conn_angle.ptnr3_PDB_ins_code 
_pdbx_struct_conn_angle.ptnr3_symmetry 
_pdbx_struct_conn_angle.value 
_pdbx_struct_conn_angle.value_esd 
1  ND1 ? A HIS 51  ? A HIS 51  ? 1_555 FE ? B FE . ? A FE 300 ? 1_555 OE2 ? A GLU 57  ? A GLU 57  ? 1_555 126.2 ? 
2  ND1 ? A HIS 51  ? A HIS 51  ? 1_555 FE ? B FE . ? A FE 300 ? 1_555 OE1 ? A GLU 57  ? A GLU 57  ? 1_555 82.7  ? 
3  OE2 ? A GLU 57  ? A GLU 57  ? 1_555 FE ? B FE . ? A FE 300 ? 1_555 OE1 ? A GLU 57  ? A GLU 57  ? 1_555 52.3  ? 
4  ND1 ? A HIS 51  ? A HIS 51  ? 1_555 FE ? B FE . ? A FE 300 ? 1_555 NE2 ? A HIS 95  ? A HIS 95  ? 1_555 74.8  ? 
5  OE2 ? A GLU 57  ? A GLU 57  ? 1_555 FE ? B FE . ? A FE 300 ? 1_555 NE2 ? A HIS 95  ? A HIS 95  ? 1_555 78.5  ? 
6  OE1 ? A GLU 57  ? A GLU 57  ? 1_555 FE ? B FE . ? A FE 300 ? 1_555 NE2 ? A HIS 95  ? A HIS 95  ? 1_555 91.7  ? 
7  ND1 ? A HIS 51  ? A HIS 51  ? 1_555 FE ? B FE . ? A FE 300 ? 1_555 N10 ? E 3HA .   ? A 3HA 401 ? 1_555 138.7 ? 
8  OE2 ? A GLU 57  ? A GLU 57  ? 1_555 FE ? B FE . ? A FE 300 ? 1_555 N10 ? E 3HA .   ? A 3HA 401 ? 1_555 94.3  ? 
9  OE1 ? A GLU 57  ? A GLU 57  ? 1_555 FE ? B FE . ? A FE 300 ? 1_555 N10 ? E 3HA .   ? A 3HA 401 ? 1_555 136.1 ? 
10 NE2 ? A HIS 95  ? A HIS 95  ? 1_555 FE ? B FE . ? A FE 300 ? 1_555 N10 ? E 3HA .   ? A 3HA 401 ? 1_555 110.3 ? 
11 ND1 ? A HIS 51  ? A HIS 51  ? 1_555 FE ? B FE . ? A FE 300 ? 1_555 O11 ? E 3HA .   ? A 3HA 401 ? 1_555 78.5  ? 
12 OE2 ? A GLU 57  ? A GLU 57  ? 1_555 FE ? B FE . ? A FE 300 ? 1_555 O11 ? E 3HA .   ? A 3HA 401 ? 1_555 129.6 ? 
13 OE1 ? A GLU 57  ? A GLU 57  ? 1_555 FE ? B FE . ? A FE 300 ? 1_555 O11 ? E 3HA .   ? A 3HA 401 ? 1_555 98.4  ? 
14 NE2 ? A HIS 95  ? A HIS 95  ? 1_555 FE ? B FE . ? A FE 300 ? 1_555 O11 ? E 3HA .   ? A 3HA 401 ? 1_555 149.9 ? 
15 N10 ? E 3HA .   ? A 3HA 401 ? 1_555 FE ? B FE . ? A FE 300 ? 1_555 O11 ? E 3HA .   ? A 3HA 401 ? 1_555 81.4  ? 
16 SG  ? A CYS 125 ? A CYS 125 ? 1_555 FE ? C FE . ? A FE 301 ? 1_555 SG  ? A CYS 128 ? A CYS 128 ? 1_555 126.3 ? 
17 SG  ? A CYS 125 ? A CYS 125 ? 1_555 FE ? C FE . ? A FE 301 ? 1_555 SG  ? A CYS 162 ? A CYS 162 ? 1_555 110.8 ? 
18 SG  ? A CYS 128 ? A CYS 128 ? 1_555 FE ? C FE . ? A FE 301 ? 1_555 SG  ? A CYS 162 ? A CYS 162 ? 1_555 79.7  ? 
19 SG  ? A CYS 125 ? A CYS 125 ? 1_555 FE ? C FE . ? A FE 301 ? 1_555 SG  ? A CYS 165 ? A CYS 165 ? 1_555 109.9 ? 
20 SG  ? A CYS 128 ? A CYS 128 ? 1_555 FE ? C FE . ? A FE 301 ? 1_555 SG  ? A CYS 165 ? A CYS 165 ? 1_555 121.0 ? 
21 SG  ? A CYS 162 ? A CYS 162 ? 1_555 FE ? C FE . ? A FE 301 ? 1_555 SG  ? A CYS 165 ? A CYS 165 ? 1_555 97.6  ? 
# 
loop_
_struct_mon_prot_cis.pdbx_id 
_struct_mon_prot_cis.label_comp_id 
_struct_mon_prot_cis.label_seq_id 
_struct_mon_prot_cis.label_asym_id 
_struct_mon_prot_cis.label_alt_id 
_struct_mon_prot_cis.pdbx_PDB_ins_code 
_struct_mon_prot_cis.auth_comp_id 
_struct_mon_prot_cis.auth_seq_id 
_struct_mon_prot_cis.auth_asym_id 
_struct_mon_prot_cis.pdbx_label_comp_id_2 
_struct_mon_prot_cis.pdbx_label_seq_id_2 
_struct_mon_prot_cis.pdbx_label_asym_id_2 
_struct_mon_prot_cis.pdbx_PDB_ins_code_2 
_struct_mon_prot_cis.pdbx_auth_comp_id_2 
_struct_mon_prot_cis.pdbx_auth_seq_id_2 
_struct_mon_prot_cis.pdbx_auth_asym_id_2 
_struct_mon_prot_cis.pdbx_PDB_model_num 
_struct_mon_prot_cis.pdbx_omega_angle 
1 PRO 23 A . ? PRO 23 A PRO 24 A ? PRO 24 A 1 0.04  
2 GLY 43 A . ? GLY 43 A PRO 44 A ? PRO 44 A 1 -0.17 
# 
loop_
_struct_sheet.id 
_struct_sheet.type 
_struct_sheet.number_strands 
_struct_sheet.details 
A ? 4 ? 
B ? 3 ? 
C ? 3 ? 
D ? 3 ? 
# 
loop_
_struct_sheet_order.sheet_id 
_struct_sheet_order.range_id_1 
_struct_sheet_order.range_id_2 
_struct_sheet_order.offset 
_struct_sheet_order.sense 
A 1 2 ? anti-parallel 
A 2 3 ? anti-parallel 
A 3 4 ? anti-parallel 
B 1 2 ? anti-parallel 
B 2 3 ? anti-parallel 
C 1 2 ? anti-parallel 
C 2 3 ? anti-parallel 
D 1 2 ? anti-parallel 
D 2 3 ? anti-parallel 
# 
loop_
_struct_sheet_range.sheet_id 
_struct_sheet_range.id 
_struct_sheet_range.beg_label_comp_id 
_struct_sheet_range.beg_label_asym_id 
_struct_sheet_range.beg_label_seq_id 
_struct_sheet_range.pdbx_beg_PDB_ins_code 
_struct_sheet_range.end_label_comp_id 
_struct_sheet_range.end_label_asym_id 
_struct_sheet_range.end_label_seq_id 
_struct_sheet_range.pdbx_end_PDB_ins_code 
_struct_sheet_range.beg_auth_comp_id 
_struct_sheet_range.beg_auth_asym_id 
_struct_sheet_range.beg_auth_seq_id 
_struct_sheet_range.end_auth_comp_id 
_struct_sheet_range.end_auth_asym_id 
_struct_sheet_range.end_auth_seq_id 
A 1 PHE A 36  ? VAL A 41  ? PHE A 36  VAL A 41  
A 2 ALA A 105 ? ARG A 111 ? ALA A 105 ARG A 111 
A 3 GLU A 57  ? ARG A 63  ? GLU A 57  ARG A 63  
A 4 ILE A 86  ? LEU A 89  ? ILE A 86  LEU A 89  
B 1 TYR A 50  ? ASP A 52  ? TYR A 50  ASP A 52  
B 2 ASP A 119 ? TYR A 124 ? ASP A 119 TYR A 124 
B 3 LEU A 131 ? HIS A 133 ? LEU A 131 HIS A 133 
C 1 TYR A 50  ? ASP A 52  ? TYR A 50  ASP A 52  
C 2 ASP A 119 ? TYR A 124 ? ASP A 119 TYR A 124 
C 3 GLU A 136 ? VAL A 137 ? GLU A 136 VAL A 137 
D 1 ALA A 79  ? LEU A 81  ? ALA A 79  LEU A 81  
D 2 ALA A 66  ? LEU A 70  ? ALA A 66  LEU A 70  
D 3 HIS A 95  ? GLN A 98  ? HIS A 95  GLN A 98  
# 
loop_
_pdbx_struct_sheet_hbond.sheet_id 
_pdbx_struct_sheet_hbond.range_id_1 
_pdbx_struct_sheet_hbond.range_id_2 
_pdbx_struct_sheet_hbond.range_1_label_atom_id 
_pdbx_struct_sheet_hbond.range_1_label_comp_id 
_pdbx_struct_sheet_hbond.range_1_label_asym_id 
_pdbx_struct_sheet_hbond.range_1_label_seq_id 
_pdbx_struct_sheet_hbond.range_1_PDB_ins_code 
_pdbx_struct_sheet_hbond.range_1_auth_atom_id 
_pdbx_struct_sheet_hbond.range_1_auth_comp_id 
_pdbx_struct_sheet_hbond.range_1_auth_asym_id 
_pdbx_struct_sheet_hbond.range_1_auth_seq_id 
_pdbx_struct_sheet_hbond.range_2_label_atom_id 
_pdbx_struct_sheet_hbond.range_2_label_comp_id 
_pdbx_struct_sheet_hbond.range_2_label_asym_id 
_pdbx_struct_sheet_hbond.range_2_label_seq_id 
_pdbx_struct_sheet_hbond.range_2_PDB_ins_code 
_pdbx_struct_sheet_hbond.range_2_auth_atom_id 
_pdbx_struct_sheet_hbond.range_2_auth_comp_id 
_pdbx_struct_sheet_hbond.range_2_auth_asym_id 
_pdbx_struct_sheet_hbond.range_2_auth_seq_id 
A 1 2 N ILE A 37  ? N ILE A 37  O GLU A 110 ? O GLU A 110 
A 2 3 O ILE A 109 ? O ILE A 109 N PHE A 58  ? N PHE A 58  
A 3 4 N GLU A 57  ? N GLU A 57  O LEU A 89  ? O LEU A 89  
B 1 2 N ASP A 52  ? N ASP A 52  O GLY A 120 ? O GLY A 120 
B 2 3 N TRP A 123 ? N TRP A 123 O VAL A 132 ? O VAL A 132 
C 1 2 N ASP A 52  ? N ASP A 52  O GLY A 120 ? O GLY A 120 
C 2 3 N ASP A 119 ? N ASP A 119 O VAL A 137 ? O VAL A 137 
D 1 2 O LEU A 81  ? O LEU A 81  N ALA A 66  ? N ALA A 66  
D 2 3 N TYR A 67  ? N TYR A 67  O GLN A 98  ? O GLN A 98  
# 
loop_
_struct_site.id 
_struct_site.pdbx_evidence_code 
_struct_site.pdbx_auth_asym_id 
_struct_site.pdbx_auth_comp_id 
_struct_site.pdbx_auth_seq_id 
_struct_site.pdbx_auth_ins_code 
_struct_site.pdbx_num_residues 
_struct_site.details 
AC1 Software A FE  300 ? 5 'BINDING SITE FOR RESIDUE FE A 300'  
AC2 Software A FE  301 ? 4 'BINDING SITE FOR RESIDUE FE A 301'  
AC3 Software A TRS 400 ? 4 'BINDING SITE FOR RESIDUE TRS A 400' 
AC4 Software A 3HA 401 ? 9 'BINDING SITE FOR RESIDUE 3HA A 401' 
# 
loop_
_struct_site_gen.id 
_struct_site_gen.site_id 
_struct_site_gen.pdbx_num_res 
_struct_site_gen.label_comp_id 
_struct_site_gen.label_asym_id 
_struct_site_gen.label_seq_id 
_struct_site_gen.pdbx_auth_ins_code 
_struct_site_gen.auth_comp_id 
_struct_site_gen.auth_asym_id 
_struct_site_gen.auth_seq_id 
_struct_site_gen.label_atom_id 
_struct_site_gen.label_alt_id 
_struct_site_gen.symmetry 
_struct_site_gen.details 
1  AC1 5 HIS A 51  ? HIS A 51  . ? 1_555 ? 
2  AC1 5 GLU A 57  ? GLU A 57  . ? 1_555 ? 
3  AC1 5 HIS A 95  ? HIS A 95  . ? 1_555 ? 
4  AC1 5 GLU A 110 ? GLU A 110 . ? 1_555 ? 
5  AC1 5 3HA E .   ? 3HA A 401 . ? 1_555 ? 
6  AC2 4 CYS A 125 ? CYS A 125 . ? 1_555 ? 
7  AC2 4 CYS A 128 ? CYS A 128 . ? 1_555 ? 
8  AC2 4 CYS A 162 ? CYS A 162 . ? 1_555 ? 
9  AC2 4 CYS A 165 ? CYS A 165 . ? 1_555 ? 
10 AC3 4 VAL A 132 ? VAL A 132 . ? 1_555 ? 
11 AC3 4 ASP A 158 ? ASP A 158 . ? 1_555 ? 
12 AC3 4 LYS A 159 ? LYS A 159 . ? 1_555 ? 
13 AC3 4 ARG A 161 ? ARG A 161 . ? 1_555 ? 
14 AC4 9 ASN A 27  ? ASN A 27  . ? 1_555 ? 
15 AC4 9 HIS A 51  ? HIS A 51  . ? 1_555 ? 
16 AC4 9 GLU A 57  ? GLU A 57  . ? 1_555 ? 
17 AC4 9 PHE A 59  ? PHE A 59  . ? 1_555 ? 
18 AC4 9 HIS A 95  ? HIS A 95  . ? 1_555 ? 
19 AC4 9 PRO A 97  ? PRO A 97  . ? 1_555 ? 
20 AC4 9 ARG A 99  ? ARG A 99  . ? 1_555 ? 
21 AC4 9 GLU A 110 ? GLU A 110 . ? 1_555 ? 
22 AC4 9 FE  B .   ? FE  A 300 . ? 1_555 ? 
# 
loop_
_pdbx_validate_torsion.id 
_pdbx_validate_torsion.PDB_model_num 
_pdbx_validate_torsion.auth_comp_id 
_pdbx_validate_torsion.auth_asym_id 
_pdbx_validate_torsion.auth_seq_id 
_pdbx_validate_torsion.PDB_ins_code 
_pdbx_validate_torsion.label_alt_id 
_pdbx_validate_torsion.phi 
_pdbx_validate_torsion.psi 
1  1 LEU A 2   ? ? -90.81  48.78   
2  1 THR A 3   ? ? -13.84  -51.35  
3  1 TYR A 4   ? ? -84.51  35.47   
4  1 HIS A 17  ? ? -84.62  32.12   
5  1 ASN A 27  ? ? -59.33  -162.03 
6  1 ARG A 28  ? ? 153.57  95.96   
7  1 SER A 34  ? ? -113.93 -160.03 
8  1 ASP A 52  ? ? -116.17 61.79   
9  1 GLN A 61  ? ? -68.28  78.64   
10 1 GLU A 77  ? ? -148.18 -159.94 
11 1 ARG A 78  ? ? -173.90 121.30  
12 1 PHE A 87  ? ? -177.44 141.12  
13 1 HIS A 92  ? ? 63.78   -15.27  
14 1 PRO A 114 ? ? -56.65  178.27  
15 1 SER A 141 ? ? -177.10 90.16   
16 1 ASP A 145 ? ? -163.12 8.69    
17 1 LEU A 146 ? ? -96.16  -65.78  
18 1 PRO A 147 ? ? -35.06  -38.74  
19 1 ARG A 160 ? ? -68.45  12.70   
20 1 PRO A 163 ? ? -68.41  7.82    
21 1 ARG A 172 ? ? -58.64  5.81    
22 1 ALA A 173 ? ? -162.36 103.17  
# 
loop_
_chem_comp_atom.comp_id 
_chem_comp_atom.atom_id 
_chem_comp_atom.type_symbol 
_chem_comp_atom.pdbx_aromatic_flag 
_chem_comp_atom.pdbx_stereo_config 
_chem_comp_atom.pdbx_ordinal 
3HA O8   O  N N 1   
3HA C7   C  N N 2   
3HA O9   O  N N 3   
3HA C2   C  Y N 4   
3HA C1   C  Y N 5   
3HA C6   C  Y N 6   
3HA C5   C  Y N 7   
3HA C4   C  Y N 8   
3HA O11  O  N N 9   
3HA C3   C  Y N 10  
3HA N10  N  N N 11  
3HA HO8  H  N N 12  
3HA H1   H  N N 13  
3HA H6   H  N N 14  
3HA H5   H  N N 15  
3HA H11  H  N N 16  
3HA H101 H  N N 17  
3HA H102 H  N N 18  
ALA N    N  N N 19  
ALA CA   C  N S 20  
ALA C    C  N N 21  
ALA O    O  N N 22  
ALA CB   C  N N 23  
ALA OXT  O  N N 24  
ALA H    H  N N 25  
ALA H2   H  N N 26  
ALA HA   H  N N 27  
ALA HB1  H  N N 28  
ALA HB2  H  N N 29  
ALA HB3  H  N N 30  
ALA HXT  H  N N 31  
ARG N    N  N N 32  
ARG CA   C  N S 33  
ARG C    C  N N 34  
ARG O    O  N N 35  
ARG CB   C  N N 36  
ARG CG   C  N N 37  
ARG CD   C  N N 38  
ARG NE   N  N N 39  
ARG CZ   C  N N 40  
ARG NH1  N  N N 41  
ARG NH2  N  N N 42  
ARG OXT  O  N N 43  
ARG H    H  N N 44  
ARG H2   H  N N 45  
ARG HA   H  N N 46  
ARG HB2  H  N N 47  
ARG HB3  H  N N 48  
ARG HG2  H  N N 49  
ARG HG3  H  N N 50  
ARG HD2  H  N N 51  
ARG HD3  H  N N 52  
ARG HE   H  N N 53  
ARG HH11 H  N N 54  
ARG HH12 H  N N 55  
ARG HH21 H  N N 56  
ARG HH22 H  N N 57  
ARG HXT  H  N N 58  
ASN N    N  N N 59  
ASN CA   C  N S 60  
ASN C    C  N N 61  
ASN O    O  N N 62  
ASN CB   C  N N 63  
ASN CG   C  N N 64  
ASN OD1  O  N N 65  
ASN ND2  N  N N 66  
ASN OXT  O  N N 67  
ASN H    H  N N 68  
ASN H2   H  N N 69  
ASN HA   H  N N 70  
ASN HB2  H  N N 71  
ASN HB3  H  N N 72  
ASN HD21 H  N N 73  
ASN HD22 H  N N 74  
ASN HXT  H  N N 75  
ASP N    N  N N 76  
ASP CA   C  N S 77  
ASP C    C  N N 78  
ASP O    O  N N 79  
ASP CB   C  N N 80  
ASP CG   C  N N 81  
ASP OD1  O  N N 82  
ASP OD2  O  N N 83  
ASP OXT  O  N N 84  
ASP H    H  N N 85  
ASP H2   H  N N 86  
ASP HA   H  N N 87  
ASP HB2  H  N N 88  
ASP HB3  H  N N 89  
ASP HD2  H  N N 90  
ASP HXT  H  N N 91  
CYS N    N  N N 92  
CYS CA   C  N R 93  
CYS C    C  N N 94  
CYS O    O  N N 95  
CYS CB   C  N N 96  
CYS SG   S  N N 97  
CYS OXT  O  N N 98  
CYS H    H  N N 99  
CYS H2   H  N N 100 
CYS HA   H  N N 101 
CYS HB2  H  N N 102 
CYS HB3  H  N N 103 
CYS HG   H  N N 104 
CYS HXT  H  N N 105 
FE  FE   FE N N 106 
GLN N    N  N N 107 
GLN CA   C  N S 108 
GLN C    C  N N 109 
GLN O    O  N N 110 
GLN CB   C  N N 111 
GLN CG   C  N N 112 
GLN CD   C  N N 113 
GLN OE1  O  N N 114 
GLN NE2  N  N N 115 
GLN OXT  O  N N 116 
GLN H    H  N N 117 
GLN H2   H  N N 118 
GLN HA   H  N N 119 
GLN HB2  H  N N 120 
GLN HB3  H  N N 121 
GLN HG2  H  N N 122 
GLN HG3  H  N N 123 
GLN HE21 H  N N 124 
GLN HE22 H  N N 125 
GLN HXT  H  N N 126 
GLU N    N  N N 127 
GLU CA   C  N S 128 
GLU C    C  N N 129 
GLU O    O  N N 130 
GLU CB   C  N N 131 
GLU CG   C  N N 132 
GLU CD   C  N N 133 
GLU OE1  O  N N 134 
GLU OE2  O  N N 135 
GLU OXT  O  N N 136 
GLU H    H  N N 137 
GLU H2   H  N N 138 
GLU HA   H  N N 139 
GLU HB2  H  N N 140 
GLU HB3  H  N N 141 
GLU HG2  H  N N 142 
GLU HG3  H  N N 143 
GLU HE2  H  N N 144 
GLU HXT  H  N N 145 
GLY N    N  N N 146 
GLY CA   C  N N 147 
GLY C    C  N N 148 
GLY O    O  N N 149 
GLY OXT  O  N N 150 
GLY H    H  N N 151 
GLY H2   H  N N 152 
GLY HA2  H  N N 153 
GLY HA3  H  N N 154 
GLY HXT  H  N N 155 
HIS N    N  N N 156 
HIS CA   C  N S 157 
HIS C    C  N N 158 
HIS O    O  N N 159 
HIS CB   C  N N 160 
HIS CG   C  Y N 161 
HIS ND1  N  Y N 162 
HIS CD2  C  Y N 163 
HIS CE1  C  Y N 164 
HIS NE2  N  Y N 165 
HIS OXT  O  N N 166 
HIS H    H  N N 167 
HIS H2   H  N N 168 
HIS HA   H  N N 169 
HIS HB2  H  N N 170 
HIS HB3  H  N N 171 
HIS HD1  H  N N 172 
HIS HD2  H  N N 173 
HIS HE1  H  N N 174 
HIS HE2  H  N N 175 
HIS HXT  H  N N 176 
ILE N    N  N N 177 
ILE CA   C  N S 178 
ILE C    C  N N 179 
ILE O    O  N N 180 
ILE CB   C  N S 181 
ILE CG1  C  N N 182 
ILE CG2  C  N N 183 
ILE CD1  C  N N 184 
ILE OXT  O  N N 185 
ILE H    H  N N 186 
ILE H2   H  N N 187 
ILE HA   H  N N 188 
ILE HB   H  N N 189 
ILE HG12 H  N N 190 
ILE HG13 H  N N 191 
ILE HG21 H  N N 192 
ILE HG22 H  N N 193 
ILE HG23 H  N N 194 
ILE HD11 H  N N 195 
ILE HD12 H  N N 196 
ILE HD13 H  N N 197 
ILE HXT  H  N N 198 
LEU N    N  N N 199 
LEU CA   C  N S 200 
LEU C    C  N N 201 
LEU O    O  N N 202 
LEU CB   C  N N 203 
LEU CG   C  N N 204 
LEU CD1  C  N N 205 
LEU CD2  C  N N 206 
LEU OXT  O  N N 207 
LEU H    H  N N 208 
LEU H2   H  N N 209 
LEU HA   H  N N 210 
LEU HB2  H  N N 211 
LEU HB3  H  N N 212 
LEU HG   H  N N 213 
LEU HD11 H  N N 214 
LEU HD12 H  N N 215 
LEU HD13 H  N N 216 
LEU HD21 H  N N 217 
LEU HD22 H  N N 218 
LEU HD23 H  N N 219 
LEU HXT  H  N N 220 
LYS N    N  N N 221 
LYS CA   C  N S 222 
LYS C    C  N N 223 
LYS O    O  N N 224 
LYS CB   C  N N 225 
LYS CG   C  N N 226 
LYS CD   C  N N 227 
LYS CE   C  N N 228 
LYS NZ   N  N N 229 
LYS OXT  O  N N 230 
LYS H    H  N N 231 
LYS H2   H  N N 232 
LYS HA   H  N N 233 
LYS HB2  H  N N 234 
LYS HB3  H  N N 235 
LYS HG2  H  N N 236 
LYS HG3  H  N N 237 
LYS HD2  H  N N 238 
LYS HD3  H  N N 239 
LYS HE2  H  N N 240 
LYS HE3  H  N N 241 
LYS HZ1  H  N N 242 
LYS HZ2  H  N N 243 
LYS HZ3  H  N N 244 
LYS HXT  H  N N 245 
MET N    N  N N 246 
MET CA   C  N S 247 
MET C    C  N N 248 
MET O    O  N N 249 
MET CB   C  N N 250 
MET CG   C  N N 251 
MET SD   S  N N 252 
MET CE   C  N N 253 
MET OXT  O  N N 254 
MET H    H  N N 255 
MET H2   H  N N 256 
MET HA   H  N N 257 
MET HB2  H  N N 258 
MET HB3  H  N N 259 
MET HG2  H  N N 260 
MET HG3  H  N N 261 
MET HE1  H  N N 262 
MET HE2  H  N N 263 
MET HE3  H  N N 264 
MET HXT  H  N N 265 
PHE N    N  N N 266 
PHE CA   C  N S 267 
PHE C    C  N N 268 
PHE O    O  N N 269 
PHE CB   C  N N 270 
PHE CG   C  Y N 271 
PHE CD1  C  Y N 272 
PHE CD2  C  Y N 273 
PHE CE1  C  Y N 274 
PHE CE2  C  Y N 275 
PHE CZ   C  Y N 276 
PHE OXT  O  N N 277 
PHE H    H  N N 278 
PHE H2   H  N N 279 
PHE HA   H  N N 280 
PHE HB2  H  N N 281 
PHE HB3  H  N N 282 
PHE HD1  H  N N 283 
PHE HD2  H  N N 284 
PHE HE1  H  N N 285 
PHE HE2  H  N N 286 
PHE HZ   H  N N 287 
PHE HXT  H  N N 288 
PRO N    N  N N 289 
PRO CA   C  N S 290 
PRO C    C  N N 291 
PRO O    O  N N 292 
PRO CB   C  N N 293 
PRO CG   C  N N 294 
PRO CD   C  N N 295 
PRO OXT  O  N N 296 
PRO H    H  N N 297 
PRO HA   H  N N 298 
PRO HB2  H  N N 299 
PRO HB3  H  N N 300 
PRO HG2  H  N N 301 
PRO HG3  H  N N 302 
PRO HD2  H  N N 303 
PRO HD3  H  N N 304 
PRO HXT  H  N N 305 
SER N    N  N N 306 
SER CA   C  N S 307 
SER C    C  N N 308 
SER O    O  N N 309 
SER CB   C  N N 310 
SER OG   O  N N 311 
SER OXT  O  N N 312 
SER H    H  N N 313 
SER H2   H  N N 314 
SER HA   H  N N 315 
SER HB2  H  N N 316 
SER HB3  H  N N 317 
SER HG   H  N N 318 
SER HXT  H  N N 319 
THR N    N  N N 320 
THR CA   C  N S 321 
THR C    C  N N 322 
THR O    O  N N 323 
THR CB   C  N R 324 
THR OG1  O  N N 325 
THR CG2  C  N N 326 
THR OXT  O  N N 327 
THR H    H  N N 328 
THR H2   H  N N 329 
THR HA   H  N N 330 
THR HB   H  N N 331 
THR HG1  H  N N 332 
THR HG21 H  N N 333 
THR HG22 H  N N 334 
THR HG23 H  N N 335 
THR HXT  H  N N 336 
TRP N    N  N N 337 
TRP CA   C  N S 338 
TRP C    C  N N 339 
TRP O    O  N N 340 
TRP CB   C  N N 341 
TRP CG   C  Y N 342 
TRP CD1  C  Y N 343 
TRP CD2  C  Y N 344 
TRP NE1  N  Y N 345 
TRP CE2  C  Y N 346 
TRP CE3  C  Y N 347 
TRP CZ2  C  Y N 348 
TRP CZ3  C  Y N 349 
TRP CH2  C  Y N 350 
TRP OXT  O  N N 351 
TRP H    H  N N 352 
TRP H2   H  N N 353 
TRP HA   H  N N 354 
TRP HB2  H  N N 355 
TRP HB3  H  N N 356 
TRP HD1  H  N N 357 
TRP HE1  H  N N 358 
TRP HE3  H  N N 359 
TRP HZ2  H  N N 360 
TRP HZ3  H  N N 361 
TRP HH2  H  N N 362 
TRP HXT  H  N N 363 
TRS C    C  N N 364 
TRS C1   C  N N 365 
TRS C2   C  N N 366 
TRS C3   C  N N 367 
TRS N    N  N N 368 
TRS O1   O  N N 369 
TRS O2   O  N N 370 
TRS O3   O  N N 371 
TRS H11  H  N N 372 
TRS H12  H  N N 373 
TRS H21  H  N N 374 
TRS H22  H  N N 375 
TRS H31  H  N N 376 
TRS H32  H  N N 377 
TRS HN1  H  N N 378 
TRS HN2  H  N N 379 
TRS HN3  H  N N 380 
TRS HO1  H  N N 381 
TRS HO2  H  N N 382 
TRS HO3  H  N N 383 
TYR N    N  N N 384 
TYR CA   C  N S 385 
TYR C    C  N N 386 
TYR O    O  N N 387 
TYR CB   C  N N 388 
TYR CG   C  Y N 389 
TYR CD1  C  Y N 390 
TYR CD2  C  Y N 391 
TYR CE1  C  Y N 392 
TYR CE2  C  Y N 393 
TYR CZ   C  Y N 394 
TYR OH   O  N N 395 
TYR OXT  O  N N 396 
TYR H    H  N N 397 
TYR H2   H  N N 398 
TYR HA   H  N N 399 
TYR HB2  H  N N 400 
TYR HB3  H  N N 401 
TYR HD1  H  N N 402 
TYR HD2  H  N N 403 
TYR HE1  H  N N 404 
TYR HE2  H  N N 405 
TYR HH   H  N N 406 
TYR HXT  H  N N 407 
VAL N    N  N N 408 
VAL CA   C  N S 409 
VAL C    C  N N 410 
VAL O    O  N N 411 
VAL CB   C  N N 412 
VAL CG1  C  N N 413 
VAL CG2  C  N N 414 
VAL OXT  O  N N 415 
VAL H    H  N N 416 
VAL H2   H  N N 417 
VAL HA   H  N N 418 
VAL HB   H  N N 419 
VAL HG11 H  N N 420 
VAL HG12 H  N N 421 
VAL HG13 H  N N 422 
VAL HG21 H  N N 423 
VAL HG22 H  N N 424 
VAL HG23 H  N N 425 
VAL HXT  H  N N 426 
# 
loop_
_chem_comp_bond.comp_id 
_chem_comp_bond.atom_id_1 
_chem_comp_bond.atom_id_2 
_chem_comp_bond.value_order 
_chem_comp_bond.pdbx_aromatic_flag 
_chem_comp_bond.pdbx_stereo_config 
_chem_comp_bond.pdbx_ordinal 
3HA O8  C7   sing N N 1   
3HA O8  HO8  sing N N 2   
3HA C7  O9   doub N N 3   
3HA C7  C2   sing N N 4   
3HA C2  C1   sing Y N 5   
3HA C2  C3   doub Y N 6   
3HA C1  C6   doub Y N 7   
3HA C1  H1   sing N N 8   
3HA C6  C5   sing Y N 9   
3HA C6  H6   sing N N 10  
3HA C5  C4   doub Y N 11  
3HA C5  H5   sing N N 12  
3HA C4  O11  sing N N 13  
3HA C4  C3   sing Y N 14  
3HA O11 H11  sing N N 15  
3HA C3  N10  sing N N 16  
3HA N10 H101 sing N N 17  
3HA N10 H102 sing N N 18  
ALA N   CA   sing N N 19  
ALA N   H    sing N N 20  
ALA N   H2   sing N N 21  
ALA CA  C    sing N N 22  
ALA CA  CB   sing N N 23  
ALA CA  HA   sing N N 24  
ALA C   O    doub N N 25  
ALA C   OXT  sing N N 26  
ALA CB  HB1  sing N N 27  
ALA CB  HB2  sing N N 28  
ALA CB  HB3  sing N N 29  
ALA OXT HXT  sing N N 30  
ARG N   CA   sing N N 31  
ARG N   H    sing N N 32  
ARG N   H2   sing N N 33  
ARG CA  C    sing N N 34  
ARG CA  CB   sing N N 35  
ARG CA  HA   sing N N 36  
ARG C   O    doub N N 37  
ARG C   OXT  sing N N 38  
ARG CB  CG   sing N N 39  
ARG CB  HB2  sing N N 40  
ARG CB  HB3  sing N N 41  
ARG CG  CD   sing N N 42  
ARG CG  HG2  sing N N 43  
ARG CG  HG3  sing N N 44  
ARG CD  NE   sing N N 45  
ARG CD  HD2  sing N N 46  
ARG CD  HD3  sing N N 47  
ARG NE  CZ   sing N N 48  
ARG NE  HE   sing N N 49  
ARG CZ  NH1  sing N N 50  
ARG CZ  NH2  doub N N 51  
ARG NH1 HH11 sing N N 52  
ARG NH1 HH12 sing N N 53  
ARG NH2 HH21 sing N N 54  
ARG NH2 HH22 sing N N 55  
ARG OXT HXT  sing N N 56  
ASN N   CA   sing N N 57  
ASN N   H    sing N N 58  
ASN N   H2   sing N N 59  
ASN CA  C    sing N N 60  
ASN CA  CB   sing N N 61  
ASN CA  HA   sing N N 62  
ASN C   O    doub N N 63  
ASN C   OXT  sing N N 64  
ASN CB  CG   sing N N 65  
ASN CB  HB2  sing N N 66  
ASN CB  HB3  sing N N 67  
ASN CG  OD1  doub N N 68  
ASN CG  ND2  sing N N 69  
ASN ND2 HD21 sing N N 70  
ASN ND2 HD22 sing N N 71  
ASN OXT HXT  sing N N 72  
ASP N   CA   sing N N 73  
ASP N   H    sing N N 74  
ASP N   H2   sing N N 75  
ASP CA  C    sing N N 76  
ASP CA  CB   sing N N 77  
ASP CA  HA   sing N N 78  
ASP C   O    doub N N 79  
ASP C   OXT  sing N N 80  
ASP CB  CG   sing N N 81  
ASP CB  HB2  sing N N 82  
ASP CB  HB3  sing N N 83  
ASP CG  OD1  doub N N 84  
ASP CG  OD2  sing N N 85  
ASP OD2 HD2  sing N N 86  
ASP OXT HXT  sing N N 87  
CYS N   CA   sing N N 88  
CYS N   H    sing N N 89  
CYS N   H2   sing N N 90  
CYS CA  C    sing N N 91  
CYS CA  CB   sing N N 92  
CYS CA  HA   sing N N 93  
CYS C   O    doub N N 94  
CYS C   OXT  sing N N 95  
CYS CB  SG   sing N N 96  
CYS CB  HB2  sing N N 97  
CYS CB  HB3  sing N N 98  
CYS SG  HG   sing N N 99  
CYS OXT HXT  sing N N 100 
GLN N   CA   sing N N 101 
GLN N   H    sing N N 102 
GLN N   H2   sing N N 103 
GLN CA  C    sing N N 104 
GLN CA  CB   sing N N 105 
GLN CA  HA   sing N N 106 
GLN C   O    doub N N 107 
GLN C   OXT  sing N N 108 
GLN CB  CG   sing N N 109 
GLN CB  HB2  sing N N 110 
GLN CB  HB3  sing N N 111 
GLN CG  CD   sing N N 112 
GLN CG  HG2  sing N N 113 
GLN CG  HG3  sing N N 114 
GLN CD  OE1  doub N N 115 
GLN CD  NE2  sing N N 116 
GLN NE2 HE21 sing N N 117 
GLN NE2 HE22 sing N N 118 
GLN OXT HXT  sing N N 119 
GLU N   CA   sing N N 120 
GLU N   H    sing N N 121 
GLU N   H2   sing N N 122 
GLU CA  C    sing N N 123 
GLU CA  CB   sing N N 124 
GLU CA  HA   sing N N 125 
GLU C   O    doub N N 126 
GLU C   OXT  sing N N 127 
GLU CB  CG   sing N N 128 
GLU CB  HB2  sing N N 129 
GLU CB  HB3  sing N N 130 
GLU CG  CD   sing N N 131 
GLU CG  HG2  sing N N 132 
GLU CG  HG3  sing N N 133 
GLU CD  OE1  doub N N 134 
GLU CD  OE2  sing N N 135 
GLU OE2 HE2  sing N N 136 
GLU OXT HXT  sing N N 137 
GLY N   CA   sing N N 138 
GLY N   H    sing N N 139 
GLY N   H2   sing N N 140 
GLY CA  C    sing N N 141 
GLY CA  HA2  sing N N 142 
GLY CA  HA3  sing N N 143 
GLY C   O    doub N N 144 
GLY C   OXT  sing N N 145 
GLY OXT HXT  sing N N 146 
HIS N   CA   sing N N 147 
HIS N   H    sing N N 148 
HIS N   H2   sing N N 149 
HIS CA  C    sing N N 150 
HIS CA  CB   sing N N 151 
HIS CA  HA   sing N N 152 
HIS C   O    doub N N 153 
HIS C   OXT  sing N N 154 
HIS CB  CG   sing N N 155 
HIS CB  HB2  sing N N 156 
HIS CB  HB3  sing N N 157 
HIS CG  ND1  sing Y N 158 
HIS CG  CD2  doub Y N 159 
HIS ND1 CE1  doub Y N 160 
HIS ND1 HD1  sing N N 161 
HIS CD2 NE2  sing Y N 162 
HIS CD2 HD2  sing N N 163 
HIS CE1 NE2  sing Y N 164 
HIS CE1 HE1  sing N N 165 
HIS NE2 HE2  sing N N 166 
HIS OXT HXT  sing N N 167 
ILE N   CA   sing N N 168 
ILE N   H    sing N N 169 
ILE N   H2   sing N N 170 
ILE CA  C    sing N N 171 
ILE CA  CB   sing N N 172 
ILE CA  HA   sing N N 173 
ILE C   O    doub N N 174 
ILE C   OXT  sing N N 175 
ILE CB  CG1  sing N N 176 
ILE CB  CG2  sing N N 177 
ILE CB  HB   sing N N 178 
ILE CG1 CD1  sing N N 179 
ILE CG1 HG12 sing N N 180 
ILE CG1 HG13 sing N N 181 
ILE CG2 HG21 sing N N 182 
ILE CG2 HG22 sing N N 183 
ILE CG2 HG23 sing N N 184 
ILE CD1 HD11 sing N N 185 
ILE CD1 HD12 sing N N 186 
ILE CD1 HD13 sing N N 187 
ILE OXT HXT  sing N N 188 
LEU N   CA   sing N N 189 
LEU N   H    sing N N 190 
LEU N   H2   sing N N 191 
LEU CA  C    sing N N 192 
LEU CA  CB   sing N N 193 
LEU CA  HA   sing N N 194 
LEU C   O    doub N N 195 
LEU C   OXT  sing N N 196 
LEU CB  CG   sing N N 197 
LEU CB  HB2  sing N N 198 
LEU CB  HB3  sing N N 199 
LEU CG  CD1  sing N N 200 
LEU CG  CD2  sing N N 201 
LEU CG  HG   sing N N 202 
LEU CD1 HD11 sing N N 203 
LEU CD1 HD12 sing N N 204 
LEU CD1 HD13 sing N N 205 
LEU CD2 HD21 sing N N 206 
LEU CD2 HD22 sing N N 207 
LEU CD2 HD23 sing N N 208 
LEU OXT HXT  sing N N 209 
LYS N   CA   sing N N 210 
LYS N   H    sing N N 211 
LYS N   H2   sing N N 212 
LYS CA  C    sing N N 213 
LYS CA  CB   sing N N 214 
LYS CA  HA   sing N N 215 
LYS C   O    doub N N 216 
LYS C   OXT  sing N N 217 
LYS CB  CG   sing N N 218 
LYS CB  HB2  sing N N 219 
LYS CB  HB3  sing N N 220 
LYS CG  CD   sing N N 221 
LYS CG  HG2  sing N N 222 
LYS CG  HG3  sing N N 223 
LYS CD  CE   sing N N 224 
LYS CD  HD2  sing N N 225 
LYS CD  HD3  sing N N 226 
LYS CE  NZ   sing N N 227 
LYS CE  HE2  sing N N 228 
LYS CE  HE3  sing N N 229 
LYS NZ  HZ1  sing N N 230 
LYS NZ  HZ2  sing N N 231 
LYS NZ  HZ3  sing N N 232 
LYS OXT HXT  sing N N 233 
MET N   CA   sing N N 234 
MET N   H    sing N N 235 
MET N   H2   sing N N 236 
MET CA  C    sing N N 237 
MET CA  CB   sing N N 238 
MET CA  HA   sing N N 239 
MET C   O    doub N N 240 
MET C   OXT  sing N N 241 
MET CB  CG   sing N N 242 
MET CB  HB2  sing N N 243 
MET CB  HB3  sing N N 244 
MET CG  SD   sing N N 245 
MET CG  HG2  sing N N 246 
MET CG  HG3  sing N N 247 
MET SD  CE   sing N N 248 
MET CE  HE1  sing N N 249 
MET CE  HE2  sing N N 250 
MET CE  HE3  sing N N 251 
MET OXT HXT  sing N N 252 
PHE N   CA   sing N N 253 
PHE N   H    sing N N 254 
PHE N   H2   sing N N 255 
PHE CA  C    sing N N 256 
PHE CA  CB   sing N N 257 
PHE CA  HA   sing N N 258 
PHE C   O    doub N N 259 
PHE C   OXT  sing N N 260 
PHE CB  CG   sing N N 261 
PHE CB  HB2  sing N N 262 
PHE CB  HB3  sing N N 263 
PHE CG  CD1  doub Y N 264 
PHE CG  CD2  sing Y N 265 
PHE CD1 CE1  sing Y N 266 
PHE CD1 HD1  sing N N 267 
PHE CD2 CE2  doub Y N 268 
PHE CD2 HD2  sing N N 269 
PHE CE1 CZ   doub Y N 270 
PHE CE1 HE1  sing N N 271 
PHE CE2 CZ   sing Y N 272 
PHE CE2 HE2  sing N N 273 
PHE CZ  HZ   sing N N 274 
PHE OXT HXT  sing N N 275 
PRO N   CA   sing N N 276 
PRO N   CD   sing N N 277 
PRO N   H    sing N N 278 
PRO CA  C    sing N N 279 
PRO CA  CB   sing N N 280 
PRO CA  HA   sing N N 281 
PRO C   O    doub N N 282 
PRO C   OXT  sing N N 283 
PRO CB  CG   sing N N 284 
PRO CB  HB2  sing N N 285 
PRO CB  HB3  sing N N 286 
PRO CG  CD   sing N N 287 
PRO CG  HG2  sing N N 288 
PRO CG  HG3  sing N N 289 
PRO CD  HD2  sing N N 290 
PRO CD  HD3  sing N N 291 
PRO OXT HXT  sing N N 292 
SER N   CA   sing N N 293 
SER N   H    sing N N 294 
SER N   H2   sing N N 295 
SER CA  C    sing N N 296 
SER CA  CB   sing N N 297 
SER CA  HA   sing N N 298 
SER C   O    doub N N 299 
SER C   OXT  sing N N 300 
SER CB  OG   sing N N 301 
SER CB  HB2  sing N N 302 
SER CB  HB3  sing N N 303 
SER OG  HG   sing N N 304 
SER OXT HXT  sing N N 305 
THR N   CA   sing N N 306 
THR N   H    sing N N 307 
THR N   H2   sing N N 308 
THR CA  C    sing N N 309 
THR CA  CB   sing N N 310 
THR CA  HA   sing N N 311 
THR C   O    doub N N 312 
THR C   OXT  sing N N 313 
THR CB  OG1  sing N N 314 
THR CB  CG2  sing N N 315 
THR CB  HB   sing N N 316 
THR OG1 HG1  sing N N 317 
THR CG2 HG21 sing N N 318 
THR CG2 HG22 sing N N 319 
THR CG2 HG23 sing N N 320 
THR OXT HXT  sing N N 321 
TRP N   CA   sing N N 322 
TRP N   H    sing N N 323 
TRP N   H2   sing N N 324 
TRP CA  C    sing N N 325 
TRP CA  CB   sing N N 326 
TRP CA  HA   sing N N 327 
TRP C   O    doub N N 328 
TRP C   OXT  sing N N 329 
TRP CB  CG   sing N N 330 
TRP CB  HB2  sing N N 331 
TRP CB  HB3  sing N N 332 
TRP CG  CD1  doub Y N 333 
TRP CG  CD2  sing Y N 334 
TRP CD1 NE1  sing Y N 335 
TRP CD1 HD1  sing N N 336 
TRP CD2 CE2  doub Y N 337 
TRP CD2 CE3  sing Y N 338 
TRP NE1 CE2  sing Y N 339 
TRP NE1 HE1  sing N N 340 
TRP CE2 CZ2  sing Y N 341 
TRP CE3 CZ3  doub Y N 342 
TRP CE3 HE3  sing N N 343 
TRP CZ2 CH2  doub Y N 344 
TRP CZ2 HZ2  sing N N 345 
TRP CZ3 CH2  sing Y N 346 
TRP CZ3 HZ3  sing N N 347 
TRP CH2 HH2  sing N N 348 
TRP OXT HXT  sing N N 349 
TRS C   C1   sing N N 350 
TRS C   C2   sing N N 351 
TRS C   C3   sing N N 352 
TRS C   N    sing N N 353 
TRS C1  O1   sing N N 354 
TRS C1  H11  sing N N 355 
TRS C1  H12  sing N N 356 
TRS C2  O2   sing N N 357 
TRS C2  H21  sing N N 358 
TRS C2  H22  sing N N 359 
TRS C3  O3   sing N N 360 
TRS C3  H31  sing N N 361 
TRS C3  H32  sing N N 362 
TRS N   HN1  sing N N 363 
TRS N   HN2  sing N N 364 
TRS N   HN3  sing N N 365 
TRS O1  HO1  sing N N 366 
TRS O2  HO2  sing N N 367 
TRS O3  HO3  sing N N 368 
TYR N   CA   sing N N 369 
TYR N   H    sing N N 370 
TYR N   H2   sing N N 371 
TYR CA  C    sing N N 372 
TYR CA  CB   sing N N 373 
TYR CA  HA   sing N N 374 
TYR C   O    doub N N 375 
TYR C   OXT  sing N N 376 
TYR CB  CG   sing N N 377 
TYR CB  HB2  sing N N 378 
TYR CB  HB3  sing N N 379 
TYR CG  CD1  doub Y N 380 
TYR CG  CD2  sing Y N 381 
TYR CD1 CE1  sing Y N 382 
TYR CD1 HD1  sing N N 383 
TYR CD2 CE2  doub Y N 384 
TYR CD2 HD2  sing N N 385 
TYR CE1 CZ   doub Y N 386 
TYR CE1 HE1  sing N N 387 
TYR CE2 CZ   sing Y N 388 
TYR CE2 HE2  sing N N 389 
TYR CZ  OH   sing N N 390 
TYR OH  HH   sing N N 391 
TYR OXT HXT  sing N N 392 
VAL N   CA   sing N N 393 
VAL N   H    sing N N 394 
VAL N   H2   sing N N 395 
VAL CA  C    sing N N 396 
VAL CA  CB   sing N N 397 
VAL CA  HA   sing N N 398 
VAL C   O    doub N N 399 
VAL C   OXT  sing N N 400 
VAL CB  CG1  sing N N 401 
VAL CB  CG2  sing N N 402 
VAL CB  HB   sing N N 403 
VAL CG1 HG11 sing N N 404 
VAL CG1 HG12 sing N N 405 
VAL CG1 HG13 sing N N 406 
VAL CG2 HG21 sing N N 407 
VAL CG2 HG22 sing N N 408 
VAL CG2 HG23 sing N N 409 
VAL OXT HXT  sing N N 410 
# 
_atom_sites.entry_id                    1YFY 
_atom_sites.fract_transf_matrix[1][1]   0.01616658 
_atom_sites.fract_transf_matrix[1][2]   -0.00922819 
_atom_sites.fract_transf_matrix[1][3]   -0.00656387 
_atom_sites.fract_transf_matrix[2][1]   0.01018864 
_atom_sites.fract_transf_matrix[2][2]   -0.01184118 
_atom_sites.fract_transf_matrix[2][3]   0.01206510 
_atom_sites.fract_transf_matrix[3][1]   -0.00242912 
_atom_sites.fract_transf_matrix[3][2]   -0.00336531 
_atom_sites.fract_transf_matrix[3][3]   -0.00125153 
_atom_sites.fract_transf_vector[1]      0.395088 
_atom_sites.fract_transf_vector[2]      0.469383 
_atom_sites.fract_transf_vector[3]      0.017645 
# 
loop_
_atom_type.symbol 
C  
FE 
N  
O  
S  
# 
loop_
_atom_site.group_PDB 
_atom_site.id 
_atom_site.type_symbol 
_atom_site.label_atom_id 
_atom_site.label_alt_id 
_atom_site.label_comp_id 
_atom_site.label_asym_id 
_atom_site.label_entity_id 
_atom_site.label_seq_id 
_atom_site.pdbx_PDB_ins_code 
_atom_site.Cartn_x 
_atom_site.Cartn_y 
_atom_site.Cartn_z 
_atom_site.occupancy 
_atom_site.B_iso_or_equiv 
_atom_site.pdbx_formal_charge 
_atom_site.auth_seq_id 
_atom_site.auth_comp_id 
_atom_site.auth_asym_id 
_atom_site.auth_atom_id 
_atom_site.pdbx_PDB_model_num 
ATOM   1    N  N   . MET A 1 1   ? 8.190   -30.059 -7.817  1.00 48.80  ? 1   MET A N   1 
ATOM   2    C  CA  . MET A 1 1   ? 7.828   -30.268 -6.388  1.00 48.50  ? 1   MET A CA  1 
ATOM   3    C  C   . MET A 1 1   ? 6.981   -29.116 -5.858  1.00 46.57  ? 1   MET A C   1 
ATOM   4    O  O   . MET A 1 1   ? 6.434   -28.325 -6.629  1.00 46.66  ? 1   MET A O   1 
ATOM   5    C  CB  . MET A 1 1   ? 9.092   -30.423 -5.532  1.00 91.51  ? 1   MET A CB  1 
ATOM   6    C  CG  . MET A 1 1   ? 10.008  -29.204 -5.528  1.00 93.97  ? 1   MET A CG  1 
ATOM   7    S  SD  . MET A 1 1   ? 11.366  -29.356 -4.340  1.00 97.69  ? 1   MET A SD  1 
ATOM   8    C  CE  . MET A 1 1   ? 12.499  -30.391 -5.288  1.00 94.14  ? 1   MET A CE  1 
ATOM   9    N  N   . LEU A 1 2   ? 6.885   -29.028 -4.538  1.00 51.96  ? 2   LEU A N   1 
ATOM   10   C  CA  . LEU A 1 2   ? 6.089   -27.994 -3.900  1.00 49.81  ? 2   LEU A CA  1 
ATOM   11   C  C   . LEU A 1 2   ? 6.875   -26.742 -3.597  1.00 48.29  ? 2   LEU A C   1 
ATOM   12   O  O   . LEU A 1 2   ? 6.805   -26.223 -2.486  1.00 48.01  ? 2   LEU A O   1 
ATOM   13   C  CB  . LEU A 1 2   ? 5.491   -28.537 -2.616  1.00 58.50  ? 2   LEU A CB  1 
ATOM   14   C  CG  . LEU A 1 2   ? 4.483   -29.646 -2.888  1.00 58.39  ? 2   LEU A CG  1 
ATOM   15   C  CD1 . LEU A 1 2   ? 4.049   -30.293 -1.580  1.00 58.97  ? 2   LEU A CD1 1 
ATOM   16   C  CD2 . LEU A 1 2   ? 3.300   -29.059 -3.639  1.00 57.28  ? 2   LEU A CD2 1 
ATOM   17   N  N   . THR A 1 3   ? 7.603   -26.265 -4.599  1.00 48.51  ? 3   THR A N   1 
ATOM   18   C  CA  . THR A 1 3   ? 8.429   -25.074 -4.488  1.00 45.56  ? 3   THR A CA  1 
ATOM   19   C  C   . THR A 1 3   ? 8.145   -24.229 -3.250  1.00 45.16  ? 3   THR A C   1 
ATOM   20   O  O   . THR A 1 3   ? 9.057   -23.894 -2.495  1.00 45.11  ? 3   THR A O   1 
ATOM   21   C  CB  . THR A 1 3   ? 8.270   -24.185 -5.725  1.00 35.33  ? 3   THR A CB  1 
ATOM   22   O  OG1 . THR A 1 3   ? 8.442   -24.973 -6.908  1.00 34.57  ? 3   THR A OG1 1 
ATOM   23   C  CG2 . THR A 1 3   ? 9.308   -23.080 -5.710  1.00 33.96  ? 3   THR A CG2 1 
ATOM   24   N  N   . TYR A 1 4   ? 6.878   -23.896 -3.031  1.00 67.73  ? 4   TYR A N   1 
ATOM   25   C  CA  . TYR A 1 4   ? 6.503   -23.075 -1.882  1.00 66.88  ? 4   TYR A CA  1 
ATOM   26   C  C   . TYR A 1 4   ? 6.311   -23.898 -0.616  1.00 67.21  ? 4   TYR A C   1 
ATOM   27   O  O   . TYR A 1 4   ? 5.456   -23.593 0.216   1.00 67.41  ? 4   TYR A O   1 
ATOM   28   C  CB  . TYR A 1 4   ? 5.221   -22.302 -2.191  1.00 25.42  ? 4   TYR A CB  1 
ATOM   29   C  CG  . TYR A 1 4   ? 5.214   -21.690 -3.569  1.00 21.49  ? 4   TYR A CG  1 
ATOM   30   C  CD1 . TYR A 1 4   ? 6.303   -20.959 -4.026  1.00 19.83  ? 4   TYR A CD1 1 
ATOM   31   C  CD2 . TYR A 1 4   ? 4.125   -21.850 -4.417  1.00 20.33  ? 4   TYR A CD2 1 
ATOM   32   C  CE1 . TYR A 1 4   ? 6.311   -20.409 -5.286  1.00 18.16  ? 4   TYR A CE1 1 
ATOM   33   C  CE2 . TYR A 1 4   ? 4.123   -21.299 -5.679  1.00 18.55  ? 4   TYR A CE2 1 
ATOM   34   C  CZ  . TYR A 1 4   ? 5.220   -20.580 -6.105  1.00 17.83  ? 4   TYR A CZ  1 
ATOM   35   O  OH  . TYR A 1 4   ? 5.225   -20.008 -7.347  1.00 17.74  ? 4   TYR A OH  1 
ATOM   36   N  N   . GLY A 1 5   ? 7.122   -24.935 -0.463  1.00 36.44  ? 5   GLY A N   1 
ATOM   37   C  CA  . GLY A 1 5   ? 6.999   -25.771 0.709   1.00 35.43  ? 5   GLY A CA  1 
ATOM   38   C  C   . GLY A 1 5   ? 5.594   -26.310 0.767   1.00 34.71  ? 5   GLY A C   1 
ATOM   39   O  O   . GLY A 1 5   ? 4.857   -26.231 -0.213  1.00 33.26  ? 5   GLY A O   1 
ATOM   40   N  N   . ALA A 1 6   ? 5.225   -26.847 1.923   1.00 43.66  ? 6   ALA A N   1 
ATOM   41   C  CA  . ALA A 1 6   ? 3.899   -27.421 2.126   1.00 43.77  ? 6   ALA A CA  1 
ATOM   42   C  C   . ALA A 1 6   ? 3.037   -26.451 2.924   1.00 43.55  ? 6   ALA A C   1 
ATOM   43   O  O   . ALA A 1 6   ? 3.472   -25.346 3.227   1.00 43.39  ? 6   ALA A O   1 
ATOM   44   C  CB  . ALA A 1 6   ? 4.018   -28.765 2.867   1.00 52.55  ? 6   ALA A CB  1 
ATOM   45   N  N   . PRO A 1 7   ? 1.791   -26.844 3.253   1.00 53.72  ? 7   PRO A N   1 
ATOM   46   C  CA  . PRO A 1 7   ? 0.897   -25.972 4.023   1.00 53.27  ? 7   PRO A CA  1 
ATOM   47   C  C   . PRO A 1 7   ? 1.386   -25.705 5.446   1.00 52.07  ? 7   PRO A C   1 
ATOM   48   O  O   . PRO A 1 7   ? 2.183   -26.469 5.986   1.00 51.94  ? 7   PRO A O   1 
ATOM   49   C  CB  . PRO A 1 7   ? -0.431  -26.740 4.003   1.00 52.22  ? 7   PRO A CB  1 
ATOM   50   C  CG  . PRO A 1 7   ? -0.403  -27.410 2.674   1.00 51.85  ? 7   PRO A CG  1 
ATOM   51   C  CD  . PRO A 1 7   ? 1.024   -27.951 2.647   1.00 53.31  ? 7   PRO A CD  1 
ATOM   52   N  N   . PHE A 1 8   ? 0.904   -24.611 6.036   1.00 55.47  ? 8   PHE A N   1 
ATOM   53   C  CA  . PHE A 1 8   ? 1.259   -24.226 7.404   1.00 54.62  ? 8   PHE A CA  1 
ATOM   54   C  C   . PHE A 1 8   ? 0.184   -23.340 8.023   1.00 54.43  ? 8   PHE A C   1 
ATOM   55   O  O   . PHE A 1 8   ? -0.544  -22.639 7.314   1.00 54.40  ? 8   PHE A O   1 
ATOM   56   C  CB  . PHE A 1 8   ? 2.612   -23.502 7.447   1.00 34.62  ? 8   PHE A CB  1 
ATOM   57   C  CG  . PHE A 1 8   ? 2.616   -22.148 6.786   1.00 33.00  ? 8   PHE A CG  1 
ATOM   58   C  CD1 . PHE A 1 8   ? 2.084   -21.043 7.430   1.00 31.99  ? 8   PHE A CD1 1 
ATOM   59   C  CD2 . PHE A 1 8   ? 3.191   -21.973 5.530   1.00 32.80  ? 8   PHE A CD2 1 
ATOM   60   C  CE1 . PHE A 1 8   ? 2.131   -19.788 6.833   1.00 31.99  ? 8   PHE A CE1 1 
ATOM   61   C  CE2 . PHE A 1 8   ? 3.238   -20.726 4.929   1.00 32.30  ? 8   PHE A CE2 1 
ATOM   62   C  CZ  . PHE A 1 8   ? 2.708   -19.633 5.582   1.00 32.19  ? 8   PHE A CZ  1 
ATOM   63   N  N   . ASN A 1 9   ? 0.088   -23.379 9.349   1.00 53.13  ? 9   ASN A N   1 
ATOM   64   C  CA  . ASN A 1 9   ? -0.908  -22.583 10.051  1.00 51.83  ? 9   ASN A CA  1 
ATOM   65   C  C   . ASN A 1 9   ? -0.609  -21.108 9.847   1.00 50.61  ? 9   ASN A C   1 
ATOM   66   O  O   . ASN A 1 9   ? 0.503   -20.650 10.096  1.00 50.90  ? 9   ASN A O   1 
ATOM   67   C  CB  . ASN A 1 9   ? -0.923  -22.930 11.539  1.00 45.11  ? 9   ASN A CB  1 
ATOM   68   C  CG  . ASN A 1 9   ? -1.967  -22.150 12.293  1.00 46.30  ? 9   ASN A CG  1 
ATOM   69   O  OD1 . ASN A 1 9   ? -1.715  -21.036 12.745  1.00 47.54  ? 9   ASN A OD1 1 
ATOM   70   N  ND2 . ASN A 1 9   ? -3.160  -22.720 12.411  1.00 48.50  ? 9   ASN A ND2 1 
ATOM   71   N  N   . PHE A 1 10  ? -1.611  -20.369 9.392   1.00 34.13  ? 10  PHE A N   1 
ATOM   72   C  CA  . PHE A 1 10  ? -1.431  -18.959 9.118   1.00 32.24  ? 10  PHE A CA  1 
ATOM   73   C  C   . PHE A 1 10  ? -1.436  -18.078 10.362  1.00 31.12  ? 10  PHE A C   1 
ATOM   74   O  O   . PHE A 1 10  ? -0.640  -17.143 10.474  1.00 31.93  ? 10  PHE A O   1 
ATOM   75   C  CB  . PHE A 1 10  ? -2.493  -18.500 8.122   1.00 30.54  ? 10  PHE A CB  1 
ATOM   76   C  CG  . PHE A 1 10  ? -2.198  -17.179 7.497   1.00 29.08  ? 10  PHE A CG  1 
ATOM   77   C  CD1 . PHE A 1 10  ? -0.946  -16.598 7.637   1.00 28.28  ? 10  PHE A CD1 1 
ATOM   78   C  CD2 . PHE A 1 10  ? -3.174  -16.509 6.784   1.00 29.28  ? 10  PHE A CD2 1 
ATOM   79   C  CE1 . PHE A 1 10  ? -0.669  -15.371 7.084   1.00 29.67  ? 10  PHE A CE1 1 
ATOM   80   C  CE2 . PHE A 1 10  ? -2.905  -15.278 6.223   1.00 31.13  ? 10  PHE A CE2 1 
ATOM   81   C  CZ  . PHE A 1 10  ? -1.643  -14.703 6.375   1.00 30.79  ? 10  PHE A CZ  1 
ATOM   82   N  N   . PRO A 1 11  ? -2.345  -18.345 11.305  1.00 12.09  ? 11  PRO A N   1 
ATOM   83   C  CA  . PRO A 1 11  ? -2.379  -17.531 12.518  1.00 11.39  ? 11  PRO A CA  1 
ATOM   84   C  C   . PRO A 1 11  ? -1.049  -17.576 13.244  1.00 11.74  ? 11  PRO A C   1 
ATOM   85   O  O   . PRO A 1 11  ? -0.454  -16.543 13.510  1.00 10.94  ? 11  PRO A O   1 
ATOM   86   C  CB  . PRO A 1 11  ? -3.499  -18.168 13.309  1.00 29.92  ? 11  PRO A CB  1 
ATOM   87   C  CG  . PRO A 1 11  ? -4.463  -18.528 12.217  1.00 29.22  ? 11  PRO A CG  1 
ATOM   88   C  CD  . PRO A 1 11  ? -3.570  -19.148 11.177  1.00 28.32  ? 11  PRO A CD  1 
ATOM   89   N  N   . ARG A 1 12  ? -0.589  -18.782 13.553  1.00 22.12  ? 12  ARG A N   1 
ATOM   90   C  CA  . ARG A 1 12  ? 0.689   -18.976 14.234  1.00 24.55  ? 12  ARG A CA  1 
ATOM   91   C  C   . ARG A 1 12  ? 1.715   -18.061 13.567  1.00 23.94  ? 12  ARG A C   1 
ATOM   92   O  O   . ARG A 1 12  ? 2.288   -17.183 14.208  1.00 23.78  ? 12  ARG A O   1 
ATOM   93   C  CB  . ARG A 1 12  ? 1.128   -20.444 14.114  1.00 58.24  ? 12  ARG A CB  1 
ATOM   94   C  CG  . ARG A 1 12  ? 2.346   -20.851 14.963  1.00 63.84  ? 12  ARG A CG  1 
ATOM   95   C  CD  . ARG A 1 12  ? 2.789   -22.317 14.702  1.00 69.04  ? 12  ARG A CD  1 
ATOM   96   N  NE  . ARG A 1 12  ? 4.099   -22.629 15.295  1.00 73.98  ? 12  ARG A NE  1 
ATOM   97   C  CZ  . ARG A 1 12  ? 4.724   -23.810 15.210  1.00 75.71  ? 12  ARG A CZ  1 
ATOM   98   N  NH1 . ARG A 1 12  ? 4.170   -24.823 14.551  1.00 75.96  ? 12  ARG A NH1 1 
ATOM   99   N  NH2 . ARG A 1 12  ? 5.912   -23.979 15.786  1.00 76.58  ? 12  ARG A NH2 1 
ATOM   100  N  N   . TRP A 1 13  ? 1.926   -18.272 12.274  1.00 31.74  ? 13  TRP A N   1 
ATOM   101  C  CA  . TRP A 1 13  ? 2.859   -17.476 11.480  1.00 32.19  ? 13  TRP A CA  1 
ATOM   102  C  C   . TRP A 1 13  ? 2.738   -15.989 11.807  1.00 33.05  ? 13  TRP A C   1 
ATOM   103  O  O   . TRP A 1 13  ? 3.718   -15.316 12.142  1.00 34.80  ? 13  TRP A O   1 
ATOM   104  C  CB  . TRP A 1 13  ? 2.561   -17.674 9.997   1.00 30.98  ? 13  TRP A CB  1 
ATOM   105  C  CG  . TRP A 1 13  ? 3.589   -17.102 9.081   1.00 30.67  ? 13  TRP A CG  1 
ATOM   106  C  CD1 . TRP A 1 13  ? 4.772   -17.681 8.710   1.00 31.25  ? 13  TRP A CD1 1 
ATOM   107  C  CD2 . TRP A 1 13  ? 3.518   -15.857 8.382   1.00 29.56  ? 13  TRP A CD2 1 
ATOM   108  N  NE1 . TRP A 1 13  ? 5.436   -16.875 7.816   1.00 30.92  ? 13  TRP A NE1 1 
ATOM   109  C  CE2 . TRP A 1 13  ? 4.687   -15.749 7.597   1.00 30.36  ? 13  TRP A CE2 1 
ATOM   110  C  CE3 . TRP A 1 13  ? 2.581   -14.822 8.339   1.00 28.62  ? 13  TRP A CE3 1 
ATOM   111  C  CZ2 . TRP A 1 13  ? 4.936   -14.651 6.780   1.00 30.44  ? 13  TRP A CZ2 1 
ATOM   112  C  CZ3 . TRP A 1 13  ? 2.831   -13.732 7.528   1.00 27.74  ? 13  TRP A CZ3 1 
ATOM   113  C  CH2 . TRP A 1 13  ? 3.996   -13.656 6.760   1.00 28.96  ? 13  TRP A CH2 1 
ATOM   114  N  N   . ILE A 1 14  ? 1.526   -15.472 11.684  1.00 19.77  ? 14  ILE A N   1 
ATOM   115  C  CA  . ILE A 1 14  ? 1.277   -14.077 11.975  1.00 19.80  ? 14  ILE A CA  1 
ATOM   116  C  C   . ILE A 1 14  ? 1.803   -13.760 13.365  1.00 21.16  ? 14  ILE A C   1 
ATOM   117  O  O   . ILE A 1 14  ? 2.445   -12.730 13.568  1.00 20.97  ? 14  ILE A O   1 
ATOM   118  C  CB  . ILE A 1 14  ? -0.215  -13.784 11.920  1.00 40.64  ? 14  ILE A CB  1 
ATOM   119  C  CG1 . ILE A 1 14  ? -0.698  -13.854 10.466  1.00 40.06  ? 14  ILE A CG1 1 
ATOM   120  C  CG2 . ILE A 1 14  ? -0.497  -12.446 12.558  1.00 39.20  ? 14  ILE A CG2 1 
ATOM   121  C  CD1 . ILE A 1 14  ? -2.206  -13.738 10.284  1.00 41.40  ? 14  ILE A CD1 1 
ATOM   122  N  N   . ASP A 1 15  ? 1.534   -14.662 14.313  1.00 29.94  ? 15  ASP A N   1 
ATOM   123  C  CA  . ASP A 1 15  ? 1.977   -14.509 15.700  1.00 30.44  ? 15  ASP A CA  1 
ATOM   124  C  C   . ASP A 1 15  ? 3.499   -14.503 15.855  1.00 32.18  ? 15  ASP A C   1 
ATOM   125  O  O   . ASP A 1 15  ? 4.042   -13.753 16.664  1.00 31.75  ? 15  ASP A O   1 
ATOM   126  C  CB  . ASP A 1 15  ? 1.376   -15.611 16.577  1.00 28.12  ? 15  ASP A CB  1 
ATOM   127  C  CG  . ASP A 1 15  ? -0.097  -15.391 16.867  1.00 26.82  ? 15  ASP A CG  1 
ATOM   128  O  OD1 . ASP A 1 15  ? -0.476  -14.275 17.267  1.00 26.47  ? 15  ASP A OD1 1 
ATOM   129  O  OD2 . ASP A 1 15  ? -0.887  -16.335 16.712  1.00 26.91  ? 15  ASP A OD2 1 
ATOM   130  N  N   . GLU A 1 16  ? 4.190   -15.329 15.080  1.00 48.12  ? 16  GLU A N   1 
ATOM   131  C  CA  . GLU A 1 16  ? 5.644   -15.378 15.159  1.00 51.72  ? 16  GLU A CA  1 
ATOM   132  C  C   . GLU A 1 16  ? 6.292   -14.143 14.563  1.00 52.79  ? 16  GLU A C   1 
ATOM   133  O  O   . GLU A 1 16  ? 7.119   -13.493 15.209  1.00 53.28  ? 16  GLU A O   1 
ATOM   134  C  CB  . GLU A 1 16  ? 6.206   -16.575 14.408  1.00 69.66  ? 16  GLU A CB  1 
ATOM   135  C  CG  . GLU A 1 16  ? 5.729   -17.914 14.867  1.00 73.75  ? 16  GLU A CG  1 
ATOM   136  C  CD  . GLU A 1 16  ? 6.510   -19.021 14.205  1.00 76.81  ? 16  GLU A CD  1 
ATOM   137  O  OE1 . GLU A 1 16  ? 6.115   -20.202 14.361  1.00 77.68  ? 16  GLU A OE1 1 
ATOM   138  O  OE2 . GLU A 1 16  ? 7.525   -18.698 13.536  1.00 78.08  ? 16  GLU A OE2 1 
ATOM   139  N  N   . HIS A 1 17  ? 5.939   -13.841 13.316  1.00 43.45  ? 17  HIS A N   1 
ATOM   140  C  CA  . HIS A 1 17  ? 6.514   -12.694 12.628  1.00 44.21  ? 17  HIS A CA  1 
ATOM   141  C  C   . HIS A 1 17  ? 5.766   -11.416 12.968  1.00 45.21  ? 17  HIS A C   1 
ATOM   142  O  O   . HIS A 1 17  ? 5.657   -10.508 12.152  1.00 46.27  ? 17  HIS A O   1 
ATOM   143  C  CB  . HIS A 1 17  ? 6.492   -12.907 11.114  1.00 57.33  ? 17  HIS A CB  1 
ATOM   144  C  CG  . HIS A 1 17  ? 7.194   -14.150 10.660  1.00 57.21  ? 17  HIS A CG  1 
ATOM   145  N  ND1 . HIS A 1 17  ? 6.720   -15.415 10.930  1.00 57.23  ? 17  HIS A ND1 1 
ATOM   146  C  CD2 . HIS A 1 17  ? 8.326   -14.320 9.935   1.00 57.47  ? 17  HIS A CD2 1 
ATOM   147  C  CE1 . HIS A 1 17  ? 7.526   -16.311 10.390  1.00 57.65  ? 17  HIS A CE1 1 
ATOM   148  N  NE2 . HIS A 1 17  ? 8.509   -15.673 9.781   1.00 58.11  ? 17  HIS A NE2 1 
ATOM   149  N  N   . ALA A 1 18  ? 5.247   -11.346 14.181  1.00 30.02  ? 18  ALA A N   1 
ATOM   150  C  CA  . ALA A 1 18  ? 4.517   -10.166 14.606  1.00 30.83  ? 18  ALA A CA  1 
ATOM   151  C  C   . ALA A 1 18  ? 5.453   -8.981  14.758  1.00 30.58  ? 18  ALA A C   1 
ATOM   152  O  O   . ALA A 1 18  ? 5.028   -7.833  14.714  1.00 30.28  ? 18  ALA A O   1 
ATOM   153  C  CB  . ALA A 1 18  ? 3.821   -10.442 15.924  1.00 77.72  ? 18  ALA A CB  1 
ATOM   154  N  N   . HIS A 1 19  ? 6.733   -9.271  14.924  1.00 18.17  ? 19  HIS A N   1 
ATOM   155  C  CA  . HIS A 1 19  ? 7.715   -8.226  15.124  1.00 20.45  ? 19  HIS A CA  1 
ATOM   156  C  C   . HIS A 1 19  ? 8.347   -7.663  13.866  1.00 21.95  ? 19  HIS A C   1 
ATOM   157  O  O   . HIS A 1 19  ? 9.047   -6.659  13.926  1.00 20.81  ? 19  HIS A O   1 
ATOM   158  C  CB  . HIS A 1 19  ? 8.801   -8.739  16.069  1.00 52.75  ? 19  HIS A CB  1 
ATOM   159  C  CG  . HIS A 1 19  ? 9.529   -9.948  15.561  1.00 53.22  ? 19  HIS A CG  1 
ATOM   160  N  ND1 . HIS A 1 19  ? 10.595  -9.867  14.689  1.00 53.29  ? 19  HIS A ND1 1 
ATOM   161  C  CD2 . HIS A 1 19  ? 9.342   -11.267 15.805  1.00 53.11  ? 19  HIS A CD2 1 
ATOM   162  C  CE1 . HIS A 1 19  ? 11.033  -11.082 14.419  1.00 52.53  ? 19  HIS A CE1 1 
ATOM   163  N  NE2 . HIS A 1 19  ? 10.290  -11.950 15.082  1.00 53.39  ? 19  HIS A NE2 1 
ATOM   164  N  N   . LEU A 1 20  ? 8.100   -8.295  12.725  1.00 50.22  ? 20  LEU A N   1 
ATOM   165  C  CA  . LEU A 1 20  ? 8.681   -7.827  11.465  1.00 53.16  ? 20  LEU A CA  1 
ATOM   166  C  C   . LEU A 1 20  ? 7.745   -6.906  10.705  1.00 55.17  ? 20  LEU A C   1 
ATOM   167  O  O   . LEU A 1 20  ? 8.062   -6.457  9.608   1.00 55.88  ? 20  LEU A O   1 
ATOM   168  C  CB  . LEU A 1 20  ? 9.060   -9.004  10.558  1.00 68.72  ? 20  LEU A CB  1 
ATOM   169  C  CG  . LEU A 1 20  ? 10.115  -10.003 11.043  1.00 68.95  ? 20  LEU A CG  1 
ATOM   170  C  CD1 . LEU A 1 20  ? 10.433  -10.996 9.936   1.00 69.56  ? 20  LEU A CD1 1 
ATOM   171  C  CD2 . LEU A 1 20  ? 11.365  -9.266  11.446  1.00 69.46  ? 20  LEU A CD2 1 
ATOM   172  N  N   . LEU A 1 21  ? 6.587   -6.634  11.289  1.00 89.76  ? 21  LEU A N   1 
ATOM   173  C  CA  . LEU A 1 21  ? 5.601   -5.753  10.674  1.00 92.02  ? 21  LEU A CA  1 
ATOM   174  C  C   . LEU A 1 21  ? 5.993   -4.313  11.035  1.00 93.71  ? 21  LEU A C   1 
ATOM   175  O  O   . LEU A 1 21  ? 5.604   -3.803  12.094  1.00 94.26  ? 21  LEU A O   1 
ATOM   176  C  CB  . LEU A 1 21  ? 4.229   -6.090  11.242  1.00 54.15  ? 21  LEU A CB  1 
ATOM   177  C  CG  . LEU A 1 21  ? 4.088   -7.591  11.520  1.00 53.77  ? 21  LEU A CG  1 
ATOM   178  C  CD1 . LEU A 1 21  ? 2.995   -7.811  12.533  1.00 53.75  ? 21  LEU A CD1 1 
ATOM   179  C  CD2 . LEU A 1 21  ? 3.807   -8.349  10.238  1.00 54.14  ? 21  LEU A CD2 1 
ATOM   180  N  N   . LYS A 1 22  ? 6.775   -3.667  10.170  1.00 106.69 ? 22  LYS A N   1 
ATOM   181  C  CA  . LYS A 1 22  ? 7.222   -2.301  10.435  1.00 106.69 ? 22  LYS A CA  1 
ATOM   182  C  C   . LYS A 1 22  ? 7.052   -1.300  9.281   1.00 107.59 ? 22  LYS A C   1 
ATOM   183  O  O   . LYS A 1 22  ? 7.086   -1.680  8.106   1.00 107.76 ? 22  LYS A O   1 
ATOM   184  C  CB  . LYS A 1 22  ? 8.685   -2.312  10.901  1.00 39.84  ? 22  LYS A CB  1 
ATOM   185  C  CG  . LYS A 1 22  ? 8.839   -2.410  12.414  1.00 35.80  ? 22  LYS A CG  1 
ATOM   186  C  CD  . LYS A 1 22  ? 10.270  -2.150  12.853  1.00 32.14  ? 22  LYS A CD  1 
ATOM   187  C  CE  . LYS A 1 22  ? 10.837  -0.931  12.160  1.00 28.83  ? 22  LYS A CE  1 
ATOM   188  N  NZ  . LYS A 1 22  ? 9.813   0.131   12.040  1.00 27.05  ? 22  LYS A NZ  1 
ATOM   189  N  N   . PRO A 1 23  ? 6.864   -0.002  9.621   1.00 97.85  ? 23  PRO A N   1 
ATOM   190  C  CA  . PRO A 1 23  ? 6.676   1.145   8.715   1.00 97.26  ? 23  PRO A CA  1 
ATOM   191  C  C   . PRO A 1 23  ? 7.886   1.357   7.794   1.00 96.32  ? 23  PRO A C   1 
ATOM   192  O  O   . PRO A 1 23  ? 8.959   0.807   8.057   1.00 96.80  ? 23  PRO A O   1 
ATOM   193  C  CB  . PRO A 1 23  ? 6.489   2.313   9.679   1.00 63.67  ? 23  PRO A CB  1 
ATOM   194  C  CG  . PRO A 1 23  ? 5.932   1.664   10.907  1.00 64.48  ? 23  PRO A CG  1 
ATOM   195  C  CD  . PRO A 1 23  ? 6.777   0.441   11.026  1.00 64.36  ? 23  PRO A CD  1 
ATOM   196  N  N   . PRO A 1 24  ? 7.744   2.170   6.721   1.00 68.63  ? 24  PRO A N   1 
ATOM   197  C  CA  . PRO A 1 24  ? 6.575   2.929   6.253   1.00 67.47  ? 24  PRO A CA  1 
ATOM   198  C  C   . PRO A 1 24  ? 5.543   2.155   5.429   1.00 66.05  ? 24  PRO A C   1 
ATOM   199  O  O   . PRO A 1 24  ? 4.509   2.707   5.054   1.00 65.18  ? 24  PRO A O   1 
ATOM   200  C  CB  . PRO A 1 24  ? 7.208   4.051   5.439   1.00 44.90  ? 24  PRO A CB  1 
ATOM   201  C  CG  . PRO A 1 24  ? 8.345   3.345   4.795   1.00 44.93  ? 24  PRO A CG  1 
ATOM   202  C  CD  . PRO A 1 24  ? 8.940   2.568   5.953   1.00 45.05  ? 24  PRO A CD  1 
ATOM   203  N  N   . VAL A 1 25  ? 5.819   0.892   5.133   1.00 38.20  ? 25  VAL A N   1 
ATOM   204  C  CA  . VAL A 1 25  ? 4.877   0.104   4.352   1.00 37.89  ? 25  VAL A CA  1 
ATOM   205  C  C   . VAL A 1 25  ? 4.268   -1.004  5.225   1.00 37.80  ? 25  VAL A C   1 
ATOM   206  O  O   . VAL A 1 25  ? 3.156   -1.480  4.961   1.00 36.84  ? 25  VAL A O   1 
ATOM   207  C  CB  . VAL A 1 25  ? 5.564   -0.503  3.100   1.00 54.08  ? 25  VAL A CB  1 
ATOM   208  C  CG1 . VAL A 1 25  ? 4.668   -0.344  1.885   1.00 53.30  ? 25  VAL A CG1 1 
ATOM   209  C  CG2 . VAL A 1 25  ? 6.898   0.169   2.853   1.00 53.62  ? 25  VAL A CG2 1 
ATOM   210  N  N   . GLY A 1 26  ? 5.009   -1.395  6.265   1.00 98.85  ? 26  GLY A N   1 
ATOM   211  C  CA  . GLY A 1 26  ? 4.561   -2.419  7.206   1.00 97.17  ? 26  GLY A CA  1 
ATOM   212  C  C   . GLY A 1 26  ? 4.350   -3.833  6.682   1.00 96.26  ? 26  GLY A C   1 
ATOM   213  O  O   . GLY A 1 26  ? 3.826   -4.696  7.401   1.00 96.24  ? 26  GLY A O   1 
ATOM   214  N  N   . ASN A 1 27  ? 4.784   -4.075  5.446   1.00 51.87  ? 27  ASN A N   1 
ATOM   215  C  CA  . ASN A 1 27  ? 4.625   -5.364  4.782   1.00 48.06  ? 27  ASN A CA  1 
ATOM   216  C  C   . ASN A 1 27  ? 5.244   -6.597  5.428   1.00 46.92  ? 27  ASN A C   1 
ATOM   217  O  O   . ASN A 1 27  ? 5.568   -6.626  6.614   1.00 45.71  ? 27  ASN A O   1 
ATOM   218  C  CB  . ASN A 1 27  ? 5.142   -5.260  3.353   1.00 35.76  ? 27  ASN A CB  1 
ATOM   219  C  CG  . ASN A 1 27  ? 4.580   -4.071  2.626   1.00 33.07  ? 27  ASN A CG  1 
ATOM   220  O  OD1 . ASN A 1 27  ? 3.371   -3.926  2.485   1.00 32.57  ? 27  ASN A OD1 1 
ATOM   221  N  ND2 . ASN A 1 27  ? 5.459   -3.204  2.160   1.00 32.85  ? 27  ASN A ND2 1 
ATOM   222  N  N   . ARG A 1 28  ? 5.377   -7.619  4.594   1.00 40.29  ? 28  ARG A N   1 
ATOM   223  C  CA  . ARG A 1 28  ? 5.938   -8.911  4.952   1.00 39.72  ? 28  ARG A CA  1 
ATOM   224  C  C   . ARG A 1 28  ? 5.354   -9.963  4.029   1.00 37.50  ? 28  ARG A C   1 
ATOM   225  O  O   . ARG A 1 28  ? 4.266   -10.485 4.265   1.00 36.26  ? 28  ARG A O   1 
ATOM   226  C  CB  . ARG A 1 28  ? 5.622   -9.288  6.392   1.00 68.36  ? 28  ARG A CB  1 
ATOM   227  C  CG  . ARG A 1 28  ? 6.161   -10.656 6.800   1.00 70.97  ? 28  ARG A CG  1 
ATOM   228  C  CD  . ARG A 1 28  ? 7.639   -10.776 6.463   1.00 73.12  ? 28  ARG A CD  1 
ATOM   229  N  NE  . ARG A 1 28  ? 8.163   -12.098 6.787   1.00 74.81  ? 28  ARG A NE  1 
ATOM   230  C  CZ  . ARG A 1 28  ? 9.449   -12.423 6.719   1.00 76.14  ? 28  ARG A CZ  1 
ATOM   231  N  NH1 . ARG A 1 28  ? 10.344  -11.512 6.334   1.00 75.69  ? 28  ARG A NH1 1 
ATOM   232  N  NH2 . ARG A 1 28  ? 9.833   -13.656 7.036   1.00 75.39  ? 28  ARG A NH2 1 
ATOM   233  N  N   . GLN A 1 29  ? 6.097   -10.266 2.976   1.00 53.13  ? 29  GLN A N   1 
ATOM   234  C  CA  . GLN A 1 29  ? 5.672   -11.233 1.986   1.00 51.40  ? 29  GLN A CA  1 
ATOM   235  C  C   . GLN A 1 29  ? 5.805   -12.673 2.490   1.00 50.29  ? 29  GLN A C   1 
ATOM   236  O  O   . GLN A 1 29  ? 6.856   -13.077 3.012   1.00 50.75  ? 29  GLN A O   1 
ATOM   237  C  CB  . GLN A 1 29  ? 6.489   -11.026 0.719   1.00 43.35  ? 29  GLN A CB  1 
ATOM   238  C  CG  . GLN A 1 29  ? 5.850   -11.588 -0.518  1.00 44.55  ? 29  GLN A CG  1 
ATOM   239  C  CD  . GLN A 1 29  ? 6.664   -11.302 -1.743  1.00 44.70  ? 29  GLN A CD  1 
ATOM   240  O  OE1 . GLN A 1 29  ? 6.972   -10.147 -2.030  1.00 47.77  ? 29  GLN A OE1 1 
ATOM   241  N  NE2 . GLN A 1 29  ? 7.024   -12.343 -2.478  1.00 44.67  ? 29  GLN A NE2 1 
ATOM   242  N  N   . VAL A 1 30  ? 4.741   -13.451 2.306   1.00 30.13  ? 30  VAL A N   1 
ATOM   243  C  CA  . VAL A 1 30  ? 4.717   -14.831 2.771   1.00 29.00  ? 30  VAL A CA  1 
ATOM   244  C  C   . VAL A 1 30  ? 5.561   -15.807 1.962   1.00 28.54  ? 30  VAL A C   1 
ATOM   245  O  O   . VAL A 1 30  ? 6.405   -16.499 2.516   1.00 28.53  ? 30  VAL A O   1 
ATOM   246  C  CB  . VAL A 1 30  ? 3.279   -15.363 2.825   1.00 34.04  ? 30  VAL A CB  1 
ATOM   247  C  CG1 . VAL A 1 30  ? 3.223   -16.616 3.668   1.00 33.48  ? 30  VAL A CG1 1 
ATOM   248  C  CG2 . VAL A 1 30  ? 2.357   -14.301 3.387   1.00 33.90  ? 30  VAL A CG2 1 
ATOM   249  N  N   . TRP A 1 31  ? 5.322   -15.884 0.661   1.00 26.79  ? 31  TRP A N   1 
ATOM   250  C  CA  . TRP A 1 31  ? 6.089   -16.785 -0.190  1.00 27.77  ? 31  TRP A CA  1 
ATOM   251  C  C   . TRP A 1 31  ? 6.848   -15.951 -1.184  1.00 28.24  ? 31  TRP A C   1 
ATOM   252  O  O   . TRP A 1 31  ? 6.270   -15.048 -1.783  1.00 28.21  ? 31  TRP A O   1 
ATOM   253  C  CB  . TRP A 1 31  ? 5.174   -17.714 -0.963  1.00 52.07  ? 31  TRP A CB  1 
ATOM   254  C  CG  . TRP A 1 31  ? 4.546   -18.796 -0.161  1.00 53.70  ? 31  TRP A CG  1 
ATOM   255  C  CD1 . TRP A 1 31  ? 5.153   -19.913 0.346   1.00 54.04  ? 31  TRP A CD1 1 
ATOM   256  C  CD2 . TRP A 1 31  ? 3.164   -18.913 0.152   1.00 54.41  ? 31  TRP A CD2 1 
ATOM   257  N  NE1 . TRP A 1 31  ? 4.225   -20.723 0.948   1.00 53.55  ? 31  TRP A NE1 1 
ATOM   258  C  CE2 . TRP A 1 31  ? 2.993   -20.131 0.842   1.00 55.02  ? 31  TRP A CE2 1 
ATOM   259  C  CE3 . TRP A 1 31  ? 2.045   -18.107 -0.090  1.00 54.61  ? 31  TRP A CE3 1 
ATOM   260  C  CZ2 . TRP A 1 31  ? 1.745   -20.562 1.289   1.00 56.71  ? 31  TRP A CZ2 1 
ATOM   261  C  CZ3 . TRP A 1 31  ? 0.811   -18.532 0.352   1.00 55.27  ? 31  TRP A CZ3 1 
ATOM   262  C  CH2 . TRP A 1 31  ? 0.667   -19.750 1.035   1.00 56.03  ? 31  TRP A CH2 1 
ATOM   263  N  N   . GLN A 1 32  ? 8.125   -16.274 -1.385  1.00 32.67  ? 32  GLN A N   1 
ATOM   264  C  CA  . GLN A 1 32  ? 8.970   -15.510 -2.298  1.00 33.82  ? 32  GLN A CA  1 
ATOM   265  C  C   . GLN A 1 32  ? 9.023   -16.042 -3.727  1.00 33.30  ? 32  GLN A C   1 
ATOM   266  O  O   . GLN A 1 32  ? 8.677   -17.192 -3.989  1.00 32.16  ? 32  GLN A O   1 
ATOM   267  C  CB  . GLN A 1 32  ? 10.398  -15.419 -1.744  1.00 75.18  ? 32  GLN A CB  1 
ATOM   268  C  CG  . GLN A 1 32  ? 10.549  -14.747 -0.366  1.00 77.95  ? 32  GLN A CG  1 
ATOM   269  C  CD  . GLN A 1 32  ? 10.548  -13.213 -0.409  1.00 79.12  ? 32  GLN A CD  1 
ATOM   270  O  OE1 . GLN A 1 32  ? 11.128  -12.605 -1.312  1.00 79.50  ? 32  GLN A OE1 1 
ATOM   271  N  NE2 . GLN A 1 32  ? 9.918   -12.586 0.591   1.00 79.91  ? 32  GLN A NE2 1 
ATOM   272  N  N   . ASP A 1 33  ? 9.469   -15.174 -4.636  1.00 46.27  ? 33  ASP A N   1 
ATOM   273  C  CA  . ASP A 1 33  ? 9.604   -15.471 -6.065  1.00 47.25  ? 33  ASP A CA  1 
ATOM   274  C  C   . ASP A 1 33  ? 8.428   -16.253 -6.673  1.00 46.28  ? 33  ASP A C   1 
ATOM   275  O  O   . ASP A 1 33  ? 8.627   -17.253 -7.354  1.00 46.88  ? 33  ASP A O   1 
ATOM   276  C  CB  . ASP A 1 33  ? 10.918  -16.232 -6.336  1.00 74.00  ? 33  ASP A CB  1 
ATOM   277  C  CG  . ASP A 1 33  ? 12.153  -15.525 -5.763  1.00 75.99  ? 33  ASP A CG  1 
ATOM   278  O  OD1 . ASP A 1 33  ? 12.309  -14.295 -5.965  1.00 74.86  ? 33  ASP A OD1 1 
ATOM   279  O  OD2 . ASP A 1 33  ? 12.976  -16.221 -5.118  1.00 76.84  ? 33  ASP A OD2 1 
ATOM   280  N  N   . SER A 1 34  ? 7.208   -15.781 -6.438  1.00 76.72  ? 34  SER A N   1 
ATOM   281  C  CA  . SER A 1 34  ? 6.000   -16.430 -6.952  1.00 73.97  ? 34  SER A CA  1 
ATOM   282  C  C   . SER A 1 34  ? 5.285   -15.549 -7.980  1.00 73.32  ? 34  SER A C   1 
ATOM   283  O  O   . SER A 1 34  ? 5.889   -14.645 -8.572  1.00 74.01  ? 34  SER A O   1 
ATOM   284  C  CB  . SER A 1 34  ? 5.047   -16.732 -5.788  1.00 39.25  ? 34  SER A CB  1 
ATOM   285  O  OG  . SER A 1 34  ? 4.818   -15.596 -4.960  1.00 36.49  ? 34  SER A OG  1 
ATOM   286  N  N   . ASP A 1 35  ? 4.003   -15.820 -8.211  1.00 34.44  ? 35  ASP A N   1 
ATOM   287  C  CA  . ASP A 1 35  ? 3.230   -15.001 -9.133  1.00 31.50  ? 35  ASP A CA  1 
ATOM   288  C  C   . ASP A 1 35  ? 2.184   -14.311 -8.284  1.00 31.58  ? 35  ASP A C   1 
ATOM   289  O  O   . ASP A 1 35  ? 1.989   -13.099 -8.376  1.00 33.02  ? 35  ASP A O   1 
ATOM   290  C  CB  . ASP A 1 35  ? 2.547   -15.847 -10.182 1.00 28.60  ? 35  ASP A CB  1 
ATOM   291  C  CG  . ASP A 1 35  ? 1.720   -15.022 -11.125 1.00 27.42  ? 35  ASP A CG  1 
ATOM   292  O  OD1 . ASP A 1 35  ? 0.616   -15.486 -11.481 1.00 28.06  ? 35  ASP A OD1 1 
ATOM   293  O  OD2 . ASP A 1 35  ? 2.177   -13.918 -11.508 1.00 23.99  ? 35  ASP A OD2 1 
ATOM   294  N  N   . PHE A 1 36  ? 1.493   -15.095 -7.464  1.00 22.98  ? 36  PHE A N   1 
ATOM   295  C  CA  . PHE A 1 36  ? 0.504   -14.537 -6.560  1.00 21.12  ? 36  PHE A CA  1 
ATOM   296  C  C   . PHE A 1 36  ? 1.368   -13.903 -5.487  1.00 20.39  ? 36  PHE A C   1 
ATOM   297  O  O   . PHE A 1 36  ? 2.307   -14.529 -4.994  1.00 20.72  ? 36  PHE A O   1 
ATOM   298  C  CB  . PHE A 1 36  ? -0.340  -15.638 -5.938  1.00 42.94  ? 36  PHE A CB  1 
ATOM   299  C  CG  . PHE A 1 36  ? -1.525  -16.055 -6.766  1.00 44.23  ? 36  PHE A CG  1 
ATOM   300  C  CD1 . PHE A 1 36  ? -1.863  -17.404 -6.891  1.00 44.87  ? 36  PHE A CD1 1 
ATOM   301  C  CD2 . PHE A 1 36  ? -2.348  -15.116 -7.357  1.00 45.11  ? 36  PHE A CD2 1 
ATOM   302  C  CE1 . PHE A 1 36  ? -3.006  -17.809 -7.587  1.00 44.05  ? 36  PHE A CE1 1 
ATOM   303  C  CE2 . PHE A 1 36  ? -3.491  -15.511 -8.055  1.00 45.94  ? 36  PHE A CE2 1 
ATOM   304  C  CZ  . PHE A 1 36  ? -3.819  -16.861 -8.169  1.00 44.76  ? 36  PHE A CZ  1 
ATOM   305  N  N   . ILE A 1 37  ? 1.079   -12.665 -5.121  1.00 21.36  ? 37  ILE A N   1 
ATOM   306  C  CA  . ILE A 1 37  ? 1.899   -12.030 -4.111  1.00 19.96  ? 37  ILE A CA  1 
ATOM   307  C  C   . ILE A 1 37  ? 1.175   -11.896 -2.806  1.00 20.98  ? 37  ILE A C   1 
ATOM   308  O  O   . ILE A 1 37  ? 0.409   -10.953 -2.593  1.00 21.07  ? 37  ILE A O   1 
ATOM   309  C  CB  . ILE A 1 37  ? 2.355   -10.660 -4.550  1.00 23.63  ? 37  ILE A CB  1 
ATOM   310  C  CG1 . ILE A 1 37  ? 3.074   -10.770 -5.885  1.00 21.58  ? 37  ILE A CG1 1 
ATOM   311  C  CG2 . ILE A 1 37  ? 3.288   -10.083 -3.521  1.00 21.58  ? 37  ILE A CG2 1 
ATOM   312  C  CD1 . ILE A 1 37  ? 3.425   -9.442  -6.459  1.00 26.93  ? 37  ILE A CD1 1 
ATOM   313  N  N   . VAL A 1 38  ? 1.444   -12.846 -1.923  1.00 26.58  ? 38  VAL A N   1 
ATOM   314  C  CA  . VAL A 1 38  ? 0.810   -12.855 -0.624  1.00 26.80  ? 38  VAL A CA  1 
ATOM   315  C  C   . VAL A 1 38  ? 1.602   -12.136 0.456   1.00 27.09  ? 38  VAL A C   1 
ATOM   316  O  O   . VAL A 1 38  ? 2.557   -12.674 1.031   1.00 25.08  ? 38  VAL A O   1 
ATOM   317  C  CB  . VAL A 1 38  ? 0.555   -14.269 -0.156  1.00 24.30  ? 38  VAL A CB  1 
ATOM   318  C  CG1 . VAL A 1 38  ? -0.276  -14.241 1.091   1.00 23.10  ? 38  VAL A CG1 1 
ATOM   319  C  CG2 . VAL A 1 38  ? -0.139  -15.036 -1.236  1.00 24.09  ? 38  VAL A CG2 1 
ATOM   320  N  N   . THR A 1 39  ? 1.196   -10.904 0.725   1.00 21.88  ? 39  THR A N   1 
ATOM   321  C  CA  . THR A 1 39  ? 1.852   -10.134 1.750   1.00 22.90  ? 39  THR A CA  1 
ATOM   322  C  C   . THR A 1 39  ? 0.903   -10.062 2.923   1.00 23.41  ? 39  THR A C   1 
ATOM   323  O  O   . THR A 1 39  ? -0.289  -10.361 2.790   1.00 21.80  ? 39  THR A O   1 
ATOM   324  C  CB  . THR A 1 39  ? 2.180   -8.698  1.272   1.00 28.31  ? 39  THR A CB  1 
ATOM   325  O  OG1 . THR A 1 39  ? 0.983   -8.037  0.854   1.00 28.81  ? 39  THR A OG1 1 
ATOM   326  C  CG2 . THR A 1 39  ? 3.143   -8.738  0.106   1.00 28.81  ? 39  THR A CG2 1 
ATOM   327  N  N   . VAL A 1 40  ? 1.452   -9.710  4.079   1.00 24.85  ? 40  VAL A N   1 
ATOM   328  C  CA  . VAL A 1 40  ? 0.666   -9.533  5.290   1.00 27.33  ? 40  VAL A CA  1 
ATOM   329  C  C   . VAL A 1 40  ? 1.202   -8.246  5.894   1.00 29.63  ? 40  VAL A C   1 
ATOM   330  O  O   . VAL A 1 40  ? 2.363   -8.166  6.299   1.00 28.92  ? 40  VAL A O   1 
ATOM   331  C  CB  . VAL A 1 40  ? 0.823   -10.702 6.273   1.00 20.77  ? 40  VAL A CB  1 
ATOM   332  C  CG1 . VAL A 1 40  ? 0.042   -10.425 7.544   1.00 20.56  ? 40  VAL A CG1 1 
ATOM   333  C  CG2 . VAL A 1 40  ? 0.291   -11.964 5.635   1.00 21.38  ? 40  VAL A CG2 1 
ATOM   334  N  N   . VAL A 1 41  ? 0.339   -7.233  5.913   1.00 41.60  ? 41  VAL A N   1 
ATOM   335  C  CA  . VAL A 1 41  ? 0.669   -5.904  6.412   1.00 43.56  ? 41  VAL A CA  1 
ATOM   336  C  C   . VAL A 1 41  ? 0.061   -5.629  7.781   1.00 44.09  ? 41  VAL A C   1 
ATOM   337  O  O   . VAL A 1 41  ? -1.122  -5.880  8.016   1.00 43.86  ? 41  VAL A O   1 
ATOM   338  C  CB  . VAL A 1 41  ? 0.163   -4.830  5.430   1.00 56.41  ? 41  VAL A CB  1 
ATOM   339  C  CG1 . VAL A 1 41  ? 0.833   -3.498  5.725   1.00 58.45  ? 41  VAL A CG1 1 
ATOM   340  C  CG2 . VAL A 1 41  ? 0.425   -5.272  3.998   1.00 58.25  ? 41  VAL A CG2 1 
ATOM   341  N  N   . GLY A 1 42  ? 0.880   -5.104  8.681   1.00 48.53  ? 42  GLY A N   1 
ATOM   342  C  CA  . GLY A 1 42  ? 0.400   -4.804  10.013  1.00 51.11  ? 42  GLY A CA  1 
ATOM   343  C  C   . GLY A 1 42  ? 0.538   -3.330  10.331  1.00 53.23  ? 42  GLY A C   1 
ATOM   344  O  O   . GLY A 1 42  ? 1.039   -2.555  9.514   1.00 53.52  ? 42  GLY A O   1 
ATOM   345  N  N   . GLY A 1 43  ? 0.105   -2.934  11.521  1.00 57.67  ? 43  GLY A N   1 
ATOM   346  C  CA  . GLY A 1 43  ? 0.196   -1.533  11.876  1.00 59.40  ? 43  GLY A CA  1 
ATOM   347  C  C   . GLY A 1 43  ? 1.215   -1.254  12.953  1.00 60.45  ? 43  GLY A C   1 
ATOM   348  O  O   . GLY A 1 43  ? 1.713   -2.192  13.571  1.00 60.78  ? 43  GLY A O   1 
ATOM   349  N  N   . PRO A 1 44  ? 1.540   0.026   13.210  1.00 39.76  ? 44  PRO A N   1 
ATOM   350  C  CA  . PRO A 1 44  ? 0.991   1.207   12.529  1.00 41.21  ? 44  PRO A CA  1 
ATOM   351  C  C   . PRO A 1 44  ? 1.746   1.604   11.259  1.00 42.67  ? 44  PRO A C   1 
ATOM   352  O  O   . PRO A 1 44  ? 2.972   1.618   11.241  1.00 42.22  ? 44  PRO A O   1 
ATOM   353  C  CB  . PRO A 1 44  ? 1.067   2.286   13.602  1.00 44.95  ? 44  PRO A CB  1 
ATOM   354  C  CG  . PRO A 1 44  ? 1.055   1.505   14.885  1.00 43.90  ? 44  PRO A CG  1 
ATOM   355  C  CD  . PRO A 1 44  ? 1.995   0.395   14.556  1.00 43.49  ? 44  PRO A CD  1 
ATOM   356  N  N   . ASN A 1 45  ? 1.008   1.938   10.204  1.00 50.73  ? 45  ASN A N   1 
ATOM   357  C  CA  . ASN A 1 45  ? 1.627   2.308   8.939   1.00 52.91  ? 45  ASN A CA  1 
ATOM   358  C  C   . ASN A 1 45  ? 1.528   3.796   8.678   1.00 53.84  ? 45  ASN A C   1 
ATOM   359  O  O   . ASN A 1 45  ? 0.597   4.470   9.132   1.00 53.74  ? 45  ASN A O   1 
ATOM   360  C  CB  . ASN A 1 45  ? 0.993   1.530   7.780   1.00 64.78  ? 45  ASN A CB  1 
ATOM   361  C  CG  . ASN A 1 45  ? -0.221  2.231   7.183   1.00 66.20  ? 45  ASN A CG  1 
ATOM   362  O  OD1 . ASN A 1 45  ? -0.925  2.975   7.868   1.00 67.88  ? 45  ASN A OD1 1 
ATOM   363  N  ND2 . ASN A 1 45  ? -0.482  1.975   5.903   1.00 66.19  ? 45  ASN A ND2 1 
ATOM   364  N  N   . HIS A 1 46  ? 2.505   4.292   7.930   1.00 87.48  ? 46  HIS A N   1 
ATOM   365  C  CA  . HIS A 1 46  ? 2.593   5.703   7.590   1.00 87.52  ? 46  HIS A CA  1 
ATOM   366  C  C   . HIS A 1 46  ? 2.524   5.873   6.081   1.00 84.96  ? 46  HIS A C   1 
ATOM   367  O  O   . HIS A 1 46  ? 3.556   5.884   5.398   1.00 85.90  ? 46  HIS A O   1 
ATOM   368  C  CB  . HIS A 1 46  ? 3.912   6.280   8.123   1.00 120.24 ? 46  HIS A CB  1 
ATOM   369  C  CG  . HIS A 1 46  ? 4.042   7.767   7.968   1.00 124.86 ? 46  HIS A CG  1 
ATOM   370  N  ND1 . HIS A 1 46  ? 5.159   8.462   8.383   1.00 126.82 ? 46  HIS A ND1 1 
ATOM   371  C  CD2 . HIS A 1 46  ? 3.200   8.691   7.446   1.00 126.47 ? 46  HIS A CD2 1 
ATOM   372  C  CE1 . HIS A 1 46  ? 4.999   9.748   8.122   1.00 128.58 ? 46  HIS A CE1 1 
ATOM   373  N  NE2 . HIS A 1 46  ? 3.819   9.913   7.553   1.00 128.41 ? 46  HIS A NE2 1 
ATOM   374  N  N   . ARG A 1 47  ? 1.307   5.985   5.561   1.00 40.98  ? 47  ARG A N   1 
ATOM   375  C  CA  . ARG A 1 47  ? 1.119   6.178   4.136   1.00 36.93  ? 47  ARG A CA  1 
ATOM   376  C  C   . ARG A 1 47  ? 0.351   7.468   3.953   1.00 34.91  ? 47  ARG A C   1 
ATOM   377  O  O   . ARG A 1 47  ? -0.658  7.709   4.612   1.00 34.77  ? 47  ARG A O   1 
ATOM   378  C  CB  . ARG A 1 47  ? 0.373   4.997   3.522   1.00 44.15  ? 47  ARG A CB  1 
ATOM   379  C  CG  . ARG A 1 47  ? 1.138   3.684   3.625   1.00 43.45  ? 47  ARG A CG  1 
ATOM   380  C  CD  . ARG A 1 47  ? 2.388   3.667   2.755   1.00 43.34  ? 47  ARG A CD  1 
ATOM   381  N  NE  . ARG A 1 47  ? 2.126   3.081   1.446   1.00 44.07  ? 47  ARG A NE  1 
ATOM   382  C  CZ  . ARG A 1 47  ? 1.824   1.800   1.241   1.00 44.71  ? 47  ARG A CZ  1 
ATOM   383  N  NH1 . ARG A 1 47  ? 1.746   0.952   2.262   1.00 44.76  ? 47  ARG A NH1 1 
ATOM   384  N  NH2 . ARG A 1 47  ? 1.590   1.362   0.010   1.00 45.41  ? 47  ARG A NH2 1 
ATOM   385  N  N   . THR A 1 48  ? 0.879   8.303   3.070   1.00 38.44  ? 48  THR A N   1 
ATOM   386  C  CA  . THR A 1 48  ? 0.336   9.619   2.739   1.00 35.59  ? 48  THR A CA  1 
ATOM   387  C  C   . THR A 1 48  ? 0.317   9.664   1.226   1.00 34.19  ? 48  THR A C   1 
ATOM   388  O  O   . THR A 1 48  ? 0.125   10.723  0.621   1.00 33.48  ? 48  THR A O   1 
ATOM   389  C  CB  . THR A 1 48  ? 1.287   10.723  3.207   1.00 28.75  ? 48  THR A CB  1 
ATOM   390  O  OG1 . THR A 1 48  ? 2.451   10.724  2.369   1.00 26.83  ? 48  THR A OG1 1 
ATOM   391  C  CG2 . THR A 1 48  ? 1.736   10.468  4.636   1.00 28.47  ? 48  THR A CG2 1 
ATOM   392  N  N   . ASP A 1 49  ? 0.539   8.486   0.643   1.00 35.74  ? 49  ASP A N   1 
ATOM   393  C  CA  . ASP A 1 49  ? 0.618   8.273   -0.799  1.00 33.35  ? 49  ASP A CA  1 
ATOM   394  C  C   . ASP A 1 49  ? -0.562  7.492   -1.355  1.00 31.70  ? 49  ASP A C   1 
ATOM   395  O  O   . ASP A 1 49  ? -1.325  6.878   -0.616  1.00 31.41  ? 49  ASP A O   1 
ATOM   396  C  CB  . ASP A 1 49  ? 1.902   7.513   -1.116  1.00 33.32  ? 49  ASP A CB  1 
ATOM   397  C  CG  . ASP A 1 49  ? 1.953   6.155   -0.436  1.00 32.72  ? 49  ASP A CG  1 
ATOM   398  O  OD1 . ASP A 1 49  ? 1.142   5.274   -0.802  1.00 33.62  ? 49  ASP A OD1 1 
ATOM   399  O  OD2 . ASP A 1 49  ? 2.794   5.968   0.470   1.00 30.47  ? 49  ASP A OD2 1 
ATOM   400  N  N   . TYR A 1 50  ? -0.689  7.503   -2.673  1.00 17.72  ? 50  TYR A N   1 
ATOM   401  C  CA  . TYR A 1 50  ? -1.773  6.800   -3.331  1.00 17.47  ? 50  TYR A CA  1 
ATOM   402  C  C   . TYR A 1 50  ? -1.218  5.845   -4.378  1.00 16.54  ? 50  TYR A C   1 
ATOM   403  O  O   . TYR A 1 50  ? -0.648  6.281   -5.361  1.00 17.26  ? 50  TYR A O   1 
ATOM   404  C  CB  . TYR A 1 50  ? -2.718  7.810   -3.985  1.00 45.92  ? 50  TYR A CB  1 
ATOM   405  C  CG  . TYR A 1 50  ? -3.784  8.390   -3.059  1.00 46.62  ? 50  TYR A CG  1 
ATOM   406  C  CD1 . TYR A 1 50  ? -4.995  7.715   -2.835  1.00 45.59  ? 50  TYR A CD1 1 
ATOM   407  C  CD2 . TYR A 1 50  ? -3.599  9.626   -2.430  1.00 45.19  ? 50  TYR A CD2 1 
ATOM   408  C  CE1 . TYR A 1 50  ? -5.994  8.264   -2.013  1.00 43.37  ? 50  TYR A CE1 1 
ATOM   409  C  CE2 . TYR A 1 50  ? -4.596  10.174  -1.603  1.00 44.07  ? 50  TYR A CE2 1 
ATOM   410  C  CZ  . TYR A 1 50  ? -5.782  9.489   -1.407  1.00 42.37  ? 50  TYR A CZ  1 
ATOM   411  O  OH  . TYR A 1 50  ? -6.759  10.041  -0.624  1.00 43.16  ? 50  TYR A OH  1 
ATOM   412  N  N   . HIS A 1 51  ? -1.387  4.546   -4.148  1.00 35.03  ? 51  HIS A N   1 
ATOM   413  C  CA  . HIS A 1 51  ? -0.905  3.496   -5.047  1.00 32.56  ? 51  HIS A CA  1 
ATOM   414  C  C   . HIS A 1 51  ? -1.844  3.386   -6.235  1.00 32.00  ? 51  HIS A C   1 
ATOM   415  O  O   . HIS A 1 51  ? -3.058  3.405   -6.046  1.00 32.64  ? 51  HIS A O   1 
ATOM   416  C  CB  . HIS A 1 51  ? -0.889  2.156   -4.296  1.00 29.64  ? 51  HIS A CB  1 
ATOM   417  C  CG  . HIS A 1 51  ? -0.418  0.994   -5.121  1.00 27.63  ? 51  HIS A CG  1 
ATOM   418  N  ND1 . HIS A 1 51  ? -0.860  -0.293  -4.912  1.00 24.75  ? 51  HIS A ND1 1 
ATOM   419  C  CD2 . HIS A 1 51  ? 0.484   0.921   -6.128  1.00 26.42  ? 51  HIS A CD2 1 
ATOM   420  C  CE1 . HIS A 1 51  ? -0.251  -1.108  -5.752  1.00 24.74  ? 51  HIS A CE1 1 
ATOM   421  N  NE2 . HIS A 1 51  ? 0.570   -0.397  -6.500  1.00 25.90  ? 51  HIS A NE2 1 
ATOM   422  N  N   . ASP A 1 52  ? -1.299  3.276   -7.448  1.00 22.39  ? 52  ASP A N   1 
ATOM   423  C  CA  . ASP A 1 52  ? -2.129  3.127   -8.647  1.00 22.83  ? 52  ASP A CA  1 
ATOM   424  C  C   . ASP A 1 52  ? -1.862  1.775   -9.292  1.00 22.54  ? 52  ASP A C   1 
ATOM   425  O  O   . ASP A 1 52  ? -1.415  1.687   -10.433 1.00 23.27  ? 52  ASP A O   1 
ATOM   426  C  CB  . ASP A 1 52  ? -1.860  4.246   -9.664  1.00 21.54  ? 52  ASP A CB  1 
ATOM   427  C  CG  . ASP A 1 52  ? -2.537  3.985   -11.016 1.00 22.41  ? 52  ASP A CG  1 
ATOM   428  O  OD1 . ASP A 1 52  ? -3.428  3.107   -11.076 1.00 22.56  ? 52  ASP A OD1 1 
ATOM   429  O  OD2 . ASP A 1 52  ? -2.184  4.652   -12.019 1.00 22.56  ? 52  ASP A OD2 1 
ATOM   430  N  N   . ASP A 1 53  ? -2.148  0.715   -8.554  1.00 29.03  ? 53  ASP A N   1 
ATOM   431  C  CA  . ASP A 1 53  ? -1.921  -0.633  -9.050  1.00 29.74  ? 53  ASP A CA  1 
ATOM   432  C  C   . ASP A 1 53  ? -2.626  -0.873  -10.381 1.00 29.04  ? 53  ASP A C   1 
ATOM   433  O  O   . ASP A 1 53  ? -3.778  -0.511  -10.537 1.00 29.37  ? 53  ASP A O   1 
ATOM   434  C  CB  . ASP A 1 53  ? -2.410  -1.642  -8.016  1.00 32.57  ? 53  ASP A CB  1 
ATOM   435  C  CG  . ASP A 1 53  ? -1.948  -3.041  -8.313  1.00 32.26  ? 53  ASP A CG  1 
ATOM   436  O  OD1 . ASP A 1 53  ? -2.185  -3.925  -7.472  1.00 35.69  ? 53  ASP A OD1 1 
ATOM   437  O  OD2 . ASP A 1 53  ? -1.346  -3.266  -9.381  1.00 30.29  ? 53  ASP A OD2 1 
ATOM   438  N  N   . PRO A 1 54  ? -1.928  -1.466  -11.366 1.00 34.40  ? 54  PRO A N   1 
ATOM   439  C  CA  . PRO A 1 54  ? -2.557  -1.727  -12.665 1.00 35.20  ? 54  PRO A CA  1 
ATOM   440  C  C   . PRO A 1 54  ? -3.297  -3.055  -12.663 1.00 36.12  ? 54  PRO A C   1 
ATOM   441  O  O   . PRO A 1 54  ? -3.825  -3.487  -13.692 1.00 36.13  ? 54  PRO A O   1 
ATOM   442  C  CB  . PRO A 1 54  ? -1.373  -1.751  -13.623 1.00 29.12  ? 54  PRO A CB  1 
ATOM   443  C  CG  . PRO A 1 54  ? -0.304  -2.358  -12.782 1.00 28.34  ? 54  PRO A CG  1 
ATOM   444  C  CD  . PRO A 1 54  ? -0.468  -1.650  -11.453 1.00 27.68  ? 54  PRO A CD  1 
ATOM   445  N  N   . LEU A 1 55  ? -3.322  -3.702  -11.499 1.00 36.80  ? 55  LEU A N   1 
ATOM   446  C  CA  . LEU A 1 55  ? -3.977  -5.001  -11.341 1.00 35.53  ? 55  LEU A CA  1 
ATOM   447  C  C   . LEU A 1 55  ? -4.868  -4.991  -10.125 1.00 34.59  ? 55  LEU A C   1 
ATOM   448  O  O   . LEU A 1 55  ? -4.886  -4.021  -9.363  1.00 34.98  ? 55  LEU A O   1 
ATOM   449  C  CB  . LEU A 1 55  ? -2.935  -6.116  -11.181 1.00 31.65  ? 55  LEU A CB  1 
ATOM   450  C  CG  . LEU A 1 55  ? -1.965  -6.340  -12.350 1.00 31.02  ? 55  LEU A CG  1 
ATOM   451  C  CD1 . LEU A 1 55  ? -0.907  -7.358  -11.970 1.00 31.53  ? 55  LEU A CD1 1 
ATOM   452  C  CD2 . LEU A 1 55  ? -2.743  -6.801  -13.570 1.00 30.45  ? 55  LEU A CD2 1 
ATOM   453  N  N   . GLU A 1 56  ? -5.601  -6.077  -9.940  1.00 17.08  ? 56  GLU A N   1 
ATOM   454  C  CA  . GLU A 1 56  ? -6.494  -6.170  -8.815  1.00 16.88  ? 56  GLU A CA  1 
ATOM   455  C  C   . GLU A 1 56  ? -5.699  -6.401  -7.550  1.00 16.88  ? 56  GLU A C   1 
ATOM   456  O  O   . GLU A 1 56  ? -4.532  -6.782  -7.604  1.00 18.79  ? 56  GLU A O   1 
ATOM   457  C  CB  . GLU A 1 56  ? -7.504  -7.289  -9.053  1.00 13.60  ? 56  GLU A CB  1 
ATOM   458  C  CG  . GLU A 1 56  ? -8.581  -6.885  -10.038 1.00 13.60  ? 56  GLU A CG  1 
ATOM   459  C  CD  . GLU A 1 56  ? -9.457  -8.034  -10.497 1.00 13.60  ? 56  GLU A CD  1 
ATOM   460  O  OE1 . GLU A 1 56  ? -9.606  -9.009  -9.744  1.00 16.19  ? 56  GLU A OE1 1 
ATOM   461  O  OE2 . GLU A 1 56  ? -10.018 -7.960  -11.609 1.00 13.60  ? 56  GLU A OE2 1 
ATOM   462  N  N   . GLU A 1 57  ? -6.319  -6.116  -6.415  1.00 12.00  ? 57  GLU A N   1 
ATOM   463  C  CA  . GLU A 1 57  ? -5.696  -6.314  -5.125  1.00 12.00  ? 57  GLU A CA  1 
ATOM   464  C  C   . GLU A 1 57  ? -6.790  -6.821  -4.222  1.00 12.00  ? 57  GLU A C   1 
ATOM   465  O  O   . GLU A 1 57  ? -7.896  -6.282  -4.230  1.00 12.21  ? 57  GLU A O   1 
ATOM   466  C  CB  . GLU A 1 57  ? -5.151  -5.005  -4.566  1.00 13.15  ? 57  GLU A CB  1 
ATOM   467  C  CG  . GLU A 1 57  ? -3.850  -4.559  -5.186  1.00 13.15  ? 57  GLU A CG  1 
ATOM   468  C  CD  . GLU A 1 57  ? -3.255  -3.347  -4.486  1.00 13.15  ? 57  GLU A CD  1 
ATOM   469  O  OE1 . GLU A 1 57  ? -2.200  -2.850  -4.928  1.00 13.15  ? 57  GLU A OE1 1 
ATOM   470  O  OE2 . GLU A 1 57  ? -3.840  -2.888  -3.489  1.00 13.15  ? 57  GLU A OE2 1 
ATOM   471  N  N   . PHE A 1 58  ? -6.486  -7.854  -3.447  1.00 8.96   ? 58  PHE A N   1 
ATOM   472  C  CA  . PHE A 1 58  ? -7.456  -8.437  -2.532  1.00 8.96   ? 58  PHE A CA  1 
ATOM   473  C  C   . PHE A 1 58  ? -6.993  -8.321  -1.107  1.00 8.96   ? 58  PHE A C   1 
ATOM   474  O  O   . PHE A 1 58  ? -5.797  -8.438  -0.836  1.00 8.96   ? 58  PHE A O   1 
ATOM   475  C  CB  . PHE A 1 58  ? -7.628  -9.901  -2.838  1.00 16.43  ? 58  PHE A CB  1 
ATOM   476  C  CG  . PHE A 1 58  ? -8.138  -10.700 -1.682  1.00 16.43  ? 58  PHE A CG  1 
ATOM   477  C  CD1 . PHE A 1 58  ? -9.500  -10.804 -1.435  1.00 16.68  ? 58  PHE A CD1 1 
ATOM   478  C  CD2 . PHE A 1 58  ? -7.265  -11.369 -0.858  1.00 16.43  ? 58  PHE A CD2 1 
ATOM   479  C  CE1 . PHE A 1 58  ? -9.985  -11.566 -0.391  1.00 16.43  ? 58  PHE A CE1 1 
ATOM   480  C  CE2 . PHE A 1 58  ? -7.741  -12.128 0.183   1.00 16.43  ? 58  PHE A CE2 1 
ATOM   481  C  CZ  . PHE A 1 58  ? -9.110  -12.227 0.416   1.00 16.43  ? 58  PHE A CZ  1 
ATOM   482  N  N   . PHE A 1 59  ? -7.938  -8.111  -0.197  1.00 15.76  ? 59  PHE A N   1 
ATOM   483  C  CA  . PHE A 1 59  ? -7.610  -7.994  1.225   1.00 15.76  ? 59  PHE A CA  1 
ATOM   484  C  C   . PHE A 1 59  ? -8.640  -8.679  2.104   1.00 15.76  ? 59  PHE A C   1 
ATOM   485  O  O   . PHE A 1 59  ? -9.825  -8.703  1.789   1.00 15.76  ? 59  PHE A O   1 
ATOM   486  C  CB  . PHE A 1 59  ? -7.564  -6.545  1.714   1.00 28.01  ? 59  PHE A CB  1 
ATOM   487  C  CG  . PHE A 1 59  ? -7.111  -5.548  0.698   1.00 28.01  ? 59  PHE A CG  1 
ATOM   488  C  CD1 . PHE A 1 59  ? -6.161  -4.596  1.042   1.00 28.01  ? 59  PHE A CD1 1 
ATOM   489  C  CD2 . PHE A 1 59  ? -7.676  -5.503  -0.573  1.00 28.01  ? 59  PHE A CD2 1 
ATOM   490  C  CE1 . PHE A 1 59  ? -5.786  -3.619  0.140   1.00 28.01  ? 59  PHE A CE1 1 
ATOM   491  C  CE2 . PHE A 1 59  ? -7.306  -4.529  -1.481  1.00 28.01  ? 59  PHE A CE2 1 
ATOM   492  C  CZ  . PHE A 1 59  ? -6.362  -3.586  -1.126  1.00 28.01  ? 59  PHE A CZ  1 
ATOM   493  N  N   . TYR A 1 60  ? -8.184  -9.213  3.227   1.00 21.21  ? 60  TYR A N   1 
ATOM   494  C  CA  . TYR A 1 60  ? -9.066  -9.852  4.186   1.00 21.21  ? 60  TYR A CA  1 
ATOM   495  C  C   . TYR A 1 60  ? -8.413  -9.466  5.490   1.00 21.21  ? 60  TYR A C   1 
ATOM   496  O  O   . TYR A 1 60  ? -7.350  -9.973  5.822   1.00 21.21  ? 60  TYR A O   1 
ATOM   497  C  CB  . TYR A 1 60  ? -9.068  -11.364 3.995   1.00 8.96   ? 60  TYR A CB  1 
ATOM   498  C  CG  . TYR A 1 60  ? -9.864  -12.139 5.018   1.00 8.96   ? 60  TYR A CG  1 
ATOM   499  C  CD1 . TYR A 1 60  ? -10.609 -11.494 6.001   1.00 8.96   ? 60  TYR A CD1 1 
ATOM   500  C  CD2 . TYR A 1 60  ? -9.870  -13.531 4.999   1.00 8.96   ? 60  TYR A CD2 1 
ATOM   501  C  CE1 . TYR A 1 60  ? -11.339 -12.221 6.933   1.00 8.96   ? 60  TYR A CE1 1 
ATOM   502  C  CE2 . TYR A 1 60  ? -10.593 -14.262 5.923   1.00 8.96   ? 60  TYR A CE2 1 
ATOM   503  C  CZ  . TYR A 1 60  ? -11.326 -13.608 6.886   1.00 8.96   ? 60  TYR A CZ  1 
ATOM   504  O  OH  . TYR A 1 60  ? -12.048 -14.349 7.789   1.00 8.96   ? 60  TYR A OH  1 
ATOM   505  N  N   . GLN A 1 61  ? -9.029  -8.530  6.203   1.00 26.93  ? 61  GLN A N   1 
ATOM   506  C  CA  . GLN A 1 61  ? -8.483  -8.048  7.466   1.00 27.71  ? 61  GLN A CA  1 
ATOM   507  C  C   . GLN A 1 61  ? -8.549  -9.137  8.520   1.00 27.21  ? 61  GLN A C   1 
ATOM   508  O  O   . GLN A 1 61  ? -9.417  -9.131  9.385   1.00 27.20  ? 61  GLN A O   1 
ATOM   509  C  CB  . GLN A 1 61  ? -9.260  -6.821  7.937   1.00 33.60  ? 61  GLN A CB  1 
ATOM   510  C  CG  . GLN A 1 61  ? -8.649  -6.162  9.162   1.00 35.88  ? 61  GLN A CG  1 
ATOM   511  C  CD  . GLN A 1 61  ? -7.351  -5.442  8.862   1.00 37.40  ? 61  GLN A CD  1 
ATOM   512  O  OE1 . GLN A 1 61  ? -6.555  -5.187  9.757   1.00 37.79  ? 61  GLN A OE1 1 
ATOM   513  N  NE2 . GLN A 1 61  ? -7.139  -5.096  7.600   1.00 39.10  ? 61  GLN A NE2 1 
ATOM   514  N  N   . LEU A 1 62  ? -7.610  -10.069 8.449   1.00 18.43  ? 62  LEU A N   1 
ATOM   515  C  CA  . LEU A 1 62  ? -7.607  -11.179 9.373   1.00 19.13  ? 62  LEU A CA  1 
ATOM   516  C  C   . LEU A 1 62  ? -7.878  -10.771 10.785  1.00 19.76  ? 62  LEU A C   1 
ATOM   517  O  O   . LEU A 1 62  ? -8.834  -11.237 11.377  1.00 19.33  ? 62  LEU A O   1 
ATOM   518  C  CB  . LEU A 1 62  ? -6.288  -11.934 9.318   1.00 28.01  ? 62  LEU A CB  1 
ATOM   519  C  CG  . LEU A 1 62  ? -6.052  -12.786 8.079   1.00 27.60  ? 62  LEU A CG  1 
ATOM   520  C  CD1 . LEU A 1 62  ? -5.029  -13.848 8.436   1.00 29.46  ? 62  LEU A CD1 1 
ATOM   521  C  CD2 . LEU A 1 62  ? -7.345  -13.447 7.626   1.00 29.98  ? 62  LEU A CD2 1 
ATOM   522  N  N   . ARG A 1 63  ? -7.044  -9.897  11.325  1.00 34.96  ? 63  ARG A N   1 
ATOM   523  C  CA  . ARG A 1 63  ? -7.217  -9.464  12.702  1.00 36.68  ? 63  ARG A CA  1 
ATOM   524  C  C   . ARG A 1 63  ? -6.871  -7.984  12.854  1.00 38.67  ? 63  ARG A C   1 
ATOM   525  O  O   . ARG A 1 63  ? -5.760  -7.560  12.530  1.00 40.45  ? 63  ARG A O   1 
ATOM   526  C  CB  . ARG A 1 63  ? -6.320  -10.303 13.607  1.00 26.31  ? 63  ARG A CB  1 
ATOM   527  C  CG  . ARG A 1 63  ? -4.869  -10.185 13.224  1.00 27.39  ? 63  ARG A CG  1 
ATOM   528  C  CD  . ARG A 1 63  ? -3.929  -10.918 14.150  1.00 27.35  ? 63  ARG A CD  1 
ATOM   529  N  NE  . ARG A 1 63  ? -3.924  -12.350 13.903  1.00 26.64  ? 63  ARG A NE  1 
ATOM   530  C  CZ  . ARG A 1 63  ? -3.067  -13.198 14.457  1.00 27.14  ? 63  ARG A CZ  1 
ATOM   531  N  NH1 . ARG A 1 63  ? -2.134  -12.767 15.293  1.00 25.98  ? 63  ARG A NH1 1 
ATOM   532  N  NH2 . ARG A 1 63  ? -3.150  -14.486 14.175  1.00 29.47  ? 63  ARG A NH2 1 
ATOM   533  N  N   . GLY A 1 64  ? -7.826  -7.200  13.347  1.00 33.69  ? 64  GLY A N   1 
ATOM   534  C  CA  . GLY A 1 64  ? -7.587  -5.780  13.537  1.00 36.25  ? 64  GLY A CA  1 
ATOM   535  C  C   . GLY A 1 64  ? -8.532  -4.974  12.679  1.00 38.30  ? 64  GLY A C   1 
ATOM   536  O  O   . GLY A 1 64  ? -9.411  -5.561  12.054  1.00 39.87  ? 64  GLY A O   1 
ATOM   537  N  N   . ASN A 1 65  ? -8.364  -3.647  12.655  1.00 85.03  ? 65  ASN A N   1 
ATOM   538  C  CA  . ASN A 1 65  ? -9.209  -2.742  11.847  1.00 86.37  ? 65  ASN A CA  1 
ATOM   539  C  C   . ASN A 1 65  ? -8.343  -1.747  11.063  1.00 85.73  ? 65  ASN A C   1 
ATOM   540  O  O   . ASN A 1 65  ? -7.258  -1.383  11.517  1.00 87.11  ? 65  ASN A O   1 
ATOM   541  C  CB  . ASN A 1 65  ? -10.154 -1.921  12.734  1.00 57.27  ? 65  ASN A CB  1 
ATOM   542  C  CG  . ASN A 1 65  ? -11.074 -2.772  13.574  1.00 59.11  ? 65  ASN A CG  1 
ATOM   543  O  OD1 . ASN A 1 65  ? -11.933 -3.505  13.059  1.00 59.41  ? 65  ASN A OD1 1 
ATOM   544  N  ND2 . ASN A 1 65  ? -10.908 -2.675  14.888  1.00 59.75  ? 65  ASN A ND2 1 
ATOM   545  N  N   . ALA A 1 66  ? -8.825  -1.290  9.906   1.00 30.23  ? 66  ALA A N   1 
ATOM   546  C  CA  . ALA A 1 66  ? -8.081  -0.317  9.097   1.00 27.74  ? 66  ALA A CA  1 
ATOM   547  C  C   . ALA A 1 66  ? -8.946  0.220   7.964   1.00 27.66  ? 66  ALA A C   1 
ATOM   548  O  O   . ALA A 1 66  ? -10.030 -0.309  7.711   1.00 28.04  ? 66  ALA A O   1 
ATOM   549  C  CB  . ALA A 1 66  ? -6.832  -0.957  8.528   1.00 25.05  ? 66  ALA A CB  1 
ATOM   550  N  N   . TYR A 1 67  ? -8.488  1.276   7.291   1.00 33.91  ? 67  TYR A N   1 
ATOM   551  C  CA  . TYR A 1 67  ? -9.255  1.827   6.176   1.00 33.45  ? 67  TYR A CA  1 
ATOM   552  C  C   . TYR A 1 67  ? -8.474  2.215   4.918   1.00 32.90  ? 67  TYR A C   1 
ATOM   553  O  O   . TYR A 1 67  ? -7.240  2.128   4.856   1.00 33.06  ? 67  TYR A O   1 
ATOM   554  C  CB  . TYR A 1 67  ? -10.119 3.008   6.628   1.00 39.21  ? 67  TYR A CB  1 
ATOM   555  C  CG  . TYR A 1 67  ? -9.368  4.210   7.124   1.00 39.42  ? 67  TYR A CG  1 
ATOM   556  C  CD1 . TYR A 1 67  ? -8.871  4.257   8.416   1.00 39.72  ? 67  TYR A CD1 1 
ATOM   557  C  CD2 . TYR A 1 67  ? -9.156  5.308   6.294   1.00 40.73  ? 67  TYR A CD2 1 
ATOM   558  C  CE1 . TYR A 1 67  ? -8.176  5.375   8.877   1.00 42.38  ? 67  TYR A CE1 1 
ATOM   559  C  CE2 . TYR A 1 67  ? -8.459  6.435   6.740   1.00 42.43  ? 67  TYR A CE2 1 
ATOM   560  C  CZ  . TYR A 1 67  ? -7.970  6.463   8.037   1.00 42.99  ? 67  TYR A CZ  1 
ATOM   561  O  OH  . TYR A 1 67  ? -7.288  7.576   8.499   1.00 45.17  ? 67  TYR A OH  1 
ATOM   562  N  N   . LEU A 1 68  ? -9.221  2.654   3.914   1.00 22.83  ? 68  LEU A N   1 
ATOM   563  C  CA  . LEU A 1 68  ? -8.650  3.006   2.634   1.00 23.17  ? 68  LEU A CA  1 
ATOM   564  C  C   . LEU A 1 68  ? -9.201  4.281   2.049   1.00 23.77  ? 68  LEU A C   1 
ATOM   565  O  O   . LEU A 1 68  ? -10.357 4.339   1.653   1.00 24.38  ? 68  LEU A O   1 
ATOM   566  C  CB  . LEU A 1 68  ? -8.911  1.878   1.638   1.00 19.19  ? 68  LEU A CB  1 
ATOM   567  C  CG  . LEU A 1 68  ? -8.291  0.524   1.966   1.00 18.76  ? 68  LEU A CG  1 
ATOM   568  C  CD1 . LEU A 1 68  ? -8.977  -0.563  1.184   1.00 19.65  ? 68  LEU A CD1 1 
ATOM   569  C  CD2 . LEU A 1 68  ? -6.804  0.562   1.648   1.00 18.97  ? 68  LEU A CD2 1 
ATOM   570  N  N   . ASN A 1 69  ? -8.381  5.309   1.981   1.00 11.12  ? 69  ASN A N   1 
ATOM   571  C  CA  . ASN A 1 69  ? -8.853  6.521   1.370   1.00 13.54  ? 69  ASN A CA  1 
ATOM   572  C  C   . ASN A 1 69  ? -8.748  6.206   -0.116  1.00 15.33  ? 69  ASN A C   1 
ATOM   573  O  O   . ASN A 1 69  ? -7.833  5.510   -0.534  1.00 14.42  ? 69  ASN A O   1 
ATOM   574  C  CB  . ASN A 1 69  ? -7.954  7.691   1.757   1.00 39.56  ? 69  ASN A CB  1 
ATOM   575  C  CG  . ASN A 1 69  ? -8.007  8.002   3.246   1.00 39.95  ? 69  ASN A CG  1 
ATOM   576  O  OD1 . ASN A 1 69  ? -9.080  8.242   3.808   1.00 40.22  ? 69  ASN A OD1 1 
ATOM   577  N  ND2 . ASN A 1 69  ? -6.842  8.008   3.889   1.00 40.78  ? 69  ASN A ND2 1 
ATOM   578  N  N   . LEU A 1 70  ? -9.685  6.695   -0.914  1.00 27.46  ? 70  LEU A N   1 
ATOM   579  C  CA  . LEU A 1 70  ? -9.667  6.418   -2.342  1.00 32.21  ? 70  LEU A CA  1 
ATOM   580  C  C   . LEU A 1 70  ? -10.372 7.545   -3.078  1.00 36.94  ? 70  LEU A C   1 
ATOM   581  O  O   . LEU A 1 70  ? -11.000 8.388   -2.447  1.00 37.99  ? 70  LEU A O   1 
ATOM   582  C  CB  . LEU A 1 70  ? -10.416 5.119   -2.609  1.00 35.67  ? 70  LEU A CB  1 
ATOM   583  C  CG  . LEU A 1 70  ? -10.609 4.182   -1.411  1.00 36.49  ? 70  LEU A CG  1 
ATOM   584  C  CD1 . LEU A 1 70  ? -11.930 3.473   -1.553  1.00 36.77  ? 70  LEU A CD1 1 
ATOM   585  C  CD2 . LEU A 1 70  ? -9.466  3.183   -1.309  1.00 36.48  ? 70  LEU A CD2 1 
ATOM   586  N  N   . TRP A 1 71  ? -10.266 7.560   -4.407  1.00 57.30  ? 71  TRP A N   1 
ATOM   587  C  CA  . TRP A 1 71  ? -10.935 8.571   -5.241  1.00 62.89  ? 71  TRP A CA  1 
ATOM   588  C  C   . TRP A 1 71  ? -12.052 7.889   -6.038  1.00 67.45  ? 71  TRP A C   1 
ATOM   589  O  O   . TRP A 1 71  ? -11.777 7.109   -6.957  1.00 67.30  ? 71  TRP A O   1 
ATOM   590  C  CB  . TRP A 1 71  ? -9.960  9.220   -6.226  1.00 61.79  ? 71  TRP A CB  1 
ATOM   591  C  CG  . TRP A 1 71  ? -8.908  10.066  -5.601  1.00 60.84  ? 71  TRP A CG  1 
ATOM   592  C  CD1 . TRP A 1 71  ? -7.708  9.648   -5.119  1.00 61.23  ? 71  TRP A CD1 1 
ATOM   593  C  CD2 . TRP A 1 71  ? -8.974  11.477  -5.354  1.00 60.42  ? 71  TRP A CD2 1 
ATOM   594  N  NE1 . TRP A 1 71  ? -7.016  10.709  -4.582  1.00 61.74  ? 71  TRP A NE1 1 
ATOM   595  C  CE2 . TRP A 1 71  ? -7.772  11.843  -4.711  1.00 60.82  ? 71  TRP A CE2 1 
ATOM   596  C  CE3 . TRP A 1 71  ? -9.932  12.464  -5.607  1.00 59.26  ? 71  TRP A CE3 1 
ATOM   597  C  CZ2 . TRP A 1 71  ? -7.504  13.157  -4.316  1.00 59.64  ? 71  TRP A CZ2 1 
ATOM   598  C  CZ3 . TRP A 1 71  ? -9.666  13.767  -5.214  1.00 58.47  ? 71  TRP A CZ3 1 
ATOM   599  C  CH2 . TRP A 1 71  ? -8.461  14.101  -4.576  1.00 58.72  ? 71  TRP A CH2 1 
ATOM   600  N  N   . VAL A 1 72  ? -13.303 8.201   -5.695  1.00 139.69 ? 72  VAL A N   1 
ATOM   601  C  CA  . VAL A 1 72  ? -14.493 7.599   -6.332  1.00 144.76 ? 72  VAL A CA  1 
ATOM   602  C  C   . VAL A 1 72  ? -14.741 7.941   -7.823  1.00 146.03 ? 72  VAL A C   1 
ATOM   603  O  O   . VAL A 1 72  ? -14.821 7.040   -8.673  1.00 146.61 ? 72  VAL A O   1 
ATOM   604  C  CB  . VAL A 1 72  ? -15.778 7.942   -5.501  1.00 114.46 ? 72  VAL A CB  1 
ATOM   605  C  CG1 . VAL A 1 72  ? -15.999 9.465   -5.468  1.00 115.77 ? 72  VAL A CG1 1 
ATOM   606  C  CG2 . VAL A 1 72  ? -16.991 7.211   -6.074  1.00 115.86 ? 72  VAL A CG2 1 
ATOM   607  N  N   . ASP A 1 73  ? -14.886 9.230   -8.123  1.00 101.35 ? 73  ASP A N   1 
ATOM   608  C  CA  . ASP A 1 73  ? -15.098 9.708   -9.489  1.00 100.89 ? 73  ASP A CA  1 
ATOM   609  C  C   . ASP A 1 73  ? -14.073 10.810  -9.644  1.00 101.36 ? 73  ASP A C   1 
ATOM   610  O  O   . ASP A 1 73  ? -13.772 11.275  -10.744 1.00 102.41 ? 73  ASP A O   1 
ATOM   611  C  CB  . ASP A 1 73  ? -16.511 10.270  -9.645  1.00 73.03  ? 73  ASP A CB  1 
ATOM   612  C  CG  . ASP A 1 73  ? -17.446 9.304   -10.330 1.00 72.10  ? 73  ASP A CG  1 
ATOM   613  O  OD1 . ASP A 1 73  ? -17.537 9.358   -11.575 1.00 70.54  ? 73  ASP A OD1 1 
ATOM   614  O  OD2 . ASP A 1 73  ? -18.078 8.484   -9.627  1.00 71.04  ? 73  ASP A OD2 1 
ATOM   615  N  N   . GLY A 1 74  ? -13.526 11.191  -8.499  1.00 100.88 ? 74  GLY A N   1 
ATOM   616  C  CA  . GLY A 1 74  ? -12.540 12.241  -8.430  1.00 100.45 ? 74  GLY A CA  1 
ATOM   617  C  C   . GLY A 1 74  ? -12.809 12.914  -7.103  1.00 100.04 ? 74  GLY A C   1 
ATOM   618  O  O   . GLY A 1 74  ? -12.390 14.049  -6.876  1.00 100.95 ? 74  GLY A O   1 
ATOM   619  N  N   . ARG A 1 75  ? -13.521 12.199  -6.228  1.00 68.48  ? 75  ARG A N   1 
ATOM   620  C  CA  . ARG A 1 75  ? -13.870 12.705  -4.899  1.00 66.79  ? 75  ARG A CA  1 
ATOM   621  C  C   . ARG A 1 75  ? -13.222 11.866  -3.801  1.00 65.32  ? 75  ARG A C   1 
ATOM   622  O  O   . ARG A 1 75  ? -13.358 10.644  -3.798  1.00 64.41  ? 75  ARG A O   1 
ATOM   623  C  CB  . ARG A 1 75  ? -15.388 12.698  -4.724  1.00 75.39  ? 75  ARG A CB  1 
ATOM   624  N  N   . ARG A 1 76  ? -12.522 12.518  -2.874  1.00 51.52  ? 76  ARG A N   1 
ATOM   625  C  CA  . ARG A 1 76  ? -11.885 11.790  -1.785  1.00 51.12  ? 76  ARG A CA  1 
ATOM   626  C  C   . ARG A 1 76  ? -12.935 10.924  -1.121  1.00 49.53  ? 76  ARG A C   1 
ATOM   627  O  O   . ARG A 1 76  ? -14.095 11.308  -1.024  1.00 49.03  ? 76  ARG A O   1 
ATOM   628  C  CB  . ARG A 1 76  ? -11.269 12.745  -0.766  1.00 91.84  ? 76  ARG A CB  1 
ATOM   629  C  CG  . ARG A 1 76  ? -10.036 13.475  -1.283  1.00 94.13  ? 76  ARG A CG  1 
ATOM   630  C  CD  . ARG A 1 76  ? -9.387  14.333  -0.209  1.00 96.00  ? 76  ARG A CD  1 
ATOM   631  N  NE  . ARG A 1 76  ? -8.335  15.188  -0.759  1.00 98.92  ? 76  ARG A NE  1 
ATOM   632  C  CZ  . ARG A 1 76  ? -7.793  16.228  -0.119  1.00 100.39 ? 76  ARG A CZ  1 
ATOM   633  N  NH1 . ARG A 1 76  ? -8.196  16.550  1.104   1.00 101.55 ? 76  ARG A NH1 1 
ATOM   634  N  NH2 . ARG A 1 76  ? -6.855  16.960  -0.706  1.00 101.14 ? 76  ARG A NH2 1 
ATOM   635  N  N   . GLU A 1 77  ? -12.524 9.752   -0.665  1.00 74.08  ? 77  GLU A N   1 
ATOM   636  C  CA  . GLU A 1 77  ? -13.456 8.822   -0.058  1.00 72.78  ? 77  GLU A CA  1 
ATOM   637  C  C   . GLU A 1 77  ? -12.796 7.994   1.018   1.00 71.74  ? 77  GLU A C   1 
ATOM   638  O  O   . GLU A 1 77  ? -11.746 8.370   1.537   1.00 72.55  ? 77  GLU A O   1 
ATOM   639  C  CB  . GLU A 1 77  ? -14.008 7.906   -1.135  1.00 80.81  ? 77  GLU A CB  1 
ATOM   640  C  CG  . GLU A 1 77  ? -14.798 8.648   -2.173  1.00 82.17  ? 77  GLU A CG  1 
ATOM   641  C  CD  . GLU A 1 77  ? -16.202 8.925   -1.711  1.00 82.98  ? 77  GLU A CD  1 
ATOM   642  O  OE1 . GLU A 1 77  ? -17.096 8.125   -2.075  1.00 83.18  ? 77  GLU A OE1 1 
ATOM   643  O  OE2 . GLU A 1 77  ? -16.402 9.922   -0.978  1.00 82.70  ? 77  GLU A OE2 1 
ATOM   644  N  N   . ARG A 1 78  ? -13.413 6.860   1.342   1.00 42.81  ? 78  ARG A N   1 
ATOM   645  C  CA  . ARG A 1 78  ? -12.887 5.979   2.372   1.00 40.15  ? 78  ARG A CA  1 
ATOM   646  C  C   . ARG A 1 78  ? -13.615 4.664   2.528   1.00 37.49  ? 78  ARG A C   1 
ATOM   647  O  O   . ARG A 1 78  ? -14.809 4.619   2.810   1.00 37.23  ? 78  ARG A O   1 
ATOM   648  C  CB  . ARG A 1 78  ? -12.889 6.692   3.715   1.00 64.01  ? 78  ARG A CB  1 
ATOM   649  C  CG  . ARG A 1 78  ? -13.022 5.773   4.905   1.00 67.01  ? 78  ARG A CG  1 
ATOM   650  C  CD  . ARG A 1 78  ? -12.772 6.554   6.174   1.00 71.60  ? 78  ARG A CD  1 
ATOM   651  N  NE  . ARG A 1 78  ? -13.093 5.801   7.383   1.00 75.11  ? 78  ARG A NE  1 
ATOM   652  C  CZ  . ARG A 1 78  ? -12.720 6.165   8.610   1.00 76.96  ? 78  ARG A CZ  1 
ATOM   653  N  NH1 . ARG A 1 78  ? -12.006 7.277   8.800   1.00 77.48  ? 78  ARG A NH1 1 
ATOM   654  N  NH2 . ARG A 1 78  ? -13.068 5.421   9.654   1.00 77.95  ? 78  ARG A NH2 1 
ATOM   655  N  N   . ALA A 1 79  ? -12.864 3.590   2.356   1.00 53.54  ? 79  ALA A N   1 
ATOM   656  C  CA  . ALA A 1 79  ? -13.388 2.252   2.505   1.00 50.55  ? 79  ALA A CA  1 
ATOM   657  C  C   . ALA A 1 79  ? -12.905 1.810   3.875   1.00 49.44  ? 79  ALA A C   1 
ATOM   658  O  O   . ALA A 1 79  ? -11.761 2.054   4.228   1.00 50.41  ? 79  ALA A O   1 
ATOM   659  C  CB  . ALA A 1 79  ? -12.815 1.359   1.435   1.00 21.12  ? 79  ALA A CB  1 
ATOM   660  N  N   . ASP A 1 80  ? -13.764 1.171   4.655   1.00 27.81  ? 80  ASP A N   1 
ATOM   661  C  CA  . ASP A 1 80  ? -13.361 0.718   5.978   1.00 25.81  ? 80  ASP A CA  1 
ATOM   662  C  C   . ASP A 1 80  ? -13.115 -0.780  6.062   1.00 23.96  ? 80  ASP A C   1 
ATOM   663  O  O   . ASP A 1 80  ? -14.009 -1.596  5.805   1.00 23.08  ? 80  ASP A O   1 
ATOM   664  C  CB  . ASP A 1 80  ? -14.417 1.108   7.002   1.00 62.19  ? 80  ASP A CB  1 
ATOM   665  C  CG  . ASP A 1 80  ? -14.357 2.563   7.362   1.00 64.21  ? 80  ASP A CG  1 
ATOM   666  O  OD1 . ASP A 1 80  ? -13.424 2.945   8.088   1.00 66.05  ? 80  ASP A OD1 1 
ATOM   667  O  OD2 . ASP A 1 80  ? -15.234 3.330   6.916   1.00 66.40  ? 80  ASP A OD2 1 
ATOM   668  N  N   . LEU A 1 81  ? -11.896 -1.142  6.427   1.00 24.79  ? 81  LEU A N   1 
ATOM   669  C  CA  . LEU A 1 81  ? -11.556 -2.544  6.572   1.00 23.73  ? 81  LEU A CA  1 
ATOM   670  C  C   . LEU A 1 81  ? -11.802 -2.959  8.014   1.00 23.77  ? 81  LEU A C   1 
ATOM   671  O  O   . LEU A 1 81  ? -10.875 -3.017  8.829   1.00 23.15  ? 81  LEU A O   1 
ATOM   672  C  CB  . LEU A 1 81  ? -10.093 -2.806  6.212   1.00 33.42  ? 81  LEU A CB  1 
ATOM   673  C  CG  . LEU A 1 81  ? -9.643  -2.542  4.780   1.00 32.19  ? 81  LEU A CG  1 
ATOM   674  C  CD1 . LEU A 1 81  ? -8.356  -3.285  4.532   1.00 30.75  ? 81  LEU A CD1 1 
ATOM   675  C  CD2 . LEU A 1 81  ? -10.694 -3.002  3.804   1.00 32.29  ? 81  LEU A CD2 1 
ATOM   676  N  N   . LYS A 1 82  ? -13.061 -3.230  8.332   1.00 33.74  ? 82  LYS A N   1 
ATOM   677  C  CA  . LYS A 1 82  ? -13.400 -3.649  9.676   1.00 33.76  ? 82  LYS A CA  1 
ATOM   678  C  C   . LYS A 1 82  ? -12.981 -5.090  9.759   1.00 32.93  ? 82  LYS A C   1 
ATOM   679  O  O   . LYS A 1 82  ? -13.142 -5.839  8.803   1.00 34.53  ? 82  LYS A O   1 
ATOM   680  C  CB  . LYS A 1 82  ? -14.895 -3.504  9.925   1.00 48.26  ? 82  LYS A CB  1 
ATOM   681  C  CG  . LYS A 1 82  ? -15.187 -2.742  11.205  1.00 51.33  ? 82  LYS A CG  1 
ATOM   682  C  CD  . LYS A 1 82  ? -16.318 -1.745  11.029  1.00 52.70  ? 82  LYS A CD  1 
ATOM   683  C  CE  . LYS A 1 82  ? -16.263 -0.687  12.121  1.00 54.22  ? 82  LYS A CE  1 
ATOM   684  N  NZ  . LYS A 1 82  ? -14.997 0.108   12.059  1.00 54.42  ? 82  LYS A NZ  1 
ATOM   685  N  N   . GLU A 1 83  ? -12.429 -5.489  10.891  1.00 25.86  ? 83  GLU A N   1 
ATOM   686  C  CA  . GLU A 1 83  ? -11.972 -6.856  11.022  1.00 23.80  ? 83  GLU A CA  1 
ATOM   687  C  C   . GLU A 1 83  ? -12.906 -7.903  10.439  1.00 21.84  ? 83  GLU A C   1 
ATOM   688  O  O   . GLU A 1 83  ? -14.132 -7.843  10.598  1.00 21.31  ? 83  GLU A O   1 
ATOM   689  C  CB  . GLU A 1 83  ? -11.708 -7.183  12.476  1.00 32.67  ? 83  GLU A CB  1 
ATOM   690  C  CG  . GLU A 1 83  ? -11.195 -8.575  12.657  1.00 34.23  ? 83  GLU A CG  1 
ATOM   691  C  CD  . GLU A 1 83  ? -10.949 -8.894  14.098  1.00 36.25  ? 83  GLU A CD  1 
ATOM   692  O  OE1 . GLU A 1 83  ? -10.045 -8.265  14.686  1.00 37.05  ? 83  GLU A OE1 1 
ATOM   693  O  OE2 . GLU A 1 83  ? -11.666 -9.764  14.638  1.00 36.20  ? 83  GLU A OE2 1 
ATOM   694  N  N   . GLY A 1 84  ? -12.303 -8.858  9.747   1.00 16.25  ? 84  GLY A N   1 
ATOM   695  C  CA  . GLY A 1 84  ? -13.063 -9.943  9.172   1.00 16.62  ? 84  GLY A CA  1 
ATOM   696  C  C   . GLY A 1 84  ? -13.618 -9.681  7.800   1.00 17.35  ? 84  GLY A C   1 
ATOM   697  O  O   . GLY A 1 84  ? -14.154 -10.587 7.171   1.00 16.93  ? 84  GLY A O   1 
ATOM   698  N  N   . ASP A 1 85  ? -13.499 -8.453  7.324   1.00 30.87  ? 85  ASP A N   1 
ATOM   699  C  CA  . ASP A 1 85  ? -14.024 -8.128  6.006   1.00 32.02  ? 85  ASP A CA  1 
ATOM   700  C  C   . ASP A 1 85  ? -12.998 -8.425  4.940   1.00 31.70  ? 85  ASP A C   1 
ATOM   701  O  O   . ASP A 1 85  ? -11.800 -8.485  5.211   1.00 33.97  ? 85  ASP A O   1 
ATOM   702  C  CB  . ASP A 1 85  ? -14.381 -6.651  5.909   1.00 43.05  ? 85  ASP A CB  1 
ATOM   703  C  CG  . ASP A 1 85  ? -15.254 -6.188  7.046   1.00 46.17  ? 85  ASP A CG  1 
ATOM   704  O  OD1 . ASP A 1 85  ? -15.424 -4.960  7.184   1.00 49.25  ? 85  ASP A OD1 1 
ATOM   705  O  OD2 . ASP A 1 85  ? -15.768 -7.039  7.805   1.00 46.65  ? 85  ASP A OD2 1 
ATOM   706  N  N   . ILE A 1 86  ? -13.476 -8.634  3.727   1.00 30.02  ? 86  ILE A N   1 
ATOM   707  C  CA  . ILE A 1 86  ? -12.589 -8.861  2.610   1.00 29.16  ? 86  ILE A CA  1 
ATOM   708  C  C   . ILE A 1 86  ? -13.086 -7.845  1.604   1.00 30.16  ? 86  ILE A C   1 
ATOM   709  O  O   . ILE A 1 86  ? -14.132 -7.239  1.818   1.00 31.45  ? 86  ILE A O   1 
ATOM   710  C  CB  . ILE A 1 86  ? -12.693 -10.296 2.038   1.00 28.48  ? 86  ILE A CB  1 
ATOM   711  C  CG1 . ILE A 1 86  ? -14.090 -10.572 1.484   1.00 24.76  ? 86  ILE A CG1 1 
ATOM   712  C  CG2 . ILE A 1 86  ? -12.318 -11.293 3.115   1.00 28.44  ? 86  ILE A CG2 1 
ATOM   713  C  CD1 . ILE A 1 86  ? -15.139 -10.590 2.521   1.00 27.76  ? 86  ILE A CD1 1 
ATOM   714  N  N   . PHE A 1 87  ? -12.347 -7.648  0.519   1.00 33.74  ? 87  PHE A N   1 
ATOM   715  C  CA  . PHE A 1 87  ? -12.723 -6.668  -0.490  1.00 31.85  ? 87  PHE A CA  1 
ATOM   716  C  C   . PHE A 1 87  ? -11.721 -6.728  -1.620  1.00 31.22  ? 87  PHE A C   1 
ATOM   717  O  O   . PHE A 1 87  ? -10.519 -6.884  -1.392  1.00 31.88  ? 87  PHE A O   1 
ATOM   718  C  CB  . PHE A 1 87  ? -12.720 -5.274  0.136   1.00 31.61  ? 87  PHE A CB  1 
ATOM   719  C  CG  . PHE A 1 87  ? -12.626 -4.162  -0.854  1.00 28.98  ? 87  PHE A CG  1 
ATOM   720  C  CD1 . PHE A 1 87  ? -13.611 -3.984  -1.814  1.00 28.07  ? 87  PHE A CD1 1 
ATOM   721  C  CD2 . PHE A 1 87  ? -11.553 -3.282  -0.817  1.00 28.00  ? 87  PHE A CD2 1 
ATOM   722  C  CE1 . PHE A 1 87  ? -13.521 -2.938  -2.716  1.00 27.68  ? 87  PHE A CE1 1 
ATOM   723  C  CE2 . PHE A 1 87  ? -11.454 -2.241  -1.710  1.00 27.15  ? 87  PHE A CE2 1 
ATOM   724  C  CZ  . PHE A 1 87  ? -12.433 -2.063  -2.658  1.00 27.25  ? 87  PHE A CZ  1 
ATOM   725  N  N   . LEU A 1 88  ? -12.207 -6.596  -2.843  1.00 16.67  ? 88  LEU A N   1 
ATOM   726  C  CA  . LEU A 1 88  ? -11.311 -6.642  -3.981  1.00 15.94  ? 88  LEU A CA  1 
ATOM   727  C  C   . LEU A 1 88  ? -11.275 -5.293  -4.641  1.00 14.55  ? 88  LEU A C   1 
ATOM   728  O  O   . LEU A 1 88  ? -12.321 -4.768  -5.040  1.00 14.17  ? 88  LEU A O   1 
ATOM   729  C  CB  . LEU A 1 88  ? -11.786 -7.683  -4.981  1.00 37.44  ? 88  LEU A CB  1 
ATOM   730  C  CG  . LEU A 1 88  ? -10.894 -7.951  -6.186  1.00 37.15  ? 88  LEU A CG  1 
ATOM   731  C  CD1 . LEU A 1 88  ? -9.482  -8.233  -5.710  1.00 36.55  ? 88  LEU A CD1 1 
ATOM   732  C  CD2 . LEU A 1 88  ? -11.456 -9.124  -6.969  1.00 37.63  ? 88  LEU A CD2 1 
ATOM   733  N  N   . LEU A 1 89  ? -10.073 -4.734  -4.753  1.00 20.83  ? 89  LEU A N   1 
ATOM   734  C  CA  . LEU A 1 89  ? -9.911  -3.429  -5.364  1.00 19.85  ? 89  LEU A CA  1 
ATOM   735  C  C   . LEU A 1 89  ? -9.764  -3.565  -6.857  1.00 20.20  ? 89  LEU A C   1 
ATOM   736  O  O   . LEU A 1 89  ? -8.908  -4.303  -7.325  1.00 20.90  ? 89  LEU A O   1 
ATOM   737  C  CB  . LEU A 1 89  ? -8.684  -2.730  -4.815  1.00 12.35  ? 89  LEU A CB  1 
ATOM   738  C  CG  . LEU A 1 89  ? -8.563  -1.336  -5.414  1.00 12.18  ? 89  LEU A CG  1 
ATOM   739  C  CD1 . LEU A 1 89  ? -9.697  -0.499  -4.897  1.00 12.18  ? 89  LEU A CD1 1 
ATOM   740  C  CD2 . LEU A 1 89  ? -7.223  -0.712  -5.054  1.00 12.18  ? 89  LEU A CD2 1 
ATOM   741  N  N   . PRO A 1 90  ? -10.599 -2.857  -7.629  1.00 23.36  ? 90  PRO A N   1 
ATOM   742  C  CA  . PRO A 1 90  ? -10.529 -2.928  -9.088  1.00 23.80  ? 90  PRO A CA  1 
ATOM   743  C  C   . PRO A 1 90  ? -9.205  -2.311  -9.476  1.00 25.15  ? 90  PRO A C   1 
ATOM   744  O  O   . PRO A 1 90  ? -8.565  -1.644  -8.657  1.00 25.79  ? 90  PRO A O   1 
ATOM   745  C  CB  . PRO A 1 90  ? -11.702 -2.068  -9.546  1.00 33.30  ? 90  PRO A CB  1 
ATOM   746  C  CG  . PRO A 1 90  ? -12.603 -2.037  -8.357  1.00 33.68  ? 90  PRO A CG  1 
ATOM   747  C  CD  . PRO A 1 90  ? -11.641 -1.914  -7.216  1.00 33.70  ? 90  PRO A CD  1 
ATOM   748  N  N   . PRO A 1 91  ? -8.791  -2.489  -10.734 1.00 18.30  ? 91  PRO A N   1 
ATOM   749  C  CA  . PRO A 1 91  ? -7.530  -1.961  -11.252 1.00 19.37  ? 91  PRO A CA  1 
ATOM   750  C  C   . PRO A 1 91  ? -7.445  -0.438  -11.306 1.00 20.99  ? 91  PRO A C   1 
ATOM   751  O  O   . PRO A 1 91  ? -8.431  0.253   -11.535 1.00 21.84  ? 91  PRO A O   1 
ATOM   752  C  CB  . PRO A 1 91  ? -7.450  -2.568  -12.645 1.00 34.23  ? 91  PRO A CB  1 
ATOM   753  C  CG  . PRO A 1 91  ? -8.411  -3.714  -12.600 1.00 35.05  ? 91  PRO A CG  1 
ATOM   754  C  CD  . PRO A 1 91  ? -9.527  -3.180  -11.792 1.00 32.75  ? 91  PRO A CD  1 
ATOM   755  N  N   . HIS A 1 92  ? -6.239  0.072   -11.099 1.00 62.08  ? 92  HIS A N   1 
ATOM   756  C  CA  . HIS A 1 92  ? -5.965  1.499   -11.142 1.00 62.67  ? 92  HIS A CA  1 
ATOM   757  C  C   . HIS A 1 92  ? -6.672  2.326   -10.076 1.00 63.14  ? 92  HIS A C   1 
ATOM   758  O  O   . HIS A 1 92  ? -6.287  3.467   -9.851  1.00 65.20  ? 92  HIS A O   1 
ATOM   759  C  CB  . HIS A 1 92  ? -6.289  2.052   -12.537 1.00 34.29  ? 92  HIS A CB  1 
ATOM   760  C  CG  . HIS A 1 92  ? -5.506  1.406   -13.643 1.00 35.70  ? 92  HIS A CG  1 
ATOM   761  N  ND1 . HIS A 1 92  ? -4.128  1.380   -13.667 1.00 36.36  ? 92  HIS A ND1 1 
ATOM   762  C  CD2 . HIS A 1 92  ? -5.912  0.745   -14.755 1.00 35.94  ? 92  HIS A CD2 1 
ATOM   763  C  CE1 . HIS A 1 92  ? -3.720  0.726   -14.741 1.00 37.84  ? 92  HIS A CE1 1 
ATOM   764  N  NE2 . HIS A 1 92  ? -4.783  0.330   -15.419 1.00 35.99  ? 92  HIS A NE2 1 
ATOM   765  N  N   . VAL A 1 93  ? -7.687  1.785   -9.408  1.00 22.04  ? 93  VAL A N   1 
ATOM   766  C  CA  . VAL A 1 93  ? -8.350  2.590   -8.389  1.00 20.31  ? 93  VAL A CA  1 
ATOM   767  C  C   . VAL A 1 93  ? -7.283  3.012   -7.400  1.00 19.19  ? 93  VAL A C   1 
ATOM   768  O  O   . VAL A 1 93  ? -6.544  2.180   -6.874  1.00 18.82  ? 93  VAL A O   1 
ATOM   769  C  CB  . VAL A 1 93  ? -9.435  1.826   -7.630  1.00 25.71  ? 93  VAL A CB  1 
ATOM   770  C  CG1 . VAL A 1 93  ? -10.259 2.813   -6.822  1.00 26.23  ? 93  VAL A CG1 1 
ATOM   771  C  CG2 . VAL A 1 93  ? -10.316 1.052   -8.586  1.00 25.67  ? 93  VAL A CG2 1 
ATOM   772  N  N   . ARG A 1 94  ? -7.204  4.310   -7.155  1.00 22.68  ? 94  ARG A N   1 
ATOM   773  C  CA  . ARG A 1 94  ? -6.197  4.861   -6.262  1.00 23.23  ? 94  ARG A CA  1 
ATOM   774  C  C   . ARG A 1 94  ? -6.451  4.553   -4.794  1.00 22.35  ? 94  ARG A C   1 
ATOM   775  O  O   . ARG A 1 94  ? -7.505  4.889   -4.263  1.00 22.64  ? 94  ARG A O   1 
ATOM   776  C  CB  . ARG A 1 94  ? -6.128  6.369   -6.467  1.00 28.76  ? 94  ARG A CB  1 
ATOM   777  C  CG  . ARG A 1 94  ? -6.093  6.791   -7.932  1.00 31.74  ? 94  ARG A CG  1 
ATOM   778  C  CD  . ARG A 1 94  ? -4.883  6.229   -8.687  1.00 32.80  ? 94  ARG A CD  1 
ATOM   779  N  NE  . ARG A 1 94  ? -4.531  7.052   -9.849  1.00 35.15  ? 94  ARG A NE  1 
ATOM   780  C  CZ  . ARG A 1 94  ? -4.883  6.801   -11.110 1.00 36.12  ? 94  ARG A CZ  1 
ATOM   781  N  NH1 . ARG A 1 94  ? -5.606  5.731   -11.412 1.00 35.94  ? 94  ARG A NH1 1 
ATOM   782  N  NH2 . ARG A 1 94  ? -4.514  7.634   -12.078 1.00 37.38  ? 94  ARG A NH2 1 
ATOM   783  N  N   . HIS A 1 95  ? -5.481  3.926   -4.134  1.00 19.85  ? 95  HIS A N   1 
ATOM   784  C  CA  . HIS A 1 95  ? -5.650  3.596   -2.728  1.00 19.59  ? 95  HIS A CA  1 
ATOM   785  C  C   . HIS A 1 95  ? -4.553  4.101   -1.822  1.00 20.49  ? 95  HIS A C   1 
ATOM   786  O  O   . HIS A 1 95  ? -3.391  4.141   -2.202  1.00 20.95  ? 95  HIS A O   1 
ATOM   787  C  CB  . HIS A 1 95  ? -5.786  2.091   -2.542  1.00 15.55  ? 95  HIS A CB  1 
ATOM   788  C  CG  . HIS A 1 95  ? -4.805  1.296   -3.336  1.00 14.73  ? 95  HIS A CG  1 
ATOM   789  N  ND1 . HIS A 1 95  ? -4.784  1.310   -4.712  1.00 14.73  ? 95  HIS A ND1 1 
ATOM   790  C  CD2 . HIS A 1 95  ? -3.820  0.456   -2.951  1.00 14.73  ? 95  HIS A CD2 1 
ATOM   791  C  CE1 . HIS A 1 95  ? -3.826  0.511   -5.140  1.00 14.73  ? 95  HIS A CE1 1 
ATOM   792  N  NE2 . HIS A 1 95  ? -3.225  -0.018  -4.092  1.00 14.73  ? 95  HIS A NE2 1 
ATOM   793  N  N   . SER A 1 96  ? -4.955  4.479   -0.611  1.00 35.61  ? 96  SER A N   1 
ATOM   794  C  CA  . SER A 1 96  ? -4.066  4.985   0.442   1.00 36.25  ? 96  SER A CA  1 
ATOM   795  C  C   . SER A 1 96  ? -4.390  4.192   1.720   1.00 36.12  ? 96  SER A C   1 
ATOM   796  O  O   . SER A 1 96  ? -5.216  4.592   2.548   1.00 35.86  ? 96  SER A O   1 
ATOM   797  C  CB  . SER A 1 96  ? -4.322  6.476   0.668   1.00 68.96  ? 96  SER A CB  1 
ATOM   798  O  OG  . SER A 1 96  ? -3.534  6.984   1.728   1.00 71.84  ? 96  SER A OG  1 
ATOM   799  N  N   . PRO A 1 97  ? -3.734  3.046   1.890   1.00 26.66  ? 97  PRO A N   1 
ATOM   800  C  CA  . PRO A 1 97  ? -3.951  2.182   3.042   1.00 26.54  ? 97  PRO A CA  1 
ATOM   801  C  C   . PRO A 1 97  ? -3.545  2.774   4.360   1.00 25.94  ? 97  PRO A C   1 
ATOM   802  O  O   . PRO A 1 97  ? -2.365  3.037   4.584   1.00 25.89  ? 97  PRO A O   1 
ATOM   803  C  CB  . PRO A 1 97  ? -3.134  0.944   2.696   1.00 33.91  ? 97  PRO A CB  1 
ATOM   804  C  CG  . PRO A 1 97  ? -3.124  0.966   1.199   1.00 35.10  ? 97  PRO A CG  1 
ATOM   805  C  CD  . PRO A 1 97  ? -2.830  2.402   0.931   1.00 34.45  ? 97  PRO A CD  1 
ATOM   806  N  N   . GLN A 1 98  ? -4.530  2.968   5.234   1.00 16.38  ? 98  GLN A N   1 
ATOM   807  C  CA  . GLN A 1 98  ? -4.272  3.502   6.561   1.00 16.52  ? 98  GLN A CA  1 
ATOM   808  C  C   . GLN A 1 98  ? -4.396  2.394   7.594   1.00 18.02  ? 98  GLN A C   1 
ATOM   809  O  O   . GLN A 1 98  ? -5.490  1.951   7.884   1.00 19.22  ? 98  GLN A O   1 
ATOM   810  C  CB  . GLN A 1 98  ? -5.261  4.618   6.899   1.00 15.33  ? 98  GLN A CB  1 
ATOM   811  C  CG  . GLN A 1 98  ? -5.136  5.829   6.026   1.00 13.94  ? 98  GLN A CG  1 
ATOM   812  C  CD  . GLN A 1 98  ? -3.697  6.184   5.766   1.00 13.94  ? 98  GLN A CD  1 
ATOM   813  O  OE1 . GLN A 1 98  ? -2.977  6.665   6.642   1.00 14.88  ? 98  GLN A OE1 1 
ATOM   814  N  NE2 . GLN A 1 98  ? -3.258  5.927   4.551   1.00 15.12  ? 98  GLN A NE2 1 
ATOM   815  N  N   . ARG A 1 99  ? -3.281  1.936   8.140   1.00 27.21  ? 99  ARG A N   1 
ATOM   816  C  CA  . ARG A 1 99  ? -3.317  0.874   9.149   1.00 29.31  ? 99  ARG A CA  1 
ATOM   817  C  C   . ARG A 1 99  ? -2.743  1.420   10.465  1.00 31.01  ? 99  ARG A C   1 
ATOM   818  O  O   . ARG A 1 99  ? -1.542  1.371   10.709  1.00 31.41  ? 99  ARG A O   1 
ATOM   819  C  CB  . ARG A 1 99  ? -2.520  -0.338  8.653   1.00 25.68  ? 99  ARG A CB  1 
ATOM   820  C  CG  . ARG A 1 99  ? -3.036  -0.875  7.329   1.00 24.57  ? 99  ARG A CG  1 
ATOM   821  C  CD  . ARG A 1 99  ? -2.125  -1.912  6.711   1.00 23.22  ? 99  ARG A CD  1 
ATOM   822  N  NE  . ARG A 1 99  ? -2.710  -2.492  5.506   1.00 21.41  ? 99  ARG A NE  1 
ATOM   823  C  CZ  . ARG A 1 99  ? -3.890  -3.107  5.471   1.00 22.01  ? 99  ARG A CZ  1 
ATOM   824  N  NH1 . ARG A 1 99  ? -4.626  -3.227  6.571   1.00 19.89  ? 99  ARG A NH1 1 
ATOM   825  N  NH2 . ARG A 1 99  ? -4.336  -3.623  4.335   1.00 23.64  ? 99  ARG A NH2 1 
ATOM   826  N  N   . PRO A 1 100 ? -3.615  1.974   11.318  1.00 36.82  ? 100 PRO A N   1 
ATOM   827  C  CA  . PRO A 1 100 ? -3.304  2.571   12.625  1.00 38.34  ? 100 PRO A CA  1 
ATOM   828  C  C   . PRO A 1 100 ? -3.057  1.743   13.878  1.00 38.93  ? 100 PRO A C   1 
ATOM   829  O  O   . PRO A 1 100 ? -2.080  1.990   14.586  1.00 40.03  ? 100 PRO A O   1 
ATOM   830  C  CB  . PRO A 1 100 ? -4.460  3.538   12.833  1.00 46.35  ? 100 PRO A CB  1 
ATOM   831  C  CG  . PRO A 1 100 ? -5.589  2.852   12.144  1.00 46.17  ? 100 PRO A CG  1 
ATOM   832  C  CD  . PRO A 1 100 ? -4.948  2.404   10.864  1.00 45.56  ? 100 PRO A CD  1 
ATOM   833  N  N   . GLU A 1 101 ? -3.933  0.785   14.169  1.00 31.21  ? 101 GLU A N   1 
ATOM   834  C  CA  . GLU A 1 101 ? -3.793  -0.020  15.388  1.00 32.19  ? 101 GLU A CA  1 
ATOM   835  C  C   . GLU A 1 101 ? -2.698  -1.078  15.382  1.00 30.93  ? 101 GLU A C   1 
ATOM   836  O  O   . GLU A 1 101 ? -2.721  -2.011  14.592  1.00 32.43  ? 101 GLU A O   1 
ATOM   837  C  CB  . GLU A 1 101 ? -5.138  -0.667  15.749  1.00 79.47  ? 101 GLU A CB  1 
ATOM   838  C  CG  . GLU A 1 101 ? -5.646  -1.690  14.756  1.00 83.88  ? 101 GLU A CG  1 
ATOM   839  C  CD  . GLU A 1 101 ? -7.067  -2.154  15.064  1.00 85.98  ? 101 GLU A CD  1 
ATOM   840  O  OE1 . GLU A 1 101 ? -7.983  -1.306  14.978  1.00 87.86  ? 101 GLU A OE1 1 
ATOM   841  O  OE2 . GLU A 1 101 ? -7.264  -3.354  15.385  1.00 87.10  ? 101 GLU A OE2 1 
ATOM   842  N  N   . ALA A 1 102 ? -1.736  -0.926  16.278  1.00 21.85  ? 102 ALA A N   1 
ATOM   843  C  CA  . ALA A 1 102 ? -0.646  -1.875  16.353  1.00 21.97  ? 102 ALA A CA  1 
ATOM   844  C  C   . ALA A 1 102 ? -1.236  -3.241  16.556  1.00 21.56  ? 102 ALA A C   1 
ATOM   845  O  O   . ALA A 1 102 ? -2.332  -3.363  17.090  1.00 20.74  ? 102 ALA A O   1 
ATOM   846  C  CB  . ALA A 1 102 ? 0.261   -1.540  17.505  1.00 77.58  ? 102 ALA A CB  1 
ATOM   847  N  N   . GLY A 1 103 ? -0.501  -4.264  16.127  1.00 50.84  ? 103 GLY A N   1 
ATOM   848  C  CA  . GLY A 1 103 ? -0.966  -5.634  16.273  1.00 50.29  ? 103 GLY A CA  1 
ATOM   849  C  C   . GLY A 1 103 ? -1.996  -6.049  15.242  1.00 49.40  ? 103 GLY A C   1 
ATOM   850  O  O   . GLY A 1 103 ? -2.661  -7.076  15.388  1.00 49.25  ? 103 GLY A O   1 
ATOM   851  N  N   . SER A 1 104 ? -2.117  -5.244  14.193  1.00 36.69  ? 104 SER A N   1 
ATOM   852  C  CA  . SER A 1 104 ? -3.065  -5.503  13.119  1.00 35.07  ? 104 SER A CA  1 
ATOM   853  C  C   . SER A 1 104 ? -2.441  -6.372  12.033  1.00 31.78  ? 104 SER A C   1 
ATOM   854  O  O   . SER A 1 104 ? -1.225  -6.368  11.832  1.00 29.60  ? 104 SER A O   1 
ATOM   855  C  CB  . SER A 1 104 ? -3.532  -4.181  12.511  1.00 64.64  ? 104 SER A CB  1 
ATOM   856  O  OG  . SER A 1 104 ? -4.414  -4.412  11.434  1.00 68.95  ? 104 SER A OG  1 
ATOM   857  N  N   . ALA A 1 105 ? -3.281  -7.120  11.337  1.00 15.72  ? 105 ALA A N   1 
ATOM   858  C  CA  . ALA A 1 105 ? -2.797  -7.973  10.285  1.00 14.10  ? 105 ALA A CA  1 
ATOM   859  C  C   . ALA A 1 105 ? -3.858  -8.158  9.226   1.00 14.10  ? 105 ALA A C   1 
ATOM   860  O  O   . ALA A 1 105 ? -4.993  -8.581  9.503   1.00 14.10  ? 105 ALA A O   1 
ATOM   861  C  CB  . ALA A 1 105 ? -2.381  -9.302  10.847  1.00 28.66  ? 105 ALA A CB  1 
ATOM   862  N  N   . CYS A 1 106 ? -3.471  -7.820  8.002   1.00 26.67  ? 106 CYS A N   1 
ATOM   863  C  CA  . CYS A 1 106 ? -4.350  -7.932  6.858   1.00 26.84  ? 106 CYS A CA  1 
ATOM   864  C  C   . CYS A 1 106 ? -3.660  -8.758  5.800   1.00 26.24  ? 106 CYS A C   1 
ATOM   865  O  O   . CYS A 1 106 ? -2.447  -8.667  5.613   1.00 26.24  ? 106 CYS A O   1 
ATOM   866  C  CB  . CYS A 1 106 ? -4.668  -6.551  6.289   1.00 32.23  ? 106 CYS A CB  1 
ATOM   867  S  SG  . CYS A 1 106 ? -5.899  -6.557  4.970   1.00 39.41  ? 106 CYS A SG  1 
ATOM   868  N  N   . LEU A 1 107 ? -4.446  -9.575  5.117   1.00 14.15  ? 107 LEU A N   1 
ATOM   869  C  CA  . LEU A 1 107 ? -3.930  -10.412 4.056   1.00 14.15  ? 107 LEU A CA  1 
ATOM   870  C  C   . LEU A 1 107 ? -4.068  -9.659  2.747   1.00 14.15  ? 107 LEU A C   1 
ATOM   871  O  O   . LEU A 1 107 ? -5.165  -9.544  2.210   1.00 14.15  ? 107 LEU A O   1 
ATOM   872  C  CB  . LEU A 1 107 ? -4.730  -11.712 3.983   1.00 8.96   ? 107 LEU A CB  1 
ATOM   873  C  CG  . LEU A 1 107 ? -4.420  -12.569 2.764   1.00 8.96   ? 107 LEU A CG  1 
ATOM   874  C  CD1 . LEU A 1 107 ? -2.967  -12.960 2.781   1.00 8.96   ? 107 LEU A CD1 1 
ATOM   875  C  CD2 . LEU A 1 107 ? -5.294  -13.781 2.762   1.00 8.96   ? 107 LEU A CD2 1 
ATOM   876  N  N   . VAL A 1 108 ? -2.976  -9.115  2.238   1.00 15.75  ? 108 VAL A N   1 
ATOM   877  C  CA  . VAL A 1 108 ? -3.077  -8.421  0.973   1.00 16.46  ? 108 VAL A CA  1 
ATOM   878  C  C   . VAL A 1 108 ? -2.471  -9.276  -0.118  1.00 15.75  ? 108 VAL A C   1 
ATOM   879  O  O   . VAL A 1 108 ? -1.322  -9.725  -0.012  1.00 15.75  ? 108 VAL A O   1 
ATOM   880  C  CB  . VAL A 1 108 ? -2.361  -7.093  0.981   1.00 38.06  ? 108 VAL A CB  1 
ATOM   881  C  CG1 . VAL A 1 108 ? -2.378  -6.518  -0.438  1.00 39.65  ? 108 VAL A CG1 1 
ATOM   882  C  CG2 . VAL A 1 108 ? -3.035  -6.148  1.969   1.00 39.10  ? 108 VAL A CG2 1 
ATOM   883  N  N   . ILE A 1 109 ? -3.247  -9.490  -1.171  1.00 23.17  ? 109 ILE A N   1 
ATOM   884  C  CA  . ILE A 1 109 ? -2.785  -10.323 -2.259  1.00 23.69  ? 109 ILE A CA  1 
ATOM   885  C  C   . ILE A 1 109 ? -2.871  -9.653  -3.604  1.00 24.64  ? 109 ILE A C   1 
ATOM   886  O  O   . ILE A 1 109 ? -3.917  -9.123  -3.986  1.00 25.11  ? 109 ILE A O   1 
ATOM   887  C  CB  . ILE A 1 109 ? -3.570  -11.608 -2.311  1.00 8.96   ? 109 ILE A CB  1 
ATOM   888  C  CG1 . ILE A 1 109 ? -3.425  -12.324 -0.989  1.00 8.96   ? 109 ILE A CG1 1 
ATOM   889  C  CG2 . ILE A 1 109 ? -3.056  -12.472 -3.398  1.00 8.96   ? 109 ILE A CG2 1 
ATOM   890  C  CD1 . ILE A 1 109 ? -4.138  -13.619 -0.947  1.00 8.96   ? 109 ILE A CD1 1 
ATOM   891  N  N   . GLU A 1 110 ? -1.757  -9.681  -4.323  1.00 16.11  ? 110 GLU A N   1 
ATOM   892  C  CA  . GLU A 1 110 ? -1.702  -9.082  -5.638  1.00 17.84  ? 110 GLU A CA  1 
ATOM   893  C  C   . GLU A 1 110 ? -0.952  -10.052 -6.532  1.00 19.74  ? 110 GLU A C   1 
ATOM   894  O  O   . GLU A 1 110 ? -0.625  -11.173 -6.116  1.00 18.68  ? 110 GLU A O   1 
ATOM   895  C  CB  . GLU A 1 110 ? -0.974  -7.745  -5.571  1.00 30.43  ? 110 GLU A CB  1 
ATOM   896  C  CG  . GLU A 1 110 ? -1.194  -7.049  -4.252  1.00 32.03  ? 110 GLU A CG  1 
ATOM   897  C  CD  . GLU A 1 110 ? -0.474  -5.723  -4.156  1.00 34.17  ? 110 GLU A CD  1 
ATOM   898  O  OE1 . GLU A 1 110 ? 0.673   -5.636  -4.641  1.00 34.01  ? 110 GLU A OE1 1 
ATOM   899  O  OE2 . GLU A 1 110 ? -1.045  -4.770  -3.579  1.00 35.21  ? 110 GLU A OE2 1 
ATOM   900  N  N   . ARG A 1 111 ? -0.690  -9.610  -7.760  1.00 28.28  ? 111 ARG A N   1 
ATOM   901  C  CA  . ARG A 1 111 ? 0.019   -10.405 -8.756  1.00 28.39  ? 111 ARG A CA  1 
ATOM   902  C  C   . ARG A 1 111 ? 1.337   -9.735  -9.068  1.00 27.86  ? 111 ARG A C   1 
ATOM   903  O  O   . ARG A 1 111 ? 1.623   -8.636  -8.609  1.00 26.87  ? 111 ARG A O   1 
ATOM   904  C  CB  . ARG A 1 111 ? -0.745  -10.455 -10.076 1.00 44.49  ? 111 ARG A CB  1 
ATOM   905  C  CG  . ARG A 1 111 ? -2.130  -11.081 -10.089 1.00 48.87  ? 111 ARG A CG  1 
ATOM   906  C  CD  . ARG A 1 111 ? -2.756  -10.958 -11.506 1.00 52.59  ? 111 ARG A CD  1 
ATOM   907  N  NE  . ARG A 1 111 ? -1.776  -11.271 -12.557 1.00 56.28  ? 111 ARG A NE  1 
ATOM   908  C  CZ  . ARG A 1 111 ? -1.973  -11.129 -13.868 1.00 56.31  ? 111 ARG A CZ  1 
ATOM   909  N  NH1 . ARG A 1 111 ? -3.130  -10.674 -14.330 1.00 56.58  ? 111 ARG A NH1 1 
ATOM   910  N  NH2 . ARG A 1 111 ? -0.995  -11.435 -14.717 1.00 56.61  ? 111 ARG A NH2 1 
ATOM   911  N  N   . GLN A 1 112 ? 2.110   -10.411 -9.899  1.00 19.26  ? 112 GLN A N   1 
ATOM   912  C  CA  . GLN A 1 112 ? 3.391   -9.921  -10.366 1.00 19.20  ? 112 GLN A CA  1 
ATOM   913  C  C   . GLN A 1 112 ? 3.071   -9.146  -11.629 1.00 18.36  ? 112 GLN A C   1 
ATOM   914  O  O   . GLN A 1 112 ? 2.551   -9.701  -12.592 1.00 17.56  ? 112 GLN A O   1 
ATOM   915  C  CB  . GLN A 1 112 ? 4.299   -11.091 -10.740 1.00 56.02  ? 112 GLN A CB  1 
ATOM   916  C  CG  . GLN A 1 112 ? 4.886   -11.850 -9.584  1.00 57.79  ? 112 GLN A CG  1 
ATOM   917  C  CD  . GLN A 1 112 ? 6.310   -11.449 -9.347  1.00 59.77  ? 112 GLN A CD  1 
ATOM   918  O  OE1 . GLN A 1 112 ? 6.614   -10.262 -9.173  1.00 60.45  ? 112 GLN A OE1 1 
ATOM   919  N  NE2 . GLN A 1 112 ? 7.206   -12.431 -9.348  1.00 61.05  ? 112 GLN A NE2 1 
ATOM   920  N  N   . ARG A 1 113 ? 3.361   -7.859  -11.626 1.00 27.56  ? 113 ARG A N   1 
ATOM   921  C  CA  . ARG A 1 113 ? 3.111   -7.054  -12.810 1.00 28.54  ? 113 ARG A CA  1 
ATOM   922  C  C   . ARG A 1 113 ? 4.040   -7.548  -13.934 1.00 29.30  ? 113 ARG A C   1 
ATOM   923  O  O   . ARG A 1 113 ? 5.262   -7.655  -13.748 1.00 30.17  ? 113 ARG A O   1 
ATOM   924  C  CB  . ARG A 1 113 ? 3.391   -5.570  -12.510 1.00 30.87  ? 113 ARG A CB  1 
ATOM   925  C  CG  . ARG A 1 113 ? 2.354   -4.859  -11.635 1.00 29.59  ? 113 ARG A CG  1 
ATOM   926  C  CD  . ARG A 1 113 ? 2.262   -5.419  -10.225 1.00 28.43  ? 113 ARG A CD  1 
ATOM   927  N  NE  . ARG A 1 113 ? 1.461   -4.551  -9.368  1.00 27.48  ? 113 ARG A NE  1 
ATOM   928  C  CZ  . ARG A 1 113 ? 1.208   -4.782  -8.083  1.00 27.84  ? 113 ARG A CZ  1 
ATOM   929  N  NH1 . ARG A 1 113 ? 1.689   -5.864  -7.488  1.00 27.55  ? 113 ARG A NH1 1 
ATOM   930  N  NH2 . ARG A 1 113 ? 0.484   -3.918  -7.386  1.00 26.77  ? 113 ARG A NH2 1 
ATOM   931  N  N   . PRO A 1 114 ? 3.478   -7.852  -15.114 1.00 32.40  ? 114 PRO A N   1 
ATOM   932  C  CA  . PRO A 1 114 ? 4.265   -8.332  -16.255 1.00 32.73  ? 114 PRO A CA  1 
ATOM   933  C  C   . PRO A 1 114 ? 5.344   -7.320  -16.575 1.00 33.72  ? 114 PRO A C   1 
ATOM   934  O  O   . PRO A 1 114 ? 5.433   -6.281  -15.925 1.00 35.08  ? 114 PRO A O   1 
ATOM   935  C  CB  . PRO A 1 114 ? 3.238   -8.392  -17.372 1.00 12.22  ? 114 PRO A CB  1 
ATOM   936  C  CG  . PRO A 1 114 ? 1.966   -8.621  -16.657 1.00 11.81  ? 114 PRO A CG  1 
ATOM   937  C  CD  . PRO A 1 114 ? 2.073   -7.682  -15.501 1.00 12.04  ? 114 PRO A CD  1 
ATOM   938  N  N   . ALA A 1 115 ? 6.180   -7.604  -17.561 1.00 34.89  ? 115 ALA A N   1 
ATOM   939  C  CA  . ALA A 1 115 ? 7.171   -6.608  -17.922 1.00 34.26  ? 115 ALA A CA  1 
ATOM   940  C  C   . ALA A 1 115 ? 6.419   -5.679  -18.879 1.00 33.38  ? 115 ALA A C   1 
ATOM   941  O  O   . ALA A 1 115 ? 5.834   -6.135  -19.860 1.00 34.28  ? 115 ALA A O   1 
ATOM   942  C  CB  . ALA A 1 115 ? 8.346   -7.256  -18.604 1.00 44.65  ? 115 ALA A CB  1 
ATOM   943  N  N   . GLY A 1 116 ? 6.398   -4.386  -18.582 1.00 8.96   ? 116 GLY A N   1 
ATOM   944  C  CA  . GLY A 1 116 ? 5.689   -3.455  -19.442 1.00 8.96   ? 116 GLY A CA  1 
ATOM   945  C  C   . GLY A 1 116 ? 4.504   -2.842  -18.728 1.00 10.35  ? 116 GLY A C   1 
ATOM   946  O  O   . GLY A 1 116 ? 3.903   -1.875  -19.195 1.00 10.62  ? 116 GLY A O   1 
ATOM   947  N  N   . MET A 1 117 ? 4.180   -3.406  -17.570 1.00 48.40  ? 117 MET A N   1 
ATOM   948  C  CA  . MET A 1 117 ? 3.059   -2.950  -16.746 1.00 49.91  ? 117 MET A CA  1 
ATOM   949  C  C   . MET A 1 117 ? 3.584   -2.231  -15.514 1.00 48.98  ? 117 MET A C   1 
ATOM   950  O  O   . MET A 1 117 ? 4.298   -2.815  -14.694 1.00 47.62  ? 117 MET A O   1 
ATOM   951  C  CB  . MET A 1 117 ? 2.219   -4.146  -16.318 1.00 69.03  ? 117 MET A CB  1 
ATOM   952  C  CG  . MET A 1 117 ? 0.788   -3.820  -15.972 1.00 71.73  ? 117 MET A CG  1 
ATOM   953  S  SD  . MET A 1 117 ? -0.165  -5.338  -16.114 1.00 76.79  ? 117 MET A SD  1 
ATOM   954  C  CE  . MET A 1 117 ? -0.369  -5.439  -17.893 1.00 74.29  ? 117 MET A CE  1 
ATOM   955  N  N   . LEU A 1 118 ? 3.207   -0.967  -15.373 1.00 33.70  ? 118 LEU A N   1 
ATOM   956  C  CA  . LEU A 1 118 ? 3.694   -0.175  -14.261 1.00 32.92  ? 118 LEU A CA  1 
ATOM   957  C  C   . LEU A 1 118 ? 2.643   0.273   -13.278 1.00 31.46  ? 118 LEU A C   1 
ATOM   958  O  O   . LEU A 1 118 ? 1.492   0.515   -13.639 1.00 31.58  ? 118 LEU A O   1 
ATOM   959  C  CB  . LEU A 1 118 ? 4.413   1.053   -14.794 1.00 31.04  ? 118 LEU A CB  1 
ATOM   960  C  CG  . LEU A 1 118 ? 5.405   0.780   -15.924 1.00 33.02  ? 118 LEU A CG  1 
ATOM   961  C  CD1 . LEU A 1 118 ? 5.897   2.099   -16.485 1.00 34.38  ? 118 LEU A CD1 1 
ATOM   962  C  CD2 . LEU A 1 118 ? 6.562   -0.068  -15.420 1.00 33.47  ? 118 LEU A CD2 1 
ATOM   963  N  N   . ASP A 1 119 ? 3.065   0.377   -12.024 1.00 32.27  ? 119 ASP A N   1 
ATOM   964  C  CA  . ASP A 1 119 ? 2.203   0.828   -10.948 1.00 31.10  ? 119 ASP A CA  1 
ATOM   965  C  C   . ASP A 1 119 ? 2.520   2.301   -10.798 1.00 31.87  ? 119 ASP A C   1 
ATOM   966  O  O   . ASP A 1 119 ? 3.597   2.736   -11.172 1.00 32.70  ? 119 ASP A O   1 
ATOM   967  C  CB  . ASP A 1 119 ? 2.550   0.134   -9.633  1.00 20.64  ? 119 ASP A CB  1 
ATOM   968  C  CG  . ASP A 1 119 ? 2.598   -1.353  -9.756  1.00 18.85  ? 119 ASP A CG  1 
ATOM   969  O  OD1 . ASP A 1 119 ? 2.095   -2.014  -8.835  1.00 17.91  ? 119 ASP A OD1 1 
ATOM   970  O  OD2 . ASP A 1 119 ? 3.143   -1.864  -10.755 1.00 19.13  ? 119 ASP A OD2 1 
ATOM   971  N  N   . GLY A 1 120 ? 1.592   3.069   -10.251 1.00 27.85  ? 120 GLY A N   1 
ATOM   972  C  CA  . GLY A 1 120 ? 1.856   4.479   -10.054 1.00 27.48  ? 120 GLY A CA  1 
ATOM   973  C  C   . GLY A 1 120 ? 1.768   4.820   -8.578  1.00 28.23  ? 120 GLY A C   1 
ATOM   974  O  O   . GLY A 1 120 ? 1.197   4.063   -7.786  1.00 28.25  ? 120 GLY A O   1 
ATOM   975  N  N   . PHE A 1 121 ? 2.345   5.958   -8.202  1.00 45.34  ? 121 PHE A N   1 
ATOM   976  C  CA  . PHE A 1 121 ? 2.307   6.429   -6.820  1.00 45.46  ? 121 PHE A CA  1 
ATOM   977  C  C   . PHE A 1 121 ? 2.109   7.928   -6.773  1.00 45.10  ? 121 PHE A C   1 
ATOM   978  O  O   . PHE A 1 121 ? 3.054   8.700   -6.794  1.00 46.47  ? 121 PHE A O   1 
ATOM   979  C  CB  . PHE A 1 121 ? 3.572   6.027   -6.105  1.00 28.09  ? 121 PHE A CB  1 
ATOM   980  C  CG  . PHE A 1 121 ? 3.651   4.576   -5.863  1.00 29.92  ? 121 PHE A CG  1 
ATOM   981  C  CD1 . PHE A 1 121 ? 2.843   3.985   -4.905  1.00 31.30  ? 121 PHE A CD1 1 
ATOM   982  C  CD2 . PHE A 1 121 ? 4.501   3.780   -6.614  1.00 30.75  ? 121 PHE A CD2 1 
ATOM   983  C  CE1 . PHE A 1 121 ? 2.879   2.609   -4.690  1.00 33.28  ? 121 PHE A CE1 1 
ATOM   984  C  CE2 . PHE A 1 121 ? 4.549   2.402   -6.411  1.00 31.84  ? 121 PHE A CE2 1 
ATOM   985  C  CZ  . PHE A 1 121 ? 3.735   1.814   -5.445  1.00 32.98  ? 121 PHE A CZ  1 
ATOM   986  N  N   . GLU A 1 122 ? 0.852   8.327   -6.693  1.00 37.44  ? 122 GLU A N   1 
ATOM   987  C  CA  . GLU A 1 122 ? 0.504   9.720   -6.692  1.00 37.23  ? 122 GLU A CA  1 
ATOM   988  C  C   . GLU A 1 122 ? 0.378   10.370  -5.331  1.00 36.76  ? 122 GLU A C   1 
ATOM   989  O  O   . GLU A 1 122 ? 0.331   9.702   -4.299  1.00 36.96  ? 122 GLU A O   1 
ATOM   990  C  CB  . GLU A 1 122 ? -0.777  9.884   -7.485  1.00 27.19  ? 122 GLU A CB  1 
ATOM   991  C  CG  . GLU A 1 122 ? -0.593  9.469   -8.913  1.00 27.33  ? 122 GLU A CG  1 
ATOM   992  C  CD  . GLU A 1 122 ? -1.901  9.285   -9.612  1.00 29.24  ? 122 GLU A CD  1 
ATOM   993  O  OE1 . GLU A 1 122 ? -1.913  9.272   -10.861 1.00 30.20  ? 122 GLU A OE1 1 
ATOM   994  O  OE2 . GLU A 1 122 ? -2.921  9.144   -8.904  1.00 29.45  ? 122 GLU A OE2 1 
ATOM   995  N  N   . TRP A 1 123 ? 0.344   11.697  -5.366  1.00 30.68  ? 123 TRP A N   1 
ATOM   996  C  CA  . TRP A 1 123 ? 0.228   12.538  -4.192  1.00 30.12  ? 123 TRP A CA  1 
ATOM   997  C  C   . TRP A 1 123 ? -0.636  13.706  -4.628  1.00 30.84  ? 123 TRP A C   1 
ATOM   998  O  O   . TRP A 1 123 ? -0.401  14.296  -5.683  1.00 30.33  ? 123 TRP A O   1 
ATOM   999  C  CB  . TRP A 1 123 ? 1.610   13.008  -3.758  1.00 26.68  ? 123 TRP A CB  1 
ATOM   1000 C  CG  . TRP A 1 123 ? 2.306   12.053  -2.827  1.00 24.68  ? 123 TRP A CG  1 
ATOM   1001 C  CD1 . TRP A 1 123 ? 2.127   11.953  -1.480  1.00 25.11  ? 123 TRP A CD1 1 
ATOM   1002 C  CD2 . TRP A 1 123 ? 3.322   11.106  -3.164  1.00 23.95  ? 123 TRP A CD2 1 
ATOM   1003 N  NE1 . TRP A 1 123 ? 2.974   11.012  -0.955  1.00 23.95  ? 123 TRP A NE1 1 
ATOM   1004 C  CE2 . TRP A 1 123 ? 3.720   10.478  -1.968  1.00 23.95  ? 123 TRP A CE2 1 
ATOM   1005 C  CE3 . TRP A 1 123 ? 3.938   10.727  -4.359  1.00 23.95  ? 123 TRP A CE3 1 
ATOM   1006 C  CZ2 . TRP A 1 123 ? 4.707   9.499   -1.935  1.00 23.95  ? 123 TRP A CZ2 1 
ATOM   1007 C  CZ3 . TRP A 1 123 ? 4.920   9.752   -4.324  1.00 23.95  ? 123 TRP A CZ3 1 
ATOM   1008 C  CH2 . TRP A 1 123 ? 5.295   9.153   -3.121  1.00 23.95  ? 123 TRP A CH2 1 
ATOM   1009 N  N   . TYR A 1 124 ? -1.644  14.019  -3.819  1.00 30.06  ? 124 TYR A N   1 
ATOM   1010 C  CA  . TYR A 1 124 ? -2.584  15.091  -4.120  1.00 32.16  ? 124 TYR A CA  1 
ATOM   1011 C  C   . TYR A 1 124 ? -2.526  16.222  -3.094  1.00 34.26  ? 124 TYR A C   1 
ATOM   1012 O  O   . TYR A 1 124 ? -2.139  15.994  -1.952  1.00 34.38  ? 124 TYR A O   1 
ATOM   1013 C  CB  . TYR A 1 124 ? -3.985  14.500  -4.182  1.00 32.00  ? 124 TYR A CB  1 
ATOM   1014 C  CG  . TYR A 1 124 ? -4.154  13.531  -5.325  1.00 32.59  ? 124 TYR A CG  1 
ATOM   1015 C  CD1 . TYR A 1 124 ? -4.900  13.876  -6.451  1.00 34.42  ? 124 TYR A CD1 1 
ATOM   1016 C  CD2 . TYR A 1 124 ? -3.539  12.286  -5.309  1.00 33.10  ? 124 TYR A CD2 1 
ATOM   1017 C  CE1 . TYR A 1 124 ? -5.028  13.000  -7.538  1.00 33.83  ? 124 TYR A CE1 1 
ATOM   1018 C  CE2 . TYR A 1 124 ? -3.657  11.410  -6.393  1.00 33.61  ? 124 TYR A CE2 1 
ATOM   1019 C  CZ  . TYR A 1 124 ? -4.402  11.779  -7.498  1.00 32.58  ? 124 TYR A CZ  1 
ATOM   1020 O  OH  . TYR A 1 124 ? -4.501  10.947  -8.574  1.00 32.11  ? 124 TYR A OH  1 
ATOM   1021 N  N   . CYS A 1 125 ? -2.912  17.436  -3.494  1.00 55.20  ? 125 CYS A N   1 
ATOM   1022 C  CA  . CYS A 1 125 ? -2.862  18.582  -2.581  1.00 58.55  ? 125 CYS A CA  1 
ATOM   1023 C  C   . CYS A 1 125 ? -4.032  18.664  -1.620  1.00 60.92  ? 125 CYS A C   1 
ATOM   1024 O  O   . CYS A 1 125 ? -5.145  18.278  -1.957  1.00 62.00  ? 125 CYS A O   1 
ATOM   1025 C  CB  . CYS A 1 125 ? -2.779  19.896  -3.348  1.00 41.95  ? 125 CYS A CB  1 
ATOM   1026 S  SG  . CYS A 1 125 ? -2.419  21.273  -2.244  1.00 42.37  ? 125 CYS A SG  1 
ATOM   1027 N  N   . ASP A 1 126 ? -3.781  19.195  -0.426  1.00 51.77  ? 126 ASP A N   1 
ATOM   1028 C  CA  . ASP A 1 126 ? -4.829  19.301  0.584   1.00 54.01  ? 126 ASP A CA  1 
ATOM   1029 C  C   . ASP A 1 126 ? -5.863  20.371  0.293   1.00 52.71  ? 126 ASP A C   1 
ATOM   1030 O  O   . ASP A 1 126 ? -7.054  20.163  0.522   1.00 52.75  ? 126 ASP A O   1 
ATOM   1031 C  CB  . ASP A 1 126 ? -4.230  19.566  1.969   1.00 89.71  ? 126 ASP A CB  1 
ATOM   1032 C  CG  . ASP A 1 126 ? -4.628  18.500  2.993   1.00 93.89  ? 126 ASP A CG  1 
ATOM   1033 O  OD1 . ASP A 1 126 ? -5.757  17.953  2.886   1.00 95.08  ? 126 ASP A OD1 1 
ATOM   1034 O  OD2 . ASP A 1 126 ? -3.816  18.220  3.909   1.00 96.34  ? 126 ASP A OD2 1 
ATOM   1035 N  N   . ALA A 1 127 ? -5.410  21.513  -0.206  1.00 37.23  ? 127 ALA A N   1 
ATOM   1036 C  CA  . ALA A 1 127 ? -6.326  22.597  -0.494  1.00 35.61  ? 127 ALA A CA  1 
ATOM   1037 C  C   . ALA A 1 127 ? -7.030  22.472  -1.834  1.00 34.95  ? 127 ALA A C   1 
ATOM   1038 O  O   . ALA A 1 127 ? -8.252  22.486  -1.882  1.00 34.79  ? 127 ALA A O   1 
ATOM   1039 C  CB  . ALA A 1 127 ? -5.599  23.920  -0.404  1.00 38.62  ? 127 ALA A CB  1 
ATOM   1040 N  N   . CYS A 1 128 ? -6.274  22.319  -2.914  1.00 17.43  ? 128 CYS A N   1 
ATOM   1041 C  CA  . CYS A 1 128 ? -6.874  22.236  -4.244  1.00 18.67  ? 128 CYS A CA  1 
ATOM   1042 C  C   . CYS A 1 128 ? -7.217  20.844  -4.802  1.00 20.29  ? 128 CYS A C   1 
ATOM   1043 O  O   . CYS A 1 128 ? -7.869  20.732  -5.839  1.00 20.12  ? 128 CYS A O   1 
ATOM   1044 C  CB  . CYS A 1 128 ? -5.969  22.938  -5.243  1.00 56.25  ? 128 CYS A CB  1 
ATOM   1045 S  SG  . CYS A 1 128 ? -4.571  21.926  -5.728  1.00 58.78  ? 128 CYS A SG  1 
ATOM   1046 N  N   . GLY A 1 129 ? -6.757  19.788  -4.143  1.00 41.98  ? 129 GLY A N   1 
ATOM   1047 C  CA  . GLY A 1 129 ? -7.054  18.443  -4.608  1.00 43.74  ? 129 GLY A CA  1 
ATOM   1048 C  C   . GLY A 1 129 ? -6.464  18.049  -5.951  1.00 44.50  ? 129 GLY A C   1 
ATOM   1049 O  O   . GLY A 1 129 ? -6.864  17.045  -6.547  1.00 45.02  ? 129 GLY A O   1 
ATOM   1050 N  N   . HIS A 1 130 ? -5.509  18.829  -6.439  1.00 46.90  ? 130 HIS A N   1 
ATOM   1051 C  CA  . HIS A 1 130 ? -4.889  18.520  -7.721  1.00 47.61  ? 130 HIS A CA  1 
ATOM   1052 C  C   . HIS A 1 130 ? -3.746  17.538  -7.492  1.00 46.58  ? 130 HIS A C   1 
ATOM   1053 O  O   . HIS A 1 130 ? -3.197  17.449  -6.390  1.00 45.81  ? 130 HIS A O   1 
ATOM   1054 C  CB  . HIS A 1 130 ? -4.373  19.810  -8.386  1.00 72.01  ? 130 HIS A CB  1 
ATOM   1055 C  CG  . HIS A 1 130 ? -3.746  19.604  -9.736  1.00 74.22  ? 130 HIS A CG  1 
ATOM   1056 N  ND1 . HIS A 1 130 ? -4.438  19.092  -10.814 1.00 76.09  ? 130 HIS A ND1 1 
ATOM   1057 C  CD2 . HIS A 1 130 ? -2.497  19.872  -10.188 1.00 74.75  ? 130 HIS A CD2 1 
ATOM   1058 C  CE1 . HIS A 1 130 ? -3.643  19.055  -11.870 1.00 76.10  ? 130 HIS A CE1 1 
ATOM   1059 N  NE2 . HIS A 1 130 ? -2.461  19.523  -11.516 1.00 75.16  ? 130 HIS A NE2 1 
ATOM   1060 N  N   . LEU A 1 131 ? -3.407  16.786  -8.531  1.00 51.30  ? 131 LEU A N   1 
ATOM   1061 C  CA  . LEU A 1 131 ? -2.315  15.837  -8.433  1.00 48.87  ? 131 LEU A CA  1 
ATOM   1062 C  C   . LEU A 1 131 ? -1.062  16.638  -8.172  1.00 47.47  ? 131 LEU A C   1 
ATOM   1063 O  O   . LEU A 1 131 ? -0.720  17.541  -8.931  1.00 47.04  ? 131 LEU A O   1 
ATOM   1064 C  CB  . LEU A 1 131 ? -2.160  15.046  -9.733  1.00 39.34  ? 131 LEU A CB  1 
ATOM   1065 C  CG  . LEU A 1 131 ? -0.933  14.133  -9.779  1.00 38.53  ? 131 LEU A CG  1 
ATOM   1066 C  CD1 . LEU A 1 131 ? -0.884  13.270  -8.528  1.00 38.23  ? 131 LEU A CD1 1 
ATOM   1067 C  CD2 . LEU A 1 131 ? -0.978  13.283  -11.036 1.00 39.16  ? 131 LEU A CD2 1 
ATOM   1068 N  N   . VAL A 1 132 ? -0.379  16.311  -7.090  1.00 28.02  ? 132 VAL A N   1 
ATOM   1069 C  CA  . VAL A 1 132 ? 0.837   17.007  -6.737  1.00 26.26  ? 132 VAL A CA  1 
ATOM   1070 C  C   . VAL A 1 132 ? 2.079   16.389  -7.355  1.00 26.06  ? 132 VAL A C   1 
ATOM   1071 O  O   . VAL A 1 132 ? 2.948   17.084  -7.863  1.00 25.59  ? 132 VAL A O   1 
ATOM   1072 C  CB  . VAL A 1 132 ? 1.015   17.006  -5.242  1.00 26.02  ? 132 VAL A CB  1 
ATOM   1073 C  CG1 . VAL A 1 132 ? 2.358   17.603  -4.878  1.00 26.30  ? 132 VAL A CG1 1 
ATOM   1074 C  CG2 . VAL A 1 132 ? -0.113  17.770  -4.612  1.00 26.43  ? 132 VAL A CG2 1 
ATOM   1075 N  N   . HIS A 1 133 ? 2.158   15.070  -7.325  1.00 28.11  ? 133 HIS A N   1 
ATOM   1076 C  CA  . HIS A 1 133 ? 3.327   14.408  -7.849  1.00 28.20  ? 133 HIS A CA  1 
ATOM   1077 C  C   . HIS A 1 133 ? 3.020   12.948  -8.073  1.00 27.48  ? 133 HIS A C   1 
ATOM   1078 O  O   . HIS A 1 133 ? 2.415   12.316  -7.223  1.00 28.01  ? 133 HIS A O   1 
ATOM   1079 C  CB  . HIS A 1 133 ? 4.435   14.540  -6.822  1.00 60.66  ? 133 HIS A CB  1 
ATOM   1080 C  CG  . HIS A 1 133 ? 5.723   13.911  -7.235  1.00 64.50  ? 133 HIS A CG  1 
ATOM   1081 N  ND1 . HIS A 1 133 ? 6.416   14.304  -8.361  1.00 66.47  ? 133 HIS A ND1 1 
ATOM   1082 C  CD2 . HIS A 1 133 ? 6.462   12.935  -6.659  1.00 65.07  ? 133 HIS A CD2 1 
ATOM   1083 C  CE1 . HIS A 1 133 ? 7.527   13.599  -8.458  1.00 67.28  ? 133 HIS A CE1 1 
ATOM   1084 N  NE2 . HIS A 1 133 ? 7.580   12.762  -7.437  1.00 67.17  ? 133 HIS A NE2 1 
ATOM   1085 N  N   . ARG A 1 134 ? 3.444   12.406  -9.204  1.00 26.24  ? 134 ARG A N   1 
ATOM   1086 C  CA  . ARG A 1 134 ? 3.179   11.003  -9.501  1.00 26.17  ? 134 ARG A CA  1 
ATOM   1087 C  C   . ARG A 1 134 ? 4.399   10.348  -10.116 1.00 25.54  ? 134 ARG A C   1 
ATOM   1088 O  O   . ARG A 1 134 ? 5.153   10.981  -10.841 1.00 25.81  ? 134 ARG A O   1 
ATOM   1089 C  CB  . ARG A 1 134 ? 1.987   10.895  -10.454 1.00 41.52  ? 134 ARG A CB  1 
ATOM   1090 C  CG  . ARG A 1 134 ? 1.724   9.517   -11.030 1.00 41.79  ? 134 ARG A CG  1 
ATOM   1091 C  CD  . ARG A 1 134 ? 0.802   9.637   -12.244 1.00 44.18  ? 134 ARG A CD  1 
ATOM   1092 N  NE  . ARG A 1 134 ? 0.802   8.440   -13.087 1.00 46.16  ? 134 ARG A NE  1 
ATOM   1093 C  CZ  . ARG A 1 134 ? 0.219   7.288   -12.761 1.00 46.76  ? 134 ARG A CZ  1 
ATOM   1094 N  NH1 . ARG A 1 134 ? -0.420  7.171   -11.609 1.00 47.27  ? 134 ARG A NH1 1 
ATOM   1095 N  NH2 . ARG A 1 134 ? 0.278   6.249   -13.583 1.00 47.11  ? 134 ARG A NH2 1 
ATOM   1096 N  N   . VAL A 1 135 ? 4.584   9.069   -9.818  1.00 25.34  ? 135 VAL A N   1 
ATOM   1097 C  CA  . VAL A 1 135 ? 5.716   8.306   -10.330 1.00 26.26  ? 135 VAL A CA  1 
ATOM   1098 C  C   . VAL A 1 135 ? 5.238   6.960   -10.827 1.00 27.59  ? 135 VAL A C   1 
ATOM   1099 O  O   . VAL A 1 135 ? 4.379   6.341   -10.215 1.00 28.49  ? 135 VAL A O   1 
ATOM   1100 C  CB  . VAL A 1 135 ? 6.739   8.035   -9.242  1.00 30.22  ? 135 VAL A CB  1 
ATOM   1101 C  CG1 . VAL A 1 135 ? 7.867   7.220   -9.802  1.00 31.12  ? 135 VAL A CG1 1 
ATOM   1102 C  CG2 . VAL A 1 135 ? 7.248   9.332   -8.676  1.00 31.45  ? 135 VAL A CG2 1 
ATOM   1103 N  N   . GLU A 1 136 ? 5.796   6.496   -11.935 1.00 33.06  ? 136 GLU A N   1 
ATOM   1104 C  CA  . GLU A 1 136 ? 5.392   5.210   -12.481 1.00 35.74  ? 136 GLU A CA  1 
ATOM   1105 C  C   . GLU A 1 136 ? 6.553   4.230   -12.400 1.00 36.81  ? 136 GLU A C   1 
ATOM   1106 O  O   . GLU A 1 136 ? 7.698   4.607   -12.607 1.00 36.87  ? 136 GLU A O   1 
ATOM   1107 C  CB  . GLU A 1 136 ? 4.908   5.370   -13.930 1.00 63.93  ? 136 GLU A CB  1 
ATOM   1108 C  CG  . GLU A 1 136 ? 3.578   6.125   -14.066 1.00 66.35  ? 136 GLU A CG  1 
ATOM   1109 C  CD  . GLU A 1 136 ? 3.089   6.211   -15.509 1.00 68.63  ? 136 GLU A CD  1 
ATOM   1110 O  OE1 . GLU A 1 136 ? 3.913   6.554   -16.390 1.00 69.80  ? 136 GLU A OE1 1 
ATOM   1111 O  OE2 . GLU A 1 136 ? 1.888   5.948   -15.763 1.00 69.19  ? 136 GLU A OE2 1 
ATOM   1112 N  N   . VAL A 1 137 ? 6.255   2.967   -12.112 1.00 44.11  ? 137 VAL A N   1 
ATOM   1113 C  CA  . VAL A 1 137 ? 7.304   1.979   -11.967 1.00 44.72  ? 137 VAL A CA  1 
ATOM   1114 C  C   . VAL A 1 137 ? 7.017   0.544   -12.360 1.00 45.52  ? 137 VAL A C   1 
ATOM   1115 O  O   . VAL A 1 137 ? 5.868   0.109   -12.421 1.00 45.83  ? 137 VAL A O   1 
ATOM   1116 C  CB  . VAL A 1 137 ? 7.767   1.937   -10.532 1.00 39.22  ? 137 VAL A CB  1 
ATOM   1117 C  CG1 . VAL A 1 137 ? 9.129   2.540   -10.421 1.00 39.88  ? 137 VAL A CG1 1 
ATOM   1118 C  CG2 . VAL A 1 137 ? 6.775   2.681   -9.661  1.00 38.75  ? 137 VAL A CG2 1 
ATOM   1119 N  N   . GLN A 1 138 ? 8.104   -0.180  -12.615 1.00 44.82  ? 138 GLN A N   1 
ATOM   1120 C  CA  . GLN A 1 138 ? 8.054   -1.590  -12.953 1.00 45.49  ? 138 GLN A CA  1 
ATOM   1121 C  C   . GLN A 1 138 ? 8.331   -2.216  -11.606 1.00 46.98  ? 138 GLN A C   1 
ATOM   1122 O  O   . GLN A 1 138 ? 9.475   -2.490  -11.255 1.00 46.93  ? 138 GLN A O   1 
ATOM   1123 C  CB  . GLN A 1 138 ? 9.162   -1.952  -13.936 1.00 43.42  ? 138 GLN A CB  1 
ATOM   1124 C  CG  . GLN A 1 138 ? 9.080   -3.367  -14.477 1.00 40.41  ? 138 GLN A CG  1 
ATOM   1125 C  CD  . GLN A 1 138 ? 7.836   -3.598  -15.297 1.00 39.00  ? 138 GLN A CD  1 
ATOM   1126 O  OE1 . GLN A 1 138 ? 6.730   -3.653  -14.765 1.00 38.68  ? 138 GLN A OE1 1 
ATOM   1127 N  NE2 . GLN A 1 138 ? 8.009   -3.729  -16.604 1.00 38.77  ? 138 GLN A NE2 1 
ATOM   1128 N  N   . LEU A 1 139 ? 7.266   -2.409  -10.846 1.00 37.55  ? 139 LEU A N   1 
ATOM   1129 C  CA  . LEU A 1 139 ? 7.377   -2.962  -9.516  1.00 40.15  ? 139 LEU A CA  1 
ATOM   1130 C  C   . LEU A 1 139 ? 8.055   -4.313  -9.497  1.00 42.51  ? 139 LEU A C   1 
ATOM   1131 O  O   . LEU A 1 139 ? 7.838   -5.143  -10.380 1.00 41.85  ? 139 LEU A O   1 
ATOM   1132 C  CB  . LEU A 1 139 ? 6.001   -3.079  -8.889  1.00 55.63  ? 139 LEU A CB  1 
ATOM   1133 C  CG  . LEU A 1 139 ? 6.065   -3.171  -7.370  1.00 54.33  ? 139 LEU A CG  1 
ATOM   1134 C  CD1 . LEU A 1 139 ? 6.417   -1.808  -6.809  1.00 53.42  ? 139 LEU A CD1 1 
ATOM   1135 C  CD2 . LEU A 1 139 ? 4.731   -3.647  -6.824  1.00 55.07  ? 139 LEU A CD2 1 
ATOM   1136 N  N   . LYS A 1 140 ? 8.859   -4.532  -8.462  1.00 66.04  ? 140 LYS A N   1 
ATOM   1137 C  CA  . LYS A 1 140 ? 9.593   -5.778  -8.305  1.00 69.58  ? 140 LYS A CA  1 
ATOM   1138 C  C   . LYS A 1 140 ? 9.756   -6.198  -6.826  1.00 70.89  ? 140 LYS A C   1 
ATOM   1139 O  O   . LYS A 1 140 ? 10.497  -7.138  -6.524  1.00 71.21  ? 140 LYS A O   1 
ATOM   1140 C  CB  . LYS A 1 140 ? 10.955  -5.614  -8.972  1.00 100.62 ? 140 LYS A CB  1 
ATOM   1141 C  CG  . LYS A 1 140 ? 11.786  -6.871  -9.123  1.00 104.01 ? 140 LYS A CG  1 
ATOM   1142 C  CD  . LYS A 1 140 ? 13.187  -6.498  -9.623  1.00 106.92 ? 140 LYS A CD  1 
ATOM   1143 C  CE  . LYS A 1 140 ? 14.125  -7.698  -9.700  1.00 108.23 ? 140 LYS A CE  1 
ATOM   1144 N  NZ  . LYS A 1 140 ? 15.523  -7.286  -10.040 1.00 109.24 ? 140 LYS A NZ  1 
ATOM   1145 N  N   . SER A 1 141 ? 9.057   -5.513  -5.913  1.00 69.92  ? 141 SER A N   1 
ATOM   1146 C  CA  . SER A 1 141 ? 9.122   -5.823  -4.474  1.00 71.28  ? 141 SER A CA  1 
ATOM   1147 C  C   . SER A 1 141 ? 8.193   -4.970  -3.587  1.00 71.87  ? 141 SER A C   1 
ATOM   1148 O  O   . SER A 1 141 ? 8.599   -3.913  -3.101  1.00 70.32  ? 141 SER A O   1 
ATOM   1149 C  CB  . SER A 1 141 ? 10.570  -5.672  -3.977  1.00 84.22  ? 141 SER A CB  1 
ATOM   1150 O  OG  . SER A 1 141 ? 10.685  -5.976  -2.593  1.00 86.15  ? 141 SER A OG  1 
ATOM   1151 N  N   . ILE A 1 142 ? 6.957   -5.422  -3.356  1.00 71.74  ? 142 ILE A N   1 
ATOM   1152 C  CA  . ILE A 1 142 ? 6.042   -4.629  -2.518  1.00 72.84  ? 142 ILE A CA  1 
ATOM   1153 C  C   . ILE A 1 142 ? 6.464   -4.639  -1.074  1.00 72.54  ? 142 ILE A C   1 
ATOM   1154 O  O   . ILE A 1 142 ? 5.684   -4.278  -0.189  1.00 72.91  ? 142 ILE A O   1 
ATOM   1155 C  CB  . ILE A 1 142 ? 4.552   -5.086  -2.538  1.00 74.72  ? 142 ILE A CB  1 
ATOM   1156 C  CG1 . ILE A 1 142 ? 4.441   -6.583  -2.275  1.00 74.23  ? 142 ILE A CG1 1 
ATOM   1157 C  CG2 . ILE A 1 142 ? 3.876   -4.648  -3.824  1.00 76.10  ? 142 ILE A CG2 1 
ATOM   1158 C  CD1 . ILE A 1 142 ? 3.007   -7.033  -2.312  1.00 73.67  ? 142 ILE A CD1 1 
ATOM   1159 N  N   . VAL A 1 143 ? 7.691   -5.086  -0.839  1.00 102.44 ? 143 VAL A N   1 
ATOM   1160 C  CA  . VAL A 1 143 ? 8.249   -5.102  0.508   1.00 103.07 ? 143 VAL A CA  1 
ATOM   1161 C  C   . VAL A 1 143 ? 9.508   -4.235  0.635   1.00 102.53 ? 143 VAL A C   1 
ATOM   1162 O  O   . VAL A 1 143 ? 9.564   -3.305  1.451   1.00 101.62 ? 143 VAL A O   1 
ATOM   1163 C  CB  . VAL A 1 143 ? 8.594   -6.571  0.942   1.00 93.29  ? 143 VAL A CB  1 
ATOM   1164 C  CG1 . VAL A 1 143 ? 9.231   -6.589  2.321   1.00 94.28  ? 143 VAL A CG1 1 
ATOM   1165 C  CG2 . VAL A 1 143 ? 7.332   -7.423  0.948   1.00 94.96  ? 143 VAL A CG2 1 
ATOM   1166 N  N   . THR A 1 144 ? 10.500  -4.542  -0.198  1.00 56.56  ? 144 THR A N   1 
ATOM   1167 C  CA  . THR A 1 144 ? 11.789  -3.862  -0.177  1.00 56.32  ? 144 THR A CA  1 
ATOM   1168 C  C   . THR A 1 144 ? 12.090  -3.022  -1.395  1.00 56.22  ? 144 THR A C   1 
ATOM   1169 O  O   . THR A 1 144 ? 13.178  -3.134  -1.957  1.00 56.15  ? 144 THR A O   1 
ATOM   1170 C  CB  . THR A 1 144 ? 12.922  -4.875  -0.083  1.00 70.92  ? 144 THR A CB  1 
ATOM   1171 O  OG1 . THR A 1 144 ? 12.876  -5.728  -1.236  1.00 70.88  ? 144 THR A OG1 1 
ATOM   1172 C  CG2 . THR A 1 144 ? 12.788  -5.719  1.176   1.00 70.51  ? 144 THR A CG2 1 
ATOM   1173 N  N   . ASP A 1 145 ? 11.156  -2.183  -1.819  1.00 65.66  ? 145 ASP A N   1 
ATOM   1174 C  CA  . ASP A 1 145 ? 11.431  -1.358  -2.988  1.00 65.19  ? 145 ASP A CA  1 
ATOM   1175 C  C   . ASP A 1 145 ? 10.499  -0.166  -3.162  1.00 64.72  ? 145 ASP A C   1 
ATOM   1176 O  O   . ASP A 1 145 ? 10.533  0.519   -4.189  1.00 62.93  ? 145 ASP A O   1 
ATOM   1177 C  CB  . ASP A 1 145 ? 11.416  -2.229  -4.241  1.00 80.04  ? 145 ASP A CB  1 
ATOM   1178 C  CG  . ASP A 1 145 ? 12.645  -2.029  -5.099  1.00 80.17  ? 145 ASP A CG  1 
ATOM   1179 O  OD1 . ASP A 1 145 ? 13.784  -2.192  -4.586  1.00 79.39  ? 145 ASP A OD1 1 
ATOM   1180 O  OD2 . ASP A 1 145 ? 12.465  -1.713  -6.292  1.00 81.10  ? 145 ASP A OD2 1 
ATOM   1181 N  N   . LEU A 1 146 ? 9.675   0.081   -2.147  1.00 85.87  ? 146 LEU A N   1 
ATOM   1182 C  CA  . LEU A 1 146 ? 8.744   1.194   -2.174  1.00 85.84  ? 146 LEU A CA  1 
ATOM   1183 C  C   . LEU A 1 146 ? 9.326   2.405   -1.453  1.00 84.82  ? 146 LEU A C   1 
ATOM   1184 O  O   . LEU A 1 146 ? 9.623   3.413   -2.085  1.00 85.22  ? 146 LEU A O   1 
ATOM   1185 C  CB  . LEU A 1 146 ? 7.408   0.817   -1.517  1.00 78.09  ? 146 LEU A CB  1 
ATOM   1186 C  CG  . LEU A 1 146 ? 6.524   -0.284  -2.097  1.00 79.42  ? 146 LEU A CG  1 
ATOM   1187 C  CD1 . LEU A 1 146 ? 7.241   -1.618  -1.989  1.00 80.01  ? 146 LEU A CD1 1 
ATOM   1188 C  CD2 . LEU A 1 146 ? 5.196   -0.325  -1.336  1.00 80.00  ? 146 LEU A CD2 1 
ATOM   1189 N  N   . PRO A 1 147 ? 9.535   2.308   -0.124  1.00 64.70  ? 147 PRO A N   1 
ATOM   1190 C  CA  . PRO A 1 147 ? 10.077  3.427   0.653   1.00 64.11  ? 147 PRO A CA  1 
ATOM   1191 C  C   . PRO A 1 147 ? 11.113  4.318   -0.035  1.00 63.98  ? 147 PRO A C   1 
ATOM   1192 O  O   . PRO A 1 147 ? 11.106  5.537   0.139   1.00 63.80  ? 147 PRO A O   1 
ATOM   1193 C  CB  . PRO A 1 147 ? 10.626  2.737   1.899   1.00 62.65  ? 147 PRO A CB  1 
ATOM   1194 C  CG  . PRO A 1 147 ? 9.649   1.647   2.108   1.00 62.26  ? 147 PRO A CG  1 
ATOM   1195 C  CD  . PRO A 1 147 ? 9.500   1.090   0.707   1.00 63.21  ? 147 PRO A CD  1 
ATOM   1196 N  N   . PRO A 1 148 ? 12.012  3.725   -0.827  1.00 66.56  ? 148 PRO A N   1 
ATOM   1197 C  CA  . PRO A 1 148 ? 13.038  4.507   -1.517  1.00 66.80  ? 148 PRO A CA  1 
ATOM   1198 C  C   . PRO A 1 148 ? 12.567  5.743   -2.281  1.00 67.16  ? 148 PRO A C   1 
ATOM   1199 O  O   . PRO A 1 148 ? 13.346  6.677   -2.470  1.00 68.54  ? 148 PRO A O   1 
ATOM   1200 C  CB  . PRO A 1 148 ? 13.690  3.475   -2.416  1.00 69.04  ? 148 PRO A CB  1 
ATOM   1201 C  CG  . PRO A 1 148 ? 13.660  2.254   -1.544  1.00 69.94  ? 148 PRO A CG  1 
ATOM   1202 C  CD  . PRO A 1 148 ? 12.250  2.282   -1.006  1.00 68.84  ? 148 PRO A CD  1 
ATOM   1203 N  N   . LEU A 1 149 ? 11.314  5.757   -2.728  1.00 58.06  ? 149 LEU A N   1 
ATOM   1204 C  CA  . LEU A 1 149 ? 10.784  6.914   -3.457  1.00 57.28  ? 149 LEU A CA  1 
ATOM   1205 C  C   . LEU A 1 149 ? 10.250  7.866   -2.420  1.00 57.07  ? 149 LEU A C   1 
ATOM   1206 O  O   . LEU A 1 149 ? 10.651  9.026   -2.360  1.00 57.54  ? 149 LEU A O   1 
ATOM   1207 C  CB  . LEU A 1 149 ? 9.627   6.526   -4.363  1.00 73.02  ? 149 LEU A CB  1 
ATOM   1208 C  CG  . LEU A 1 149 ? 9.728   5.246   -5.181  1.00 74.10  ? 149 LEU A CG  1 
ATOM   1209 C  CD1 . LEU A 1 149 ? 8.513   5.145   -6.076  1.00 73.71  ? 149 LEU A CD1 1 
ATOM   1210 C  CD2 . LEU A 1 149 ? 10.999  5.251   -6.008  1.00 74.62  ? 149 LEU A CD2 1 
ATOM   1211 N  N   . PHE A 1 150 ? 9.321   7.358   -1.616  1.00 77.29  ? 150 PHE A N   1 
ATOM   1212 C  CA  . PHE A 1 150 ? 8.722   8.139   -0.547  1.00 76.99  ? 150 PHE A CA  1 
ATOM   1213 C  C   . PHE A 1 150 ? 9.850   9.024   -0.037  1.00 77.05  ? 150 PHE A C   1 
ATOM   1214 O  O   . PHE A 1 150 ? 9.732   10.247  0.050   1.00 77.64  ? 150 PHE A O   1 
ATOM   1215 C  CB  . PHE A 1 150 ? 8.281   7.234   0.613   1.00 68.01  ? 150 PHE A CB  1 
ATOM   1216 C  CG  . PHE A 1 150 ? 7.222   6.217   0.260   1.00 67.72  ? 150 PHE A CG  1 
ATOM   1217 C  CD1 . PHE A 1 150 ? 7.080   5.734   -1.037  1.00 66.64  ? 150 PHE A CD1 1 
ATOM   1218 C  CD2 . PHE A 1 150 ? 6.405   5.687   1.264   1.00 67.43  ? 150 PHE A CD2 1 
ATOM   1219 C  CE1 . PHE A 1 150 ? 6.146   4.740   -1.324  1.00 66.92  ? 150 PHE A CE1 1 
ATOM   1220 C  CE2 . PHE A 1 150 ? 5.468   4.690   0.984   1.00 66.61  ? 150 PHE A CE2 1 
ATOM   1221 C  CZ  . PHE A 1 150 ? 5.340   4.218   -0.311  1.00 66.89  ? 150 PHE A CZ  1 
ATOM   1222 N  N   . GLU A 1 151 ? 10.964  8.369   0.260   1.00 66.44  ? 151 GLU A N   1 
ATOM   1223 C  CA  . GLU A 1 151 ? 12.131  9.025   0.799   1.00 66.53  ? 151 GLU A CA  1 
ATOM   1224 C  C   . GLU A 1 151 ? 12.717  10.144  -0.045  1.00 65.89  ? 151 GLU A C   1 
ATOM   1225 O  O   . GLU A 1 151 ? 13.358  11.041  0.498   1.00 66.78  ? 151 GLU A O   1 
ATOM   1226 C  CB  . GLU A 1 151 ? 13.205  7.985   1.098   1.00 93.31  ? 151 GLU A CB  1 
ATOM   1227 C  CG  . GLU A 1 151 ? 13.989  8.300   2.350   1.00 97.14  ? 151 GLU A CG  1 
ATOM   1228 C  CD  . GLU A 1 151 ? 13.117  8.334   3.608   1.00 99.42  ? 151 GLU A CD  1 
ATOM   1229 O  OE1 . GLU A 1 151 ? 13.619  8.807   4.655   1.00 100.42 ? 151 GLU A OE1 1 
ATOM   1230 O  OE2 . GLU A 1 151 ? 11.942  7.884   3.556   1.00 100.46 ? 151 GLU A OE2 1 
ATOM   1231 N  N   . SER A 1 152 ? 12.502  10.109  -1.358  1.00 49.46  ? 152 SER A N   1 
ATOM   1232 C  CA  . SER A 1 152 ? 13.046  11.152  -2.231  1.00 48.27  ? 152 SER A CA  1 
ATOM   1233 C  C   . SER A 1 152 ? 12.005  12.201  -2.620  1.00 47.30  ? 152 SER A C   1 
ATOM   1234 O  O   . SER A 1 152 ? 12.272  13.093  -3.431  1.00 46.55  ? 152 SER A O   1 
ATOM   1235 C  CB  . SER A 1 152 ? 13.635  10.535  -3.493  1.00 80.91  ? 152 SER A CB  1 
ATOM   1236 O  OG  . SER A 1 152 ? 12.598  10.096  -4.345  1.00 82.75  ? 152 SER A OG  1 
ATOM   1237 N  N   . PHE A 1 153 ? 10.815  12.075  -2.045  1.00 73.92  ? 153 PHE A N   1 
ATOM   1238 C  CA  . PHE A 1 153 ? 9.728   13.016  -2.288  1.00 73.19  ? 153 PHE A CA  1 
ATOM   1239 C  C   . PHE A 1 153 ? 9.543   13.811  -1.004  1.00 73.59  ? 153 PHE A C   1 
ATOM   1240 O  O   . PHE A 1 153 ? 9.444   15.041  -1.019  1.00 74.37  ? 153 PHE A O   1 
ATOM   1241 C  CB  . PHE A 1 153 ? 8.447   12.266  -2.639  1.00 57.06  ? 153 PHE A CB  1 
ATOM   1242 C  CG  . PHE A 1 153 ? 7.197   13.088  -2.501  1.00 55.48  ? 153 PHE A CG  1 
ATOM   1243 C  CD1 . PHE A 1 153 ? 6.500   13.119  -1.298  1.00 55.11  ? 153 PHE A CD1 1 
ATOM   1244 C  CD2 . PHE A 1 153 ? 6.691   13.798  -3.586  1.00 54.13  ? 153 PHE A CD2 1 
ATOM   1245 C  CE1 . PHE A 1 153 ? 5.315   13.842  -1.184  1.00 54.72  ? 153 PHE A CE1 1 
ATOM   1246 C  CE2 . PHE A 1 153 ? 5.507   14.521  -3.480  1.00 52.50  ? 153 PHE A CE2 1 
ATOM   1247 C  CZ  . PHE A 1 153 ? 4.819   14.542  -2.280  1.00 53.08  ? 153 PHE A CZ  1 
ATOM   1248 N  N   . TYR A 1 154 ? 9.504   13.093  0.112   1.00 54.74  ? 154 TYR A N   1 
ATOM   1249 C  CA  . TYR A 1 154 ? 9.361   13.730  1.410   1.00 54.54  ? 154 TYR A CA  1 
ATOM   1250 C  C   . TYR A 1 154 ? 10.578  14.632  1.615   1.00 54.16  ? 154 TYR A C   1 
ATOM   1251 O  O   . TYR A 1 154 ? 10.595  15.494  2.501   1.00 53.66  ? 154 TYR A O   1 
ATOM   1252 C  CB  . TYR A 1 154 ? 9.329   12.679  2.525   1.00 69.69  ? 154 TYR A CB  1 
ATOM   1253 C  CG  . TYR A 1 154 ? 8.168   11.699  2.497   1.00 68.55  ? 154 TYR A CG  1 
ATOM   1254 C  CD1 . TYR A 1 154 ? 6.861   12.128  2.265   1.00 68.20  ? 154 TYR A CD1 1 
ATOM   1255 C  CD2 . TYR A 1 154 ? 8.372   10.355  2.810   1.00 68.62  ? 154 TYR A CD2 1 
ATOM   1256 C  CE1 . TYR A 1 154 ? 5.783   11.237  2.354   1.00 69.17  ? 154 TYR A CE1 1 
ATOM   1257 C  CE2 . TYR A 1 154 ? 7.308   9.455   2.904   1.00 68.52  ? 154 TYR A CE2 1 
ATOM   1258 C  CZ  . TYR A 1 154 ? 6.016   9.896   2.681   1.00 69.42  ? 154 TYR A CZ  1 
ATOM   1259 O  OH  . TYR A 1 154 ? 4.967   9.001   2.810   1.00 67.74  ? 154 TYR A OH  1 
ATOM   1260 N  N   . ALA A 1 155 ? 11.590  14.419  0.775   1.00 56.83  ? 155 ALA A N   1 
ATOM   1261 C  CA  . ALA A 1 155 ? 12.841  15.167  0.851   1.00 57.83  ? 155 ALA A CA  1 
ATOM   1262 C  C   . ALA A 1 155 ? 13.031  16.202  -0.257  1.00 57.83  ? 155 ALA A C   1 
ATOM   1263 O  O   . ALA A 1 155 ? 14.079  16.859  -0.342  1.00 56.85  ? 155 ALA A O   1 
ATOM   1264 C  CB  . ALA A 1 155 ? 14.006  14.189  0.848   1.00 70.47  ? 155 ALA A CB  1 
ATOM   1265 N  N   . SER A 1 156 ? 12.020  16.353  -1.102  1.00 52.97  ? 156 SER A N   1 
ATOM   1266 C  CA  . SER A 1 156 ? 12.113  17.309  -2.191  1.00 53.74  ? 156 SER A CA  1 
ATOM   1267 C  C   . SER A 1 156 ? 10.926  18.247  -2.254  1.00 53.55  ? 156 SER A C   1 
ATOM   1268 O  O   . SER A 1 156 ? 9.832   17.846  -2.642  1.00 54.00  ? 156 SER A O   1 
ATOM   1269 C  CB  . SER A 1 156 ? 12.237  16.579  -3.523  1.00 89.87  ? 156 SER A CB  1 
ATOM   1270 O  OG  . SER A 1 156 ? 12.273  17.508  -4.593  1.00 91.45  ? 156 SER A OG  1 
ATOM   1271 N  N   . GLU A 1 157 ? 11.150  19.504  -1.890  1.00 44.55  ? 157 GLU A N   1 
ATOM   1272 C  CA  . GLU A 1 157 ? 10.084  20.488  -1.919  1.00 44.72  ? 157 GLU A CA  1 
ATOM   1273 C  C   . GLU A 1 157 ? 9.580   20.640  -3.353  1.00 44.92  ? 157 GLU A C   1 
ATOM   1274 O  O   . GLU A 1 157 ? 8.377   20.714  -3.586  1.00 44.53  ? 157 GLU A O   1 
ATOM   1275 C  CB  . GLU A 1 157 ? 10.593  21.820  -1.375  1.00 84.73  ? 157 GLU A CB  1 
ATOM   1276 C  CG  . GLU A 1 157 ? 11.561  21.647  -0.205  1.00 88.35  ? 157 GLU A CG  1 
ATOM   1277 C  CD  . GLU A 1 157 ? 11.394  22.687  0.909   1.00 90.11  ? 157 GLU A CD  1 
ATOM   1278 O  OE1 . GLU A 1 157 ? 11.363  23.908  0.611   1.00 90.37  ? 157 GLU A OE1 1 
ATOM   1279 O  OE2 . GLU A 1 157 ? 11.312  22.271  2.092   1.00 91.19  ? 157 GLU A OE2 1 
ATOM   1280 N  N   . ASP A 1 158 ? 10.508  20.654  -4.310  1.00 70.01  ? 158 ASP A N   1 
ATOM   1281 C  CA  . ASP A 1 158 ? 10.190  20.797  -5.734  1.00 69.79  ? 158 ASP A CA  1 
ATOM   1282 C  C   . ASP A 1 158 ? 9.047   19.896  -6.170  1.00 68.74  ? 158 ASP A C   1 
ATOM   1283 O  O   . ASP A 1 158 ? 8.175   20.299  -6.943  1.00 68.16  ? 158 ASP A O   1 
ATOM   1284 C  CB  . ASP A 1 158 ? 11.400  20.445  -6.610  1.00 101.64 ? 158 ASP A CB  1 
ATOM   1285 C  CG  . ASP A 1 158 ? 12.653  21.209  -6.230  1.00 104.15 ? 158 ASP A CG  1 
ATOM   1286 O  OD1 . ASP A 1 158 ? 13.348  20.807  -5.267  1.00 106.13 ? 158 ASP A OD1 1 
ATOM   1287 O  OD2 . ASP A 1 158 ? 12.943  22.218  -6.907  1.00 105.97 ? 158 ASP A OD2 1 
ATOM   1288 N  N   . LYS A 1 159 ? 9.066   18.661  -5.687  1.00 46.62  ? 159 LYS A N   1 
ATOM   1289 C  CA  . LYS A 1 159 ? 8.044   17.704  -6.054  1.00 45.26  ? 159 LYS A CA  1 
ATOM   1290 C  C   . LYS A 1 159 ? 6.765   17.903  -5.275  1.00 43.85  ? 159 LYS A C   1 
ATOM   1291 O  O   . LYS A 1 159 ? 5.689   17.924  -5.857  1.00 43.51  ? 159 LYS A O   1 
ATOM   1292 C  CB  . LYS A 1 159 ? 8.576   16.284  -5.866  1.00 71.63  ? 159 LYS A CB  1 
ATOM   1293 C  CG  . LYS A 1 159 ? 9.652   15.910  -6.888  1.00 73.27  ? 159 LYS A CG  1 
ATOM   1294 C  CD  . LYS A 1 159 ? 10.412  14.647  -6.501  1.00 74.37  ? 159 LYS A CD  1 
ATOM   1295 C  CE  . LYS A 1 159 ? 11.336  14.172  -7.623  1.00 74.37  ? 159 LYS A CE  1 
ATOM   1296 N  NZ  . LYS A 1 159 ? 12.350  15.179  -8.022  1.00 74.06  ? 159 LYS A NZ  1 
ATOM   1297 N  N   . ARG A 1 160 ? 6.885   18.073  -3.963  1.00 61.13  ? 160 ARG A N   1 
ATOM   1298 C  CA  . ARG A 1 160 ? 5.718   18.260  -3.100  1.00 59.77  ? 160 ARG A CA  1 
ATOM   1299 C  C   . ARG A 1 160 ? 5.016   19.595  -3.341  1.00 59.45  ? 160 ARG A C   1 
ATOM   1300 O  O   . ARG A 1 160 ? 4.161   20.001  -2.550  1.00 60.36  ? 160 ARG A O   1 
ATOM   1301 C  CB  . ARG A 1 160 ? 6.128   18.176  -1.624  1.00 44.39  ? 160 ARG A CB  1 
ATOM   1302 C  CG  . ARG A 1 160 ? 6.982   16.974  -1.269  1.00 43.03  ? 160 ARG A CG  1 
ATOM   1303 C  CD  . ARG A 1 160 ? 6.899   16.675  0.209   1.00 41.93  ? 160 ARG A CD  1 
ATOM   1304 N  NE  . ARG A 1 160 ? 7.390   17.764  1.042   1.00 40.87  ? 160 ARG A NE  1 
ATOM   1305 C  CZ  . ARG A 1 160 ? 8.674   18.042  1.225   1.00 41.13  ? 160 ARG A CZ  1 
ATOM   1306 N  NH1 . ARG A 1 160 ? 9.606   17.308  0.628   1.00 39.88  ? 160 ARG A NH1 1 
ATOM   1307 N  NH2 . ARG A 1 160 ? 9.027   19.042  2.026   1.00 41.51  ? 160 ARG A NH2 1 
ATOM   1308 N  N   . ARG A 1 161 ? 5.375   20.263  -4.436  1.00 42.89  ? 161 ARG A N   1 
ATOM   1309 C  CA  . ARG A 1 161 ? 4.830   21.569  -4.809  1.00 42.32  ? 161 ARG A CA  1 
ATOM   1310 C  C   . ARG A 1 161 ? 3.606   21.463  -5.718  1.00 41.90  ? 161 ARG A C   1 
ATOM   1311 O  O   . ARG A 1 161 ? 3.727   21.037  -6.858  1.00 42.41  ? 161 ARG A O   1 
ATOM   1312 C  CB  . ARG A 1 161 ? 5.927   22.366  -5.518  1.00 62.90  ? 161 ARG A CB  1 
ATOM   1313 C  CG  . ARG A 1 161 ? 5.551   23.770  -5.943  1.00 64.48  ? 161 ARG A CG  1 
ATOM   1314 C  CD  . ARG A 1 161 ? 6.317   24.802  -5.137  1.00 65.78  ? 161 ARG A CD  1 
ATOM   1315 N  NE  . ARG A 1 161 ? 7.752   24.730  -5.381  1.00 68.38  ? 161 ARG A NE  1 
ATOM   1316 C  CZ  . ARG A 1 161 ? 8.665   25.357  -4.644  1.00 70.77  ? 161 ARG A CZ  1 
ATOM   1317 N  NH1 . ARG A 1 161 ? 8.284   26.099  -3.615  1.00 71.83  ? 161 ARG A NH1 1 
ATOM   1318 N  NH2 . ARG A 1 161 ? 9.960   25.244  -4.927  1.00 71.95  ? 161 ARG A NH2 1 
ATOM   1319 N  N   . CYS A 1 162 ? 2.434   21.866  -5.226  1.00 48.95  ? 162 CYS A N   1 
ATOM   1320 C  CA  . CYS A 1 162 ? 1.201   21.794  -6.019  1.00 50.25  ? 162 CYS A CA  1 
ATOM   1321 C  C   . CYS A 1 162 ? 1.253   22.638  -7.286  1.00 52.79  ? 162 CYS A C   1 
ATOM   1322 O  O   . CYS A 1 162 ? 1.264   23.864  -7.230  1.00 52.99  ? 162 CYS A O   1 
ATOM   1323 C  CB  . CYS A 1 162 ? -0.016  22.224  -5.186  1.00 39.96  ? 162 CYS A CB  1 
ATOM   1324 S  SG  . CYS A 1 162 ? -1.599  22.225  -6.105  1.00 34.67  ? 162 CYS A SG  1 
ATOM   1325 N  N   . PRO A 1 163 ? 1.270   21.983  -8.454  1.00 54.22  ? 163 PRO A N   1 
ATOM   1326 C  CA  . PRO A 1 163 ? 1.321   22.653  -9.755  1.00 56.72  ? 163 PRO A CA  1 
ATOM   1327 C  C   . PRO A 1 163 ? 0.053   23.427  -10.117 1.00 58.67  ? 163 PRO A C   1 
ATOM   1328 O  O   . PRO A 1 163 ? -0.097  23.902  -11.241 1.00 59.75  ? 163 PRO A O   1 
ATOM   1329 C  CB  . PRO A 1 163 ? 1.602   21.502  -10.715 1.00 112.00 ? 163 PRO A CB  1 
ATOM   1330 C  CG  . PRO A 1 163 ? 0.893   20.359  -10.065 1.00 112.16 ? 163 PRO A CG  1 
ATOM   1331 C  CD  . PRO A 1 163 ? 1.286   20.520  -8.619  1.00 110.38 ? 163 PRO A CD  1 
ATOM   1332 N  N   . HIS A 1 164 ? -0.862  23.536  -9.165  1.00 83.11  ? 164 HIS A N   1 
ATOM   1333 C  CA  . HIS A 1 164 ? -2.098  24.272  -9.364  1.00 84.59  ? 164 HIS A CA  1 
ATOM   1334 C  C   . HIS A 1 164 ? -2.295  25.430  -8.393  1.00 83.72  ? 164 HIS A C   1 
ATOM   1335 O  O   . HIS A 1 164 ? -2.794  26.483  -8.781  1.00 84.24  ? 164 HIS A O   1 
ATOM   1336 C  CB  . HIS A 1 164 ? -3.285  23.312  -9.281  1.00 98.83  ? 164 HIS A CB  1 
ATOM   1337 C  CG  . HIS A 1 164 ? -4.574  23.907  -9.753  1.00 101.78 ? 164 HIS A CG  1 
ATOM   1338 N  ND1 . HIS A 1 164 ? -5.323  24.769  -8.983  1.00 102.24 ? 164 HIS A ND1 1 
ATOM   1339 C  CD2 . HIS A 1 164 ? -5.234  23.780  -10.929 1.00 102.93 ? 164 HIS A CD2 1 
ATOM   1340 C  CE1 . HIS A 1 164 ? -6.391  25.146  -9.662  1.00 103.49 ? 164 HIS A CE1 1 
ATOM   1341 N  NE2 . HIS A 1 164 ? -6.360  24.560  -10.846 1.00 103.33 ? 164 HIS A NE2 1 
ATOM   1342 N  N   . CYS A 1 165 ? -1.909  25.246  -7.136  1.00 71.62  ? 165 CYS A N   1 
ATOM   1343 C  CA  . CYS A 1 165 ? -2.076  26.315  -6.164  1.00 69.55  ? 165 CYS A CA  1 
ATOM   1344 C  C   . CYS A 1 165 ? -0.780  26.632  -5.425  1.00 70.89  ? 165 CYS A C   1 
ATOM   1345 O  O   . CYS A 1 165 ? -0.761  27.475  -4.530  1.00 71.19  ? 165 CYS A O   1 
ATOM   1346 C  CB  . CYS A 1 165 ? -3.185  25.963  -5.168  1.00 51.13  ? 165 CYS A CB  1 
ATOM   1347 S  SG  . CYS A 1 165 ? -2.684  24.880  -3.832  1.00 44.54  ? 165 CYS A SG  1 
ATOM   1348 N  N   . GLY A 1 166 ? 0.257   25.832  -5.654  1.00 86.78  ? 166 GLY A N   1 
ATOM   1349 C  CA  . GLY A 1 166 ? 1.518   26.056  -4.956  1.00 88.57  ? 166 GLY A CA  1 
ATOM   1350 C  C   . GLY A 1 166 ? 1.684   25.601  -3.495  1.00 89.80  ? 166 GLY A C   1 
ATOM   1351 O  O   . GLY A 1 166 ? 2.812   25.571  -3.000  1.00 90.95  ? 166 GLY A O   1 
ATOM   1352 N  N   . GLN A 1 167 ? 0.607   25.266  -2.782  1.00 103.69 ? 167 GLN A N   1 
ATOM   1353 C  CA  . GLN A 1 167 ? 0.755   24.817  -1.387  1.00 103.39 ? 167 GLN A CA  1 
ATOM   1354 C  C   . GLN A 1 167 ? 1.615   23.552  -1.368  1.00 104.57 ? 167 GLN A C   1 
ATOM   1355 O  O   . GLN A 1 167 ? 1.340   22.595  -2.100  1.00 105.82 ? 167 GLN A O   1 
ATOM   1356 C  CB  . GLN A 1 167 ? -0.627  24.537  -0.741  1.00 61.70  ? 167 GLN A CB  1 
ATOM   1357 C  CG  . GLN A 1 167 ? -0.642  23.554  0.464   1.00 57.73  ? 167 GLN A CG  1 
ATOM   1358 C  CD  . GLN A 1 167 ? -0.160  24.145  1.790   1.00 55.94  ? 167 GLN A CD  1 
ATOM   1359 O  OE1 . GLN A 1 167 ? 0.042   23.415  2.765   1.00 53.02  ? 167 GLN A OE1 1 
ATOM   1360 N  NE2 . GLN A 1 167 ? 0.008   25.464  1.836   1.00 54.89  ? 167 GLN A NE2 1 
ATOM   1361 N  N   . VAL A 1 168 ? 2.660   23.558  -0.539  1.00 85.94  ? 168 VAL A N   1 
ATOM   1362 C  CA  . VAL A 1 168 ? 3.564   22.417  -0.414  1.00 85.43  ? 168 VAL A CA  1 
ATOM   1363 C  C   . VAL A 1 168 ? 2.970   21.296  0.424   1.00 85.61  ? 168 VAL A C   1 
ATOM   1364 O  O   . VAL A 1 168 ? 2.388   21.536  1.485   1.00 86.66  ? 168 VAL A O   1 
ATOM   1365 C  CB  . VAL A 1 168 ? 4.886   22.836  0.230   1.00 70.16  ? 168 VAL A CB  1 
ATOM   1366 C  CG1 . VAL A 1 168 ? 5.678   21.611  0.657   1.00 70.45  ? 168 VAL A CG1 1 
ATOM   1367 C  CG2 . VAL A 1 168 ? 5.681   23.658  -0.750  1.00 71.17  ? 168 VAL A CG2 1 
ATOM   1368 N  N   . HIS A 1 169 ? 3.132   20.067  -0.051  1.00 38.12  ? 169 HIS A N   1 
ATOM   1369 C  CA  . HIS A 1 169 ? 2.611   18.919  0.662   1.00 37.96  ? 169 HIS A CA  1 
ATOM   1370 C  C   . HIS A 1 169 ? 3.473   18.573  1.862   1.00 38.24  ? 169 HIS A C   1 
ATOM   1371 O  O   . HIS A 1 169 ? 4.678   18.374  1.742   1.00 38.00  ? 169 HIS A O   1 
ATOM   1372 C  CB  . HIS A 1 169 ? 2.520   17.721  -0.276  1.00 75.80  ? 169 HIS A CB  1 
ATOM   1373 C  CG  . HIS A 1 169 ? 1.976   16.481  0.369   1.00 75.72  ? 169 HIS A CG  1 
ATOM   1374 N  ND1 . HIS A 1 169 ? 1.484   15.422  -0.362  1.00 75.27  ? 169 HIS A ND1 1 
ATOM   1375 C  CD2 . HIS A 1 169 ? 1.855   16.128  1.671   1.00 75.40  ? 169 HIS A CD2 1 
ATOM   1376 C  CE1 . HIS A 1 169 ? 1.080   14.472  0.461   1.00 76.30  ? 169 HIS A CE1 1 
ATOM   1377 N  NE2 . HIS A 1 169 ? 1.295   14.876  1.700   1.00 76.26  ? 169 HIS A NE2 1 
ATOM   1378 N  N   . PRO A 1 170 ? 2.865   18.348  3.091   1.00 47.94  ? 170 PRO A N   1 
ATOM   1379 C  CA  . PRO A 1 170 ? 3.601   18.079  4.398   1.00 50.21  ? 170 PRO A CA  1 
ATOM   1380 C  C   . PRO A 1 170 ? 4.790   17.120  4.392   1.00 52.43  ? 170 PRO A C   1 
ATOM   1381 O  O   . PRO A 1 170 ? 5.844   17.362  4.964   1.00 52.01  ? 170 PRO A O   1 
ATOM   1382 C  CB  . PRO A 1 170 ? 2.461   17.796  5.349   1.00 79.94  ? 170 PRO A CB  1 
ATOM   1383 C  CG  . PRO A 1 170 ? 1.428   18.777  4.843   1.00 78.08  ? 170 PRO A CG  1 
ATOM   1384 C  CD  . PRO A 1 170 ? 1.609   18.991  3.371   1.00 77.50  ? 170 PRO A CD  1 
ATOM   1385 N  N   . GLY A 1 171 ? 4.520   16.038  3.666   1.00 101.08 ? 171 GLY A N   1 
ATOM   1386 C  CA  . GLY A 1 171 ? 5.375   14.946  3.323   1.00 106.15 ? 171 GLY A CA  1 
ATOM   1387 C  C   . GLY A 1 171 ? 5.349   13.831  4.299   1.00 109.74 ? 171 GLY A C   1 
ATOM   1388 O  O   . GLY A 1 171 ? 4.321   13.283  4.687   1.00 110.07 ? 171 GLY A O   1 
ATOM   1389 N  N   . ARG A 1 172 ? 6.618   13.533  4.715   1.00 150.97 ? 172 ARG A N   1 
ATOM   1390 C  CA  . ARG A 1 172 ? 6.978   12.485  5.653   1.00 153.60 ? 172 ARG A CA  1 
ATOM   1391 C  C   . ARG A 1 172 ? 6.299   12.669  6.986   1.00 154.61 ? 172 ARG A C   1 
ATOM   1392 O  O   . ARG A 1 172 ? 6.558   11.911  7.929   1.00 155.36 ? 172 ARG A O   1 
ATOM   1393 C  CB  . ARG A 1 172 ? 8.494   12.396  5.875   1.00 118.16 ? 172 ARG A CB  1 
ATOM   1394 C  CG  . ARG A 1 172 ? 8.883   11.718  7.174   1.00 118.53 ? 172 ARG A CG  1 
ATOM   1395 C  CD  . ARG A 1 172 ? 10.302  11.144  7.136   1.00 118.65 ? 172 ARG A CD  1 
ATOM   1396 N  NE  . ARG A 1 172 ? 11.260  12.050  7.792   1.00 119.24 ? 172 ARG A NE  1 
ATOM   1397 C  CZ  . ARG A 1 172 ? 11.760  13.138  7.210   1.00 119.08 ? 172 ARG A CZ  1 
ATOM   1398 N  NH1 . ARG A 1 172 ? 11.398  13.469  5.978   1.00 119.15 ? 172 ARG A NH1 1 
ATOM   1399 N  NH2 . ARG A 1 172 ? 12.636  13.895  7.863   1.00 118.97 ? 172 ARG A NH2 1 
ATOM   1400 N  N   . ALA A 1 173 ? 5.449   13.618  7.042   1.00 130.25 ? 173 ALA A N   1 
ATOM   1401 C  CA  . ALA A 1 173 ? 4.615   13.837  8.206   1.00 130.38 ? 173 ALA A CA  1 
ATOM   1402 C  C   . ALA A 1 173 ? 3.514   14.707  7.706   1.00 130.39 ? 173 ALA A C   1 
ATOM   1403 O  O   . ALA A 1 173 ? 3.663   15.928  7.530   1.00 130.57 ? 173 ALA A O   1 
ATOM   1404 C  CB  . ALA A 1 173 ? 5.381   14.517  9.334   1.00 82.95  ? 173 ALA A CB  1 
ATOM   1405 N  N   . ALA A 1 174 ? 2.367   14.066  7.502   1.00 71.91  ? 174 ALA A N   1 
ATOM   1406 C  CA  . ALA A 1 174 ? 1.210   14.778  7.038   1.00 70.97  ? 174 ALA A CA  1 
ATOM   1407 C  C   . ALA A 1 174 ? 0.713   15.764  8.079   1.00 70.26  ? 174 ALA A C   1 
ATOM   1408 O  O   . ALA A 1 174 ? -0.475  15.782  8.395   1.00 69.65  ? 174 ALA A O   1 
ATOM   1409 C  CB  . ALA A 1 174 ? 0.108   13.794  6.663   1.00 96.34  ? 174 ALA A CB  1 
HETATM 1410 FE FE  . FE  B 2 .   ? -1.778  -1.278  -3.325  1.00 28.48  ? 300 FE  A FE  1 
HETATM 1411 FE FE  . FE  C 2 .   ? -3.142  22.574  -4.186  1.00 49.58  ? 301 FE  A FE  1 
HETATM 1412 C  C   . TRS D 3 .   ? 5.935   19.052  -10.313 1.00 85.71  ? 400 TRS A C   1 
HETATM 1413 C  C1  . TRS D 3 .   ? 7.144   18.490  -11.064 1.00 86.13  ? 400 TRS A C1  1 
HETATM 1414 C  C2  . TRS D 3 .   ? 5.853   20.544  -10.600 1.00 85.56  ? 400 TRS A C2  1 
HETATM 1415 C  C3  . TRS D 3 .   ? 4.758   18.200  -10.827 1.00 85.39  ? 400 TRS A C3  1 
HETATM 1416 N  N   . TRS D 3 .   ? 5.995   18.957  -8.845  1.00 85.24  ? 400 TRS A N   1 
HETATM 1417 O  O1  . TRS D 3 .   ? 7.677   17.251  -10.452 1.00 86.42  ? 400 TRS A O1  1 
HETATM 1418 O  O2  . TRS D 3 .   ? 6.976   21.296  -9.977  1.00 85.66  ? 400 TRS A O2  1 
HETATM 1419 O  O3  . TRS D 3 .   ? 4.588   18.214  -12.256 1.00 83.84  ? 400 TRS A O3  1 
HETATM 1420 O  O8  . 3HA E 4 .   ? -2.812  -1.841  1.198   1.00 81.05  ? 401 3HA A O8  1 
HETATM 1421 C  C7  . 3HA E 4 .   ? -1.664  -2.090  1.564   1.00 81.09  ? 401 3HA A C7  1 
HETATM 1422 O  O9  . 3HA E 4 .   ? -1.425  -2.158  2.768   1.00 78.80  ? 401 3HA A O9  1 
HETATM 1423 C  C2  . 3HA E 4 .   ? -0.550  -2.307  0.537   1.00 81.93  ? 401 3HA A C2  1 
HETATM 1424 C  C1  . 3HA E 4 .   ? 0.609   -2.978  0.915   1.00 83.17  ? 401 3HA A C1  1 
HETATM 1425 C  C6  . 3HA E 4 .   ? 1.613   -3.222  -0.017  1.00 84.24  ? 401 3HA A C6  1 
HETATM 1426 C  C5  . 3HA E 4 .   ? 1.458   -2.794  -1.332  1.00 83.82  ? 401 3HA A C5  1 
HETATM 1427 C  C4  . 3HA E 4 .   ? 0.301   -2.120  -1.711  1.00 82.52  ? 401 3HA A C4  1 
HETATM 1428 O  O11 . 3HA E 4 .   ? 0.153   -1.705  -2.998  1.00 82.09  ? 401 3HA A O11 1 
HETATM 1429 C  C3  . 3HA E 4 .   ? -0.702  -1.875  -0.778  1.00 82.00  ? 401 3HA A C3  1 
HETATM 1430 N  N10 . 3HA E 4 .   ? -1.794  -1.213  -1.147  1.00 82.31  ? 401 3HA A N10 1 
# 
